data_2KD0
#
_entry.id   2KD0
#
_entity_poly.entity_id   1
_entity_poly.type   'polypeptide(L)'
_entity_poly.pdbx_seq_one_letter_code
;MGHHHHHHSHSTIKLTVKFGGKSIPLSVSPDCTVKDLKSQLQPITNVLPRGQKLIFKGKVLVETSTLKQSDVGSGAKLML
MASQG
;
_entity_poly.pdbx_strand_id   A
#
# COMPACT_ATOMS: atom_id res chain seq x y z
N MET A 1 10.42 -29.14 -16.29
CA MET A 1 10.94 -27.76 -16.46
C MET A 1 11.19 -27.09 -15.09
N GLY A 2 12.33 -26.40 -14.96
CA GLY A 2 12.66 -25.71 -13.72
C GLY A 2 11.76 -24.50 -13.47
N HIS A 3 10.64 -24.72 -12.77
CA HIS A 3 9.70 -23.64 -12.45
C HIS A 3 10.36 -22.59 -11.55
N HIS A 4 10.29 -21.32 -11.96
CA HIS A 4 10.87 -20.22 -11.19
C HIS A 4 10.04 -19.91 -9.94
N HIS A 5 10.42 -20.49 -8.81
CA HIS A 5 9.61 -20.40 -7.58
C HIS A 5 9.78 -19.06 -6.84
N HIS A 6 10.52 -18.11 -7.43
CA HIS A 6 10.61 -16.76 -6.84
C HIS A 6 9.25 -16.05 -6.81
N HIS A 7 8.56 -15.99 -7.95
CA HIS A 7 7.22 -15.41 -8.02
C HIS A 7 6.13 -16.51 -7.98
N HIS A 8 6.00 -17.17 -6.83
CA HIS A 8 4.99 -18.20 -6.62
C HIS A 8 4.49 -18.20 -5.16
N SER A 9 3.40 -18.93 -4.90
CA SER A 9 2.86 -19.07 -3.53
C SER A 9 2.53 -17.70 -2.89
N HIS A 10 2.43 -16.67 -3.73
CA HIS A 10 2.12 -15.31 -3.25
C HIS A 10 0.61 -15.05 -3.27
N SER A 11 0.18 -13.96 -2.62
CA SER A 11 -1.24 -13.62 -2.56
C SER A 11 -1.42 -12.12 -2.31
N THR A 12 -2.67 -11.65 -2.38
CA THR A 12 -2.96 -10.23 -2.20
C THR A 12 -3.27 -9.89 -0.74
N ILE A 13 -2.39 -9.12 -0.10
CA ILE A 13 -2.58 -8.71 1.29
C ILE A 13 -3.47 -7.45 1.39
N LYS A 14 -4.20 -7.32 2.50
CA LYS A 14 -5.09 -6.17 2.71
C LYS A 14 -4.34 -4.93 3.22
N LEU A 15 -4.38 -3.85 2.43
CA LEU A 15 -3.78 -2.57 2.83
C LEU A 15 -4.84 -1.52 3.16
N THR A 16 -4.88 -1.06 4.41
CA THR A 16 -5.79 0.02 4.80
C THR A 16 -5.11 1.37 4.68
N VAL A 17 -5.27 2.01 3.53
CA VAL A 17 -4.61 3.30 3.23
C VAL A 17 -5.53 4.48 3.57
N LYS A 18 -5.08 5.34 4.48
CA LYS A 18 -5.90 6.48 4.93
C LYS A 18 -5.60 7.77 4.15
N PHE A 19 -6.53 8.16 3.27
CA PHE A 19 -6.48 9.48 2.63
C PHE A 19 -7.04 10.54 3.59
N GLY A 20 -6.25 10.89 4.61
CA GLY A 20 -6.68 11.85 5.61
C GLY A 20 -7.91 11.38 6.39
N GLY A 21 -9.09 11.57 5.80
CA GLY A 21 -10.34 11.14 6.43
C GLY A 21 -11.06 10.05 5.65
N LYS A 22 -10.39 9.46 4.66
CA LYS A 22 -10.97 8.37 3.85
C LYS A 22 -10.12 7.10 3.96
N SER A 23 -10.64 6.08 4.62
CA SER A 23 -9.94 4.78 4.72
C SER A 23 -10.24 3.90 3.50
N ILE A 24 -9.21 3.64 2.70
CA ILE A 24 -9.37 2.87 1.45
C ILE A 24 -8.78 1.45 1.60
N PRO A 25 -9.63 0.41 1.61
CA PRO A 25 -9.18 -1.00 1.66
C PRO A 25 -8.65 -1.49 0.30
N LEU A 26 -7.36 -1.85 0.27
CA LEU A 26 -6.71 -2.35 -0.96
C LEU A 26 -6.24 -3.80 -0.80
N SER A 27 -5.84 -4.40 -1.92
CA SER A 27 -5.26 -5.76 -1.90
C SER A 27 -4.20 -5.94 -3.00
N VAL A 28 -2.93 -5.95 -2.60
CA VAL A 28 -1.81 -6.07 -3.55
C VAL A 28 -0.85 -7.21 -3.17
N SER A 29 0.08 -7.52 -4.06
CA SER A 29 1.06 -8.60 -3.82
C SER A 29 2.37 -8.02 -3.25
N PRO A 30 3.07 -8.79 -2.38
CA PRO A 30 4.36 -8.36 -1.80
C PRO A 30 5.47 -8.18 -2.86
N ASP A 31 5.19 -8.59 -4.10
CA ASP A 31 6.11 -8.36 -5.22
C ASP A 31 6.19 -6.87 -5.59
N CYS A 32 5.11 -6.13 -5.34
CA CYS A 32 5.03 -4.71 -5.68
C CYS A 32 5.86 -3.84 -4.72
N THR A 33 6.23 -2.65 -5.19
CA THR A 33 6.91 -1.65 -4.35
C THR A 33 5.94 -0.55 -3.91
N VAL A 34 6.29 0.20 -2.87
CA VAL A 34 5.46 1.33 -2.46
C VAL A 34 5.37 2.40 -3.57
N LYS A 35 6.38 2.41 -4.44
CA LYS A 35 6.35 3.24 -5.65
C LYS A 35 5.31 2.70 -6.64
N ASP A 36 5.29 1.38 -6.81
CA ASP A 36 4.30 0.71 -7.65
C ASP A 36 2.88 1.07 -7.19
N LEU A 37 2.68 1.13 -5.87
CA LEU A 37 1.42 1.60 -5.28
C LEU A 37 1.09 3.03 -5.72
N LYS A 38 2.06 3.94 -5.64
CA LYS A 38 1.88 5.32 -6.10
C LYS A 38 1.35 5.34 -7.55
N SER A 39 1.94 4.49 -8.41
CA SER A 39 1.55 4.38 -9.82
C SER A 39 0.15 3.76 -9.99
N GLN A 40 -0.18 2.79 -9.13
CA GLN A 40 -1.52 2.15 -9.18
C GLN A 40 -2.63 3.11 -8.73
N LEU A 41 -2.39 3.81 -7.63
CA LEU A 41 -3.39 4.72 -7.04
C LEU A 41 -3.56 6.02 -7.85
N GLN A 42 -2.49 6.48 -8.52
CA GLN A 42 -2.53 7.77 -9.24
C GLN A 42 -3.74 7.89 -10.21
N PRO A 43 -3.99 6.92 -11.11
CA PRO A 43 -5.15 6.98 -12.04
C PRO A 43 -6.50 6.81 -11.32
N ILE A 44 -6.46 6.31 -10.09
CA ILE A 44 -7.67 6.06 -9.31
C ILE A 44 -8.08 7.28 -8.48
N THR A 45 -7.13 7.80 -7.70
CA THR A 45 -7.39 8.91 -6.78
C THR A 45 -7.03 10.28 -7.40
N ASN A 46 -6.20 10.25 -8.44
CA ASN A 46 -5.81 11.45 -9.20
C ASN A 46 -4.94 12.42 -8.38
N VAL A 47 -4.19 11.89 -7.41
CA VAL A 47 -3.25 12.69 -6.63
C VAL A 47 -1.78 12.36 -7.00
N LEU A 48 -0.94 13.40 -7.07
CA LEU A 48 0.47 13.25 -7.47
C LEU A 48 1.22 12.17 -6.64
N PRO A 49 1.95 11.26 -7.33
CA PRO A 49 2.71 10.18 -6.66
C PRO A 49 3.79 10.72 -5.71
N ARG A 50 4.34 11.89 -6.03
CA ARG A 50 5.32 12.56 -5.17
C ARG A 50 4.67 12.99 -3.84
N GLY A 51 3.42 13.43 -3.92
CA GLY A 51 2.67 13.86 -2.74
C GLY A 51 2.15 12.69 -1.91
N GLN A 52 1.90 11.56 -2.57
CA GLN A 52 1.44 10.35 -1.88
C GLN A 52 2.52 9.79 -0.93
N LYS A 53 2.60 10.35 0.27
CA LYS A 53 3.59 9.92 1.27
C LYS A 53 3.08 8.77 2.13
N LEU A 54 3.53 7.55 1.81
CA LEU A 54 3.18 6.35 2.59
C LEU A 54 3.99 6.27 3.88
N ILE A 55 3.31 6.29 5.03
CA ILE A 55 3.98 6.30 6.33
C ILE A 55 3.44 5.17 7.24
N PHE A 56 4.29 4.16 7.48
CA PHE A 56 3.93 3.01 8.32
C PHE A 56 4.99 2.79 9.42
N LYS A 57 4.55 2.37 10.61
CA LYS A 57 5.44 2.24 11.78
C LYS A 57 5.96 3.61 12.25
N GLY A 58 5.30 4.68 11.79
CA GLY A 58 5.84 6.02 11.95
C GLY A 58 7.07 6.26 11.09
N LYS A 59 7.19 5.45 10.05
CA LYS A 59 8.34 5.47 9.13
C LYS A 59 7.87 5.64 7.68
N VAL A 60 8.39 6.65 7.00
CA VAL A 60 8.05 6.88 5.59
C VAL A 60 8.76 5.84 4.69
N LEU A 61 8.03 5.25 3.76
CA LEU A 61 8.58 4.19 2.91
C LEU A 61 9.24 4.75 1.63
N VAL A 62 10.31 4.09 1.20
CA VAL A 62 11.11 4.55 0.05
C VAL A 62 10.70 3.82 -1.23
N GLU A 63 10.83 4.50 -2.37
CA GLU A 63 10.44 3.92 -3.68
C GLU A 63 10.97 2.49 -3.90
N THR A 64 12.16 2.20 -3.37
CA THR A 64 12.82 0.90 -3.57
C THR A 64 12.27 -0.21 -2.64
N SER A 65 11.55 0.18 -1.59
CA SER A 65 11.05 -0.78 -0.60
C SER A 65 9.72 -1.43 -1.04
N THR A 66 9.71 -2.76 -1.07
CA THR A 66 8.48 -3.53 -1.36
C THR A 66 7.62 -3.69 -0.10
N LEU A 67 6.39 -4.18 -0.27
CA LEU A 67 5.49 -4.41 0.88
C LEU A 67 6.19 -5.22 1.99
N LYS A 68 6.97 -6.21 1.58
CA LYS A 68 7.79 -7.00 2.51
C LYS A 68 8.87 -6.12 3.17
N GLN A 69 9.60 -5.38 2.34
CA GLN A 69 10.68 -4.50 2.83
C GLN A 69 10.13 -3.31 3.65
N SER A 70 8.83 -3.07 3.52
CA SER A 70 8.18 -1.96 4.23
C SER A 70 7.43 -2.44 5.48
N ASP A 71 7.68 -3.70 5.87
CA ASP A 71 7.06 -4.29 7.07
C ASP A 71 5.53 -4.41 6.95
N VAL A 72 5.00 -4.27 5.74
CA VAL A 72 3.55 -4.28 5.51
C VAL A 72 2.99 -5.71 5.42
N GLY A 73 1.81 -5.92 6.00
CA GLY A 73 1.13 -7.20 5.94
C GLY A 73 -0.39 -7.06 5.81
N SER A 74 -1.10 -8.17 5.67
CA SER A 74 -2.56 -8.14 5.52
C SER A 74 -3.23 -7.58 6.78
N GLY A 75 -3.79 -6.38 6.67
CA GLY A 75 -4.38 -5.70 7.83
C GLY A 75 -3.51 -4.55 8.33
N ALA A 76 -2.54 -4.14 7.52
CA ALA A 76 -1.64 -3.03 7.88
C ALA A 76 -2.32 -1.66 7.69
N LYS A 77 -2.21 -0.81 8.71
CA LYS A 77 -2.79 0.53 8.67
C LYS A 77 -1.79 1.55 8.11
N LEU A 78 -1.94 1.88 6.84
CA LEU A 78 -1.02 2.79 6.15
C LEU A 78 -1.51 4.25 6.18
N MET A 79 -0.79 5.12 6.88
CA MET A 79 -1.09 6.54 6.87
C MET A 79 -0.57 7.20 5.58
N LEU A 80 -1.45 7.82 4.82
CA LEU A 80 -1.07 8.48 3.57
C LEU A 80 -1.22 10.00 3.66
N MET A 81 -0.10 10.70 3.79
CA MET A 81 -0.11 12.17 3.83
C MET A 81 -0.33 12.74 2.43
N ALA A 82 -1.60 12.87 2.04
CA ALA A 82 -1.97 13.32 0.69
C ALA A 82 -2.93 14.52 0.76
N SER A 83 -3.46 14.93 -0.40
CA SER A 83 -4.38 16.07 -0.47
C SER A 83 -5.75 15.66 -1.01
N GLN A 84 -6.78 15.84 -0.19
CA GLN A 84 -8.18 15.61 -0.61
C GLN A 84 -8.81 16.93 -1.08
N GLY A 85 -8.13 18.04 -0.80
CA GLY A 85 -8.63 19.36 -1.19
C GLY A 85 -9.14 20.18 0.00
N MET A 1 8.87 -33.34 8.66
CA MET A 1 10.34 -33.41 8.40
C MET A 1 10.72 -32.67 7.10
N GLY A 2 12.02 -32.51 6.85
CA GLY A 2 12.48 -31.89 5.62
C GLY A 2 12.02 -30.43 5.46
N HIS A 3 12.81 -29.49 6.00
CA HIS A 3 12.47 -28.07 5.91
C HIS A 3 12.58 -27.54 4.46
N HIS A 4 11.48 -27.62 3.73
CA HIS A 4 11.43 -27.13 2.34
C HIS A 4 10.84 -25.71 2.28
N HIS A 5 11.42 -24.87 1.42
CA HIS A 5 11.00 -23.46 1.32
C HIS A 5 10.54 -23.09 -0.11
N HIS A 6 9.69 -22.09 -0.21
CA HIS A 6 9.25 -21.55 -1.51
C HIS A 6 9.28 -20.01 -1.49
N HIS A 7 8.72 -19.38 -2.51
CA HIS A 7 8.58 -17.92 -2.52
C HIS A 7 7.40 -17.48 -1.63
N HIS A 8 6.23 -18.13 -1.83
CA HIS A 8 5.10 -18.02 -0.89
C HIS A 8 4.49 -16.61 -0.78
N SER A 9 5.10 -15.62 -1.43
CA SER A 9 4.70 -14.21 -1.25
C SER A 9 3.62 -13.75 -2.24
N HIS A 10 3.43 -14.47 -3.35
CA HIS A 10 2.55 -13.99 -4.43
C HIS A 10 1.10 -13.73 -3.98
N SER A 11 0.71 -14.29 -2.83
CA SER A 11 -0.66 -14.08 -2.31
C SER A 11 -0.90 -12.60 -1.99
N THR A 12 -2.11 -12.11 -2.25
CA THR A 12 -2.42 -10.69 -2.11
C THR A 12 -2.82 -10.32 -0.69
N ILE A 13 -2.09 -9.36 -0.10
CA ILE A 13 -2.35 -8.88 1.25
C ILE A 13 -3.37 -7.73 1.26
N LYS A 14 -4.17 -7.67 2.32
CA LYS A 14 -5.21 -6.63 2.45
C LYS A 14 -4.66 -5.41 3.20
N LEU A 15 -4.74 -4.25 2.58
CA LEU A 15 -4.16 -3.01 3.15
C LEU A 15 -5.24 -1.97 3.47
N THR A 16 -5.09 -1.29 4.61
CA THR A 16 -5.98 -0.18 4.98
C THR A 16 -5.21 1.15 4.90
N VAL A 17 -5.44 1.91 3.83
CA VAL A 17 -4.73 3.18 3.64
C VAL A 17 -5.59 4.40 4.04
N LYS A 18 -5.07 5.22 4.94
CA LYS A 18 -5.73 6.46 5.36
C LYS A 18 -5.49 7.58 4.35
N PHE A 19 -6.35 7.67 3.34
CA PHE A 19 -6.25 8.73 2.33
C PHE A 19 -7.01 9.98 2.80
N GLY A 20 -6.37 10.80 3.65
CA GLY A 20 -6.99 12.02 4.15
C GLY A 20 -8.34 11.77 4.82
N GLY A 21 -8.37 10.85 5.78
CA GLY A 21 -9.62 10.49 6.46
C GLY A 21 -10.38 9.35 5.79
N LYS A 22 -10.07 9.08 4.52
CA LYS A 22 -10.74 8.02 3.75
C LYS A 22 -9.96 6.69 3.84
N SER A 23 -10.48 5.73 4.61
CA SER A 23 -9.84 4.41 4.73
C SER A 23 -10.19 3.50 3.56
N ILE A 24 -9.33 3.49 2.54
CA ILE A 24 -9.55 2.69 1.33
C ILE A 24 -9.01 1.26 1.50
N PRO A 25 -9.87 0.23 1.30
CA PRO A 25 -9.46 -1.18 1.41
C PRO A 25 -8.81 -1.72 0.12
N LEU A 26 -7.49 -1.95 0.17
CA LEU A 26 -6.74 -2.43 -1.01
C LEU A 26 -6.36 -3.91 -0.88
N SER A 27 -5.96 -4.52 -1.99
CA SER A 27 -5.47 -5.91 -2.00
C SER A 27 -4.41 -6.11 -3.08
N VAL A 28 -3.13 -6.13 -2.69
CA VAL A 28 -2.01 -6.25 -3.63
C VAL A 28 -0.99 -7.28 -3.16
N SER A 29 -0.06 -7.67 -4.05
CA SER A 29 1.00 -8.63 -3.69
C SER A 29 2.16 -7.92 -2.98
N PRO A 30 2.74 -8.54 -1.93
CA PRO A 30 3.86 -7.94 -1.19
C PRO A 30 5.15 -7.82 -2.00
N ASP A 31 5.16 -8.38 -3.22
CA ASP A 31 6.31 -8.28 -4.12
C ASP A 31 6.42 -6.88 -4.76
N CYS A 32 5.27 -6.21 -4.89
CA CYS A 32 5.25 -4.86 -5.45
C CYS A 32 5.90 -3.84 -4.51
N THR A 33 6.36 -2.73 -5.07
CA THR A 33 6.97 -1.65 -4.29
C THR A 33 5.93 -0.56 -3.97
N VAL A 34 6.19 0.24 -2.94
CA VAL A 34 5.30 1.37 -2.63
C VAL A 34 5.26 2.38 -3.79
N LYS A 35 6.31 2.40 -4.61
CA LYS A 35 6.34 3.22 -5.82
C LYS A 35 5.33 2.69 -6.84
N ASP A 36 5.27 1.35 -6.96
CA ASP A 36 4.32 0.69 -7.86
C ASP A 36 2.88 0.86 -7.35
N LEU A 37 2.73 1.14 -6.06
CA LEU A 37 1.43 1.46 -5.47
C LEU A 37 1.02 2.91 -5.77
N LYS A 38 1.95 3.84 -5.60
CA LYS A 38 1.67 5.26 -5.85
C LYS A 38 1.36 5.51 -7.34
N SER A 39 1.83 4.63 -8.21
CA SER A 39 1.48 4.68 -9.63
C SER A 39 0.08 4.14 -9.90
N GLN A 40 -0.45 3.36 -8.95
CA GLN A 40 -1.82 2.83 -9.04
C GLN A 40 -2.85 3.81 -8.45
N LEU A 41 -2.55 4.32 -7.25
CA LEU A 41 -3.44 5.29 -6.58
C LEU A 41 -3.59 6.60 -7.38
N GLN A 42 -2.57 6.94 -8.17
CA GLN A 42 -2.57 8.20 -8.94
C GLN A 42 -3.77 8.29 -9.92
N PRO A 43 -3.93 7.36 -10.89
CA PRO A 43 -5.05 7.41 -11.86
C PRO A 43 -6.43 7.23 -11.20
N ILE A 44 -6.44 6.88 -9.91
CA ILE A 44 -7.69 6.70 -9.17
C ILE A 44 -8.16 8.02 -8.54
N THR A 45 -7.22 8.79 -7.98
CA THR A 45 -7.55 10.01 -7.23
C THR A 45 -6.94 11.28 -7.85
N ASN A 46 -6.19 11.13 -8.94
CA ASN A 46 -5.53 12.25 -9.63
C ASN A 46 -4.42 12.90 -8.76
N VAL A 47 -4.06 12.25 -7.65
CA VAL A 47 -3.01 12.75 -6.77
C VAL A 47 -1.62 12.29 -7.25
N LEU A 48 -0.67 13.22 -7.27
CA LEU A 48 0.69 12.95 -7.76
C LEU A 48 1.45 11.98 -6.84
N PRO A 49 2.30 11.10 -7.42
CA PRO A 49 3.08 10.13 -6.64
C PRO A 49 4.04 10.78 -5.62
N ARG A 50 4.30 12.08 -5.79
CA ARG A 50 5.02 12.87 -4.78
C ARG A 50 4.08 13.33 -3.65
N GLY A 51 2.85 13.68 -4.03
CA GLY A 51 1.83 14.04 -3.05
C GLY A 51 1.43 12.87 -2.17
N GLN A 52 1.44 11.67 -2.76
CA GLN A 52 1.16 10.44 -2.03
C GLN A 52 2.32 10.06 -1.09
N LYS A 53 2.21 10.46 0.17
CA LYS A 53 3.24 10.15 1.17
C LYS A 53 2.82 8.99 2.08
N LEU A 54 3.23 7.77 1.71
CA LEU A 54 2.94 6.57 2.49
C LEU A 54 3.81 6.50 3.75
N ILE A 55 3.21 6.79 4.90
CA ILE A 55 3.93 6.76 6.18
C ILE A 55 3.38 5.67 7.11
N PHE A 56 4.24 4.75 7.51
CA PHE A 56 3.87 3.62 8.39
C PHE A 56 4.82 3.51 9.59
N LYS A 57 4.26 3.46 10.80
CA LYS A 57 5.05 3.38 12.05
C LYS A 57 5.89 4.65 12.26
N GLY A 58 5.46 5.77 11.67
CA GLY A 58 6.18 7.03 11.82
C GLY A 58 7.30 7.23 10.80
N LYS A 59 7.39 6.33 9.82
CA LYS A 59 8.41 6.42 8.78
C LYS A 59 7.78 6.32 7.37
N VAL A 60 8.23 7.17 6.45
CA VAL A 60 7.81 7.09 5.06
C VAL A 60 8.52 5.93 4.35
N LEU A 61 7.75 5.11 3.63
CA LEU A 61 8.31 3.92 2.97
C LEU A 61 9.16 4.29 1.75
N VAL A 62 10.31 3.63 1.61
CA VAL A 62 11.22 3.86 0.48
C VAL A 62 10.60 3.32 -0.83
N GLU A 63 10.64 4.14 -1.89
CA GLU A 63 10.02 3.79 -3.17
C GLU A 63 10.59 2.49 -3.76
N THR A 64 11.85 2.20 -3.48
CA THR A 64 12.51 0.97 -3.97
C THR A 64 12.21 -0.24 -3.08
N SER A 65 11.47 -0.03 -2.00
CA SER A 65 11.17 -1.08 -1.02
C SER A 65 9.81 -1.73 -1.28
N THR A 66 9.76 -3.06 -1.26
CA THR A 66 8.50 -3.80 -1.43
C THR A 66 7.72 -3.84 -0.12
N LEU A 67 6.45 -4.25 -0.17
CA LEU A 67 5.65 -4.40 1.05
C LEU A 67 6.26 -5.48 1.96
N LYS A 68 6.76 -6.55 1.36
CA LYS A 68 7.43 -7.63 2.10
C LYS A 68 8.69 -7.12 2.82
N GLN A 69 9.49 -6.32 2.11
CA GLN A 69 10.68 -5.69 2.70
C GLN A 69 10.29 -4.69 3.81
N SER A 70 9.17 -4.01 3.60
CA SER A 70 8.67 -3.00 4.55
C SER A 70 7.90 -3.64 5.72
N ASP A 71 7.83 -4.98 5.74
CA ASP A 71 7.13 -5.73 6.80
C ASP A 71 5.61 -5.46 6.80
N VAL A 72 5.10 -4.95 5.70
CA VAL A 72 3.66 -4.67 5.56
C VAL A 72 2.87 -5.99 5.44
N GLY A 73 2.07 -6.29 6.46
CA GLY A 73 1.34 -7.56 6.49
C GLY A 73 -0.06 -7.49 5.88
N SER A 74 -0.87 -8.52 6.14
CA SER A 74 -2.21 -8.66 5.54
C SER A 74 -3.27 -7.80 6.25
N GLY A 75 -2.83 -6.72 6.90
CA GLY A 75 -3.74 -5.82 7.59
C GLY A 75 -3.03 -4.58 8.14
N ALA A 76 -2.07 -4.07 7.38
CA ALA A 76 -1.29 -2.90 7.79
C ALA A 76 -2.05 -1.60 7.50
N LYS A 77 -2.24 -0.79 8.54
CA LYS A 77 -2.97 0.48 8.42
C LYS A 77 -2.02 1.64 8.10
N LEU A 78 -1.90 1.96 6.81
CA LEU A 78 -0.96 2.99 6.34
C LEU A 78 -1.54 4.40 6.48
N MET A 79 -0.69 5.39 6.75
CA MET A 79 -1.10 6.79 6.78
C MET A 79 -0.62 7.53 5.52
N LEU A 80 -1.56 7.91 4.66
CA LEU A 80 -1.20 8.62 3.43
C LEU A 80 -1.33 10.14 3.60
N MET A 81 -0.20 10.80 3.83
CA MET A 81 -0.18 12.25 4.00
C MET A 81 -0.32 12.96 2.64
N ALA A 82 -1.56 13.16 2.21
CA ALA A 82 -1.86 13.80 0.92
C ALA A 82 -3.05 14.75 1.03
N SER A 83 -3.00 15.85 0.28
CA SER A 83 -4.07 16.86 0.30
C SER A 83 -5.08 16.65 -0.84
N GLN A 84 -6.35 16.96 -0.58
CA GLN A 84 -7.42 16.78 -1.56
C GLN A 84 -7.19 17.62 -2.84
N GLY A 85 -6.45 18.71 -2.73
CA GLY A 85 -6.15 19.53 -3.91
C GLY A 85 -4.79 20.23 -3.85
N MET A 1 -3.82 -14.73 22.89
CA MET A 1 -2.92 -13.61 22.49
C MET A 1 -1.46 -14.07 22.40
N GLY A 2 -0.65 -13.34 21.64
CA GLY A 2 0.78 -13.66 21.53
C GLY A 2 1.08 -14.93 20.73
N HIS A 3 0.33 -15.16 19.65
CA HIS A 3 0.55 -16.32 18.77
C HIS A 3 0.39 -15.92 17.29
N HIS A 4 1.51 -15.91 16.57
CA HIS A 4 1.52 -15.54 15.14
C HIS A 4 1.93 -16.71 14.24
N HIS A 5 1.86 -16.50 12.93
CA HIS A 5 2.25 -17.51 11.94
C HIS A 5 3.30 -16.94 10.97
N HIS A 6 4.52 -17.50 11.01
CA HIS A 6 5.64 -16.97 10.21
C HIS A 6 5.72 -17.61 8.82
N HIS A 7 4.64 -18.24 8.38
CA HIS A 7 4.57 -18.81 7.02
C HIS A 7 4.56 -17.70 5.96
N HIS A 8 5.20 -17.95 4.82
CA HIS A 8 5.37 -16.92 3.80
C HIS A 8 5.40 -17.48 2.37
N SER A 9 4.52 -16.97 1.51
CA SER A 9 4.46 -17.37 0.10
C SER A 9 3.92 -16.23 -0.77
N HIS A 10 4.03 -16.36 -2.09
CA HIS A 10 3.54 -15.34 -3.02
C HIS A 10 2.00 -15.36 -3.13
N SER A 11 1.35 -14.46 -2.40
CA SER A 11 -0.11 -14.32 -2.42
C SER A 11 -0.53 -12.85 -2.25
N THR A 12 -1.83 -12.61 -2.10
CA THR A 12 -2.36 -11.25 -1.91
C THR A 12 -2.49 -10.88 -0.42
N ILE A 13 -2.37 -9.59 -0.12
CA ILE A 13 -2.50 -9.08 1.25
C ILE A 13 -3.46 -7.87 1.31
N LYS A 14 -4.06 -7.65 2.48
CA LYS A 14 -5.05 -6.57 2.65
C LYS A 14 -4.42 -5.30 3.25
N LEU A 15 -4.45 -4.20 2.49
CA LEU A 15 -3.94 -2.91 2.96
C LEU A 15 -5.06 -1.90 3.16
N THR A 16 -4.86 -0.97 4.09
CA THR A 16 -5.80 0.14 4.30
C THR A 16 -5.09 1.49 4.15
N VAL A 17 -5.14 2.06 2.95
CA VAL A 17 -4.51 3.36 2.68
C VAL A 17 -5.44 4.51 3.11
N LYS A 18 -5.02 5.30 4.09
CA LYS A 18 -5.90 6.33 4.66
C LYS A 18 -5.58 7.74 4.13
N PHE A 19 -6.46 8.26 3.27
CA PHE A 19 -6.38 9.65 2.80
C PHE A 19 -6.94 10.64 3.85
N GLY A 20 -6.14 10.94 4.87
CA GLY A 20 -6.55 11.88 5.92
C GLY A 20 -7.92 11.54 6.51
N GLY A 21 -7.97 10.50 7.34
CA GLY A 21 -9.24 10.05 7.91
C GLY A 21 -9.88 8.92 7.10
N LYS A 22 -10.00 9.11 5.79
CA LYS A 22 -10.58 8.10 4.89
C LYS A 22 -9.86 6.74 4.99
N SER A 23 -10.48 5.70 4.44
CA SER A 23 -9.88 4.36 4.38
C SER A 23 -10.04 3.73 2.99
N ILE A 24 -8.91 3.41 2.34
CA ILE A 24 -8.94 2.80 1.01
C ILE A 24 -8.45 1.33 1.07
N PRO A 25 -9.38 0.36 0.98
CA PRO A 25 -9.03 -1.07 1.01
C PRO A 25 -8.39 -1.56 -0.31
N LEU A 26 -7.13 -1.98 -0.23
CA LEU A 26 -6.40 -2.49 -1.41
C LEU A 26 -5.91 -3.92 -1.19
N SER A 27 -5.98 -4.75 -2.23
CA SER A 27 -5.46 -6.12 -2.18
C SER A 27 -4.34 -6.32 -3.21
N VAL A 28 -3.09 -6.21 -2.76
CA VAL A 28 -1.93 -6.35 -3.65
C VAL A 28 -0.98 -7.46 -3.17
N SER A 29 0.11 -7.67 -3.91
CA SER A 29 1.10 -8.69 -3.55
C SER A 29 2.32 -8.05 -2.84
N PRO A 30 2.96 -8.77 -1.89
CA PRO A 30 4.12 -8.24 -1.14
C PRO A 30 5.32 -7.88 -2.04
N ASP A 31 5.33 -8.44 -3.25
CA ASP A 31 6.36 -8.13 -4.25
C ASP A 31 6.27 -6.67 -4.74
N CYS A 32 5.09 -6.07 -4.62
CA CYS A 32 4.86 -4.68 -5.08
C CYS A 32 5.53 -3.66 -4.15
N THR A 33 5.99 -2.56 -4.74
CA THR A 33 6.64 -1.48 -3.98
C THR A 33 5.67 -0.35 -3.66
N VAL A 34 6.06 0.56 -2.78
CA VAL A 34 5.26 1.75 -2.50
C VAL A 34 5.18 2.67 -3.74
N LYS A 35 6.15 2.54 -4.64
CA LYS A 35 6.12 3.24 -5.93
C LYS A 35 5.03 2.63 -6.84
N ASP A 36 4.92 1.30 -6.80
CA ASP A 36 3.84 0.59 -7.48
C ASP A 36 2.47 1.08 -6.98
N LEU A 37 2.37 1.29 -5.67
CA LEU A 37 1.16 1.88 -5.07
C LEU A 37 0.91 3.30 -5.59
N LYS A 38 1.98 4.11 -5.70
CA LYS A 38 1.87 5.47 -6.27
C LYS A 38 1.25 5.44 -7.69
N SER A 39 1.64 4.45 -8.49
CA SER A 39 1.13 4.32 -9.86
C SER A 39 -0.28 3.70 -9.90
N GLN A 40 -0.71 3.12 -8.78
CA GLN A 40 -2.06 2.55 -8.67
C GLN A 40 -3.08 3.55 -8.09
N LEU A 41 -2.66 4.31 -7.07
CA LEU A 41 -3.55 5.27 -6.40
C LEU A 41 -3.77 6.55 -7.23
N GLN A 42 -2.74 6.99 -7.96
CA GLN A 42 -2.85 8.22 -8.77
C GLN A 42 -4.03 8.18 -9.77
N PRO A 43 -4.14 7.14 -10.64
CA PRO A 43 -5.25 7.04 -11.61
C PRO A 43 -6.64 6.98 -10.95
N ILE A 44 -6.66 6.81 -9.62
CA ILE A 44 -7.92 6.76 -8.86
C ILE A 44 -8.26 8.13 -8.26
N THR A 45 -7.25 8.79 -7.68
CA THR A 45 -7.47 10.02 -6.90
C THR A 45 -6.86 11.27 -7.56
N ASN A 46 -6.25 11.10 -8.74
CA ASN A 46 -5.60 12.20 -9.47
C ASN A 46 -4.45 12.87 -8.68
N VAL A 47 -3.99 12.22 -7.61
CA VAL A 47 -2.90 12.76 -6.79
C VAL A 47 -1.53 12.44 -7.38
N LEU A 48 -0.69 13.46 -7.53
CA LEU A 48 0.67 13.29 -8.05
C LEU A 48 1.56 12.52 -7.06
N PRO A 49 2.52 11.71 -7.57
CA PRO A 49 3.46 10.95 -6.72
C PRO A 49 4.11 11.81 -5.62
N ARG A 50 4.38 13.08 -5.93
CA ARG A 50 4.90 14.05 -4.94
C ARG A 50 3.95 14.18 -3.74
N GLY A 51 2.65 14.24 -4.02
CA GLY A 51 1.64 14.31 -2.98
C GLY A 51 1.44 12.97 -2.29
N GLN A 52 1.53 11.88 -3.05
CA GLN A 52 1.36 10.53 -2.50
C GLN A 52 2.49 10.16 -1.53
N LYS A 53 2.40 10.64 -0.30
CA LYS A 53 3.39 10.34 0.75
C LYS A 53 2.95 9.14 1.62
N LEU A 54 3.46 7.96 1.28
CA LEU A 54 3.12 6.73 2.01
C LEU A 54 3.98 6.57 3.28
N ILE A 55 3.34 6.69 4.44
CA ILE A 55 4.03 6.60 5.73
C ILE A 55 3.44 5.47 6.60
N PHE A 56 4.28 4.57 7.06
CA PHE A 56 3.85 3.42 7.87
C PHE A 56 4.65 3.32 9.18
N LYS A 57 3.94 3.17 10.31
CA LYS A 57 4.59 3.07 11.63
C LYS A 57 5.41 4.33 11.98
N GLY A 58 5.10 5.44 11.32
CA GLY A 58 5.86 6.67 11.52
C GLY A 58 7.11 6.76 10.64
N LYS A 59 7.19 5.86 9.66
CA LYS A 59 8.33 5.81 8.74
C LYS A 59 7.91 6.07 7.28
N VAL A 60 8.60 6.97 6.60
CA VAL A 60 8.37 7.21 5.17
C VAL A 60 9.13 6.19 4.31
N LEU A 61 8.40 5.44 3.51
CA LEU A 61 8.99 4.34 2.73
C LEU A 61 9.64 4.81 1.42
N VAL A 62 10.78 4.23 1.10
CA VAL A 62 11.48 4.50 -0.17
C VAL A 62 10.73 3.84 -1.35
N GLU A 63 10.71 4.51 -2.51
CA GLU A 63 9.95 4.02 -3.68
C GLU A 63 10.31 2.58 -4.07
N THR A 64 11.58 2.22 -3.90
CA THR A 64 12.06 0.87 -4.25
C THR A 64 11.82 -0.15 -3.13
N SER A 65 11.12 0.25 -2.08
CA SER A 65 10.81 -0.63 -0.94
C SER A 65 9.46 -1.33 -1.13
N THR A 66 9.46 -2.65 -1.00
CA THR A 66 8.22 -3.44 -1.09
C THR A 66 7.51 -3.53 0.26
N LEU A 67 6.21 -3.82 0.22
CA LEU A 67 5.40 -3.89 1.46
C LEU A 67 6.04 -4.81 2.52
N LYS A 68 6.37 -6.04 2.11
CA LYS A 68 6.89 -7.05 3.05
C LYS A 68 8.19 -6.58 3.77
N GLN A 69 9.00 -5.77 3.09
CA GLN A 69 10.26 -5.28 3.68
C GLN A 69 10.03 -4.54 5.01
N SER A 70 8.84 -4.00 5.21
CA SER A 70 8.52 -3.28 6.45
C SER A 70 7.55 -4.09 7.34
N ASP A 71 7.62 -5.42 7.23
CA ASP A 71 6.78 -6.35 8.03
C ASP A 71 5.28 -6.21 7.71
N VAL A 72 4.96 -5.63 6.55
CA VAL A 72 3.57 -5.48 6.12
C VAL A 72 2.98 -6.81 5.61
N GLY A 73 1.85 -7.21 6.17
CA GLY A 73 1.20 -8.46 5.76
C GLY A 73 -0.28 -8.28 5.44
N SER A 74 -1.06 -9.35 5.62
CA SER A 74 -2.50 -9.30 5.35
C SER A 74 -3.25 -8.54 6.45
N GLY A 75 -3.16 -7.20 6.40
CA GLY A 75 -3.82 -6.36 7.39
C GLY A 75 -2.90 -5.27 7.94
N ALA A 76 -2.73 -4.19 7.20
CA ALA A 76 -1.87 -3.07 7.62
C ALA A 76 -2.50 -1.71 7.27
N LYS A 77 -2.44 -0.78 8.23
CA LYS A 77 -3.02 0.56 8.04
C LYS A 77 -1.93 1.57 7.62
N LEU A 78 -1.99 2.01 6.36
CA LEU A 78 -1.00 2.92 5.79
C LEU A 78 -1.46 4.39 5.89
N MET A 79 -0.61 5.24 6.46
CA MET A 79 -0.90 6.68 6.56
C MET A 79 -0.42 7.43 5.32
N LEU A 80 -1.34 7.75 4.42
CA LEU A 80 -1.00 8.48 3.20
C LEU A 80 -1.30 9.98 3.33
N MET A 81 -0.26 10.76 3.60
CA MET A 81 -0.42 12.21 3.72
C MET A 81 -0.34 12.87 2.33
N ALA A 82 -1.48 12.88 1.63
CA ALA A 82 -1.55 13.36 0.25
C ALA A 82 -2.52 14.53 0.08
N SER A 83 -2.23 15.40 -0.89
CA SER A 83 -3.10 16.56 -1.18
C SER A 83 -4.11 16.25 -2.29
N GLN A 84 -5.39 16.28 -1.93
CA GLN A 84 -6.48 16.04 -2.89
C GLN A 84 -7.65 16.98 -2.61
N GLY A 85 -8.07 17.73 -3.63
CA GLY A 85 -9.20 18.65 -3.47
C GLY A 85 -10.08 18.73 -4.72
N MET A 1 -1.32 -30.66 14.77
CA MET A 1 -1.85 -32.05 14.72
C MET A 1 -2.39 -32.39 13.32
N GLY A 2 -2.15 -33.61 12.87
CA GLY A 2 -2.56 -34.03 11.54
C GLY A 2 -1.43 -33.95 10.52
N HIS A 3 -1.00 -35.09 10.00
CA HIS A 3 0.11 -35.13 9.04
C HIS A 3 -0.21 -34.40 7.72
N HIS A 4 0.13 -33.12 7.65
CA HIS A 4 0.01 -32.33 6.42
C HIS A 4 0.89 -31.06 6.48
N HIS A 5 2.02 -31.10 5.80
CA HIS A 5 2.98 -29.99 5.80
C HIS A 5 2.61 -28.89 4.79
N HIS A 6 2.97 -27.66 5.14
CA HIS A 6 2.71 -26.49 4.28
C HIS A 6 3.95 -25.59 4.20
N HIS A 7 3.87 -24.52 3.40
CA HIS A 7 5.03 -23.62 3.21
C HIS A 7 4.58 -22.17 2.99
N HIS A 8 5.54 -21.28 2.73
CA HIS A 8 5.24 -19.86 2.47
C HIS A 8 4.48 -19.68 1.15
N SER A 9 3.91 -18.49 0.97
CA SER A 9 3.08 -18.19 -0.20
C SER A 9 3.36 -16.79 -0.75
N HIS A 10 2.77 -16.49 -1.91
CA HIS A 10 2.95 -15.19 -2.58
C HIS A 10 1.59 -14.58 -2.94
N SER A 11 0.58 -14.87 -2.12
CA SER A 11 -0.78 -14.33 -2.31
C SER A 11 -0.83 -12.82 -2.04
N THR A 12 -2.02 -12.23 -2.19
CA THR A 12 -2.19 -10.77 -2.02
C THR A 12 -2.44 -10.39 -0.55
N ILE A 13 -2.01 -9.20 -0.17
CA ILE A 13 -2.12 -8.73 1.22
C ILE A 13 -3.28 -7.74 1.42
N LYS A 14 -4.00 -7.90 2.52
CA LYS A 14 -5.11 -7.01 2.86
C LYS A 14 -4.64 -5.78 3.65
N LEU A 15 -4.07 -4.80 2.96
CA LEU A 15 -3.60 -3.57 3.61
C LEU A 15 -4.71 -2.52 3.69
N THR A 16 -4.53 -1.50 4.53
CA THR A 16 -5.54 -0.44 4.69
C THR A 16 -4.90 0.94 4.55
N VAL A 17 -5.20 1.64 3.45
CA VAL A 17 -4.66 2.97 3.18
C VAL A 17 -5.66 4.07 3.59
N LYS A 18 -5.21 5.03 4.39
CA LYS A 18 -6.08 6.09 4.91
C LYS A 18 -6.01 7.37 4.06
N PHE A 19 -7.17 7.80 3.56
CA PHE A 19 -7.30 9.07 2.84
C PHE A 19 -7.91 10.14 3.75
N GLY A 20 -7.03 10.94 4.39
CA GLY A 20 -7.49 11.97 5.32
C GLY A 20 -8.23 11.40 6.53
N GLY A 21 -9.56 11.48 6.50
CA GLY A 21 -10.38 10.92 7.58
C GLY A 21 -10.97 9.56 7.22
N LYS A 22 -10.78 9.12 5.98
CA LYS A 22 -11.30 7.84 5.51
C LYS A 22 -10.25 6.73 5.58
N SER A 23 -10.68 5.51 5.89
CA SER A 23 -9.79 4.34 5.92
C SER A 23 -10.21 3.32 4.85
N ILE A 24 -9.40 3.20 3.79
CA ILE A 24 -9.73 2.36 2.64
C ILE A 24 -8.93 1.04 2.63
N PRO A 25 -9.59 -0.11 2.86
CA PRO A 25 -8.94 -1.42 2.76
C PRO A 25 -8.79 -1.88 1.29
N LEU A 26 -7.57 -2.23 0.91
CA LEU A 26 -7.27 -2.66 -0.47
C LEU A 26 -6.62 -4.05 -0.49
N SER A 27 -6.45 -4.61 -1.68
CA SER A 27 -5.76 -5.90 -1.85
C SER A 27 -4.68 -5.80 -2.95
N VAL A 28 -3.42 -5.74 -2.53
CA VAL A 28 -2.30 -5.60 -3.48
C VAL A 28 -1.31 -6.77 -3.36
N SER A 29 -0.34 -6.81 -4.27
CA SER A 29 0.69 -7.87 -4.27
C SER A 29 1.91 -7.46 -3.42
N PRO A 30 2.33 -8.32 -2.47
CA PRO A 30 3.45 -8.00 -1.55
C PRO A 30 4.80 -7.85 -2.26
N ASP A 31 4.91 -8.45 -3.45
CA ASP A 31 6.14 -8.37 -4.25
C ASP A 31 6.23 -7.05 -5.04
N CYS A 32 5.24 -6.17 -4.85
CA CYS A 32 5.24 -4.85 -5.48
C CYS A 32 5.93 -3.79 -4.59
N THR A 33 6.45 -2.74 -5.21
CA THR A 33 7.14 -1.67 -4.46
C THR A 33 6.14 -0.62 -3.98
N VAL A 34 6.48 0.08 -2.90
CA VAL A 34 5.65 1.17 -2.39
C VAL A 34 5.59 2.34 -3.39
N LYS A 35 6.59 2.42 -4.27
CA LYS A 35 6.63 3.43 -5.33
C LYS A 35 5.66 3.06 -6.45
N ASP A 36 5.53 1.76 -6.72
CA ASP A 36 4.60 1.28 -7.75
C ASP A 36 3.14 1.55 -7.35
N LEU A 37 2.86 1.51 -6.05
CA LEU A 37 1.53 1.86 -5.53
C LEU A 37 1.11 3.26 -5.98
N LYS A 38 2.07 4.19 -6.06
CA LYS A 38 1.81 5.53 -6.59
C LYS A 38 1.27 5.45 -8.03
N SER A 39 1.88 4.59 -8.83
CA SER A 39 1.49 4.39 -10.23
C SER A 39 0.06 3.82 -10.35
N GLN A 40 -0.34 3.05 -9.34
CA GLN A 40 -1.68 2.45 -9.32
C GLN A 40 -2.75 3.43 -8.80
N LEU A 41 -2.44 4.11 -7.71
CA LEU A 41 -3.40 5.05 -7.08
C LEU A 41 -3.53 6.38 -7.86
N GLN A 42 -2.44 6.83 -8.49
CA GLN A 42 -2.44 8.14 -9.18
C GLN A 42 -3.58 8.29 -10.21
N PRO A 43 -3.74 7.36 -11.18
CA PRO A 43 -4.79 7.48 -12.22
C PRO A 43 -6.21 7.36 -11.66
N ILE A 44 -6.33 6.93 -10.41
CA ILE A 44 -7.64 6.74 -9.76
C ILE A 44 -7.96 7.93 -8.82
N THR A 45 -6.94 8.45 -8.15
CA THR A 45 -7.12 9.50 -7.14
C THR A 45 -6.71 10.89 -7.66
N ASN A 46 -5.96 10.91 -8.77
CA ASN A 46 -5.55 12.15 -9.45
C ASN A 46 -4.51 12.98 -8.64
N VAL A 47 -3.94 12.40 -7.60
CA VAL A 47 -2.92 13.09 -6.79
C VAL A 47 -1.50 12.79 -7.30
N LEU A 48 -0.60 13.77 -7.17
CA LEU A 48 0.78 13.64 -7.66
C LEU A 48 1.62 12.68 -6.78
N PRO A 49 2.49 11.87 -7.42
CA PRO A 49 3.34 10.88 -6.70
C PRO A 49 4.30 11.53 -5.68
N ARG A 50 4.66 12.79 -5.93
CA ARG A 50 5.51 13.55 -4.98
C ARG A 50 4.86 13.65 -3.60
N GLY A 51 3.59 14.05 -3.58
CA GLY A 51 2.87 14.20 -2.33
C GLY A 51 2.55 12.86 -1.66
N GLN A 52 2.20 11.87 -2.48
CA GLN A 52 1.84 10.54 -1.98
C GLN A 52 2.94 9.90 -1.11
N LYS A 53 2.86 10.11 0.19
CA LYS A 53 3.77 9.49 1.15
C LYS A 53 3.07 8.39 1.96
N LEU A 54 3.46 7.14 1.71
CA LEU A 54 2.95 6.01 2.49
C LEU A 54 3.66 5.96 3.86
N ILE A 55 3.08 6.62 4.84
CA ILE A 55 3.66 6.72 6.17
C ILE A 55 3.18 5.61 7.11
N PHE A 56 4.07 4.67 7.42
CA PHE A 56 3.74 3.53 8.28
C PHE A 56 4.47 3.66 9.63
N LYS A 57 3.70 3.63 10.73
CA LYS A 57 4.26 3.75 12.10
C LYS A 57 4.92 5.12 12.32
N GLY A 58 4.58 6.10 11.48
CA GLY A 58 5.22 7.42 11.57
C GLY A 58 6.46 7.54 10.70
N LYS A 59 6.74 6.50 9.91
CA LYS A 59 7.90 6.47 9.00
C LYS A 59 7.48 6.07 7.58
N VAL A 60 7.82 6.89 6.60
CA VAL A 60 7.53 6.59 5.20
C VAL A 60 8.46 5.48 4.66
N LEU A 61 7.92 4.56 3.88
CA LEU A 61 8.69 3.44 3.35
C LEU A 61 9.58 3.87 2.17
N VAL A 62 10.74 3.24 2.03
CA VAL A 62 11.65 3.52 0.92
C VAL A 62 11.05 3.09 -0.42
N GLU A 63 11.02 4.01 -1.39
CA GLU A 63 10.38 3.77 -2.69
C GLU A 63 10.96 2.55 -3.42
N THR A 64 12.23 2.24 -3.19
CA THR A 64 12.87 1.08 -3.83
C THR A 64 12.60 -0.24 -3.07
N SER A 65 11.77 -0.19 -2.03
CA SER A 65 11.46 -1.37 -1.22
C SER A 65 10.02 -1.87 -1.48
N THR A 66 9.82 -3.18 -1.35
CA THR A 66 8.49 -3.78 -1.54
C THR A 66 7.70 -3.78 -0.23
N LEU A 67 6.38 -3.97 -0.32
CA LEU A 67 5.53 -4.08 0.88
C LEU A 67 6.01 -5.22 1.78
N LYS A 68 6.32 -6.35 1.16
CA LYS A 68 6.81 -7.55 1.87
C LYS A 68 8.12 -7.28 2.63
N GLN A 69 9.08 -6.62 1.98
CA GLN A 69 10.34 -6.25 2.63
C GLN A 69 10.12 -5.23 3.76
N SER A 70 9.18 -4.32 3.55
CA SER A 70 8.86 -3.28 4.53
C SER A 70 7.94 -3.83 5.64
N ASP A 71 7.63 -5.13 5.57
CA ASP A 71 6.75 -5.80 6.55
C ASP A 71 5.34 -5.19 6.57
N VAL A 72 4.99 -4.46 5.51
CA VAL A 72 3.64 -3.92 5.36
C VAL A 72 2.75 -4.95 4.65
N GLY A 73 2.12 -5.83 5.43
CA GLY A 73 1.32 -6.91 4.87
C GLY A 73 -0.16 -6.84 5.24
N SER A 74 -0.81 -8.00 5.28
CA SER A 74 -2.24 -8.08 5.59
C SER A 74 -2.53 -7.59 7.01
N GLY A 75 -3.21 -6.44 7.11
CA GLY A 75 -3.55 -5.86 8.39
C GLY A 75 -2.81 -4.55 8.68
N ALA A 76 -1.82 -4.23 7.85
CA ALA A 76 -1.04 -3.00 8.01
C ALA A 76 -1.85 -1.74 7.63
N LYS A 77 -1.74 -0.70 8.45
CA LYS A 77 -2.50 0.54 8.25
C LYS A 77 -1.60 1.70 7.78
N LEU A 78 -1.67 2.01 6.48
CA LEU A 78 -0.84 3.05 5.88
C LEU A 78 -1.48 4.44 5.94
N MET A 79 -0.73 5.41 6.42
CA MET A 79 -1.16 6.81 6.44
C MET A 79 -0.69 7.53 5.17
N LEU A 80 -1.62 7.79 4.24
CA LEU A 80 -1.27 8.39 2.95
C LEU A 80 -1.56 9.90 2.91
N MET A 81 -0.50 10.69 2.74
CA MET A 81 -0.65 12.14 2.55
C MET A 81 -0.99 12.47 1.09
N ALA A 82 -2.21 12.93 0.85
CA ALA A 82 -2.65 13.28 -0.51
C ALA A 82 -3.29 14.67 -0.54
N SER A 83 -3.00 15.43 -1.60
CA SER A 83 -3.56 16.77 -1.77
C SER A 83 -5.03 16.71 -2.20
N GLN A 84 -5.93 16.68 -1.23
CA GLN A 84 -7.38 16.62 -1.50
C GLN A 84 -7.92 18.03 -1.74
N GLY A 85 -7.89 18.87 -0.70
CA GLY A 85 -8.42 20.23 -0.80
C GLY A 85 -9.38 20.58 0.34
N MET A 1 14.26 -9.93 -15.32
CA MET A 1 14.59 -9.87 -13.87
C MET A 1 13.33 -10.01 -13.00
N GLY A 2 13.37 -10.91 -12.02
CA GLY A 2 12.23 -11.12 -11.13
C GLY A 2 11.04 -11.78 -11.83
N HIS A 3 9.88 -11.77 -11.18
CA HIS A 3 8.66 -12.37 -11.73
C HIS A 3 7.71 -11.30 -12.30
N HIS A 4 8.28 -10.36 -13.06
CA HIS A 4 7.52 -9.24 -13.63
C HIS A 4 6.50 -9.70 -14.68
N HIS A 5 6.92 -10.62 -15.55
CA HIS A 5 6.07 -11.09 -16.66
C HIS A 5 4.88 -11.93 -16.13
N HIS A 6 3.75 -11.26 -15.86
CA HIS A 6 2.54 -11.95 -15.41
C HIS A 6 1.28 -11.15 -15.80
N HIS A 7 0.22 -11.87 -16.18
CA HIS A 7 -1.06 -11.24 -16.51
C HIS A 7 -2.05 -11.28 -15.33
N HIS A 8 -2.06 -12.40 -14.61
CA HIS A 8 -2.91 -12.53 -13.41
C HIS A 8 -2.06 -12.58 -12.14
N SER A 9 -2.20 -11.55 -11.30
CA SER A 9 -1.45 -11.46 -10.04
C SER A 9 -2.04 -12.38 -8.96
N HIS A 10 -1.18 -13.11 -8.26
CA HIS A 10 -1.62 -14.06 -7.23
C HIS A 10 -0.84 -13.86 -5.92
N SER A 11 -1.43 -14.30 -4.80
CA SER A 11 -0.87 -14.12 -3.47
C SER A 11 -0.80 -12.63 -3.08
N THR A 12 -1.90 -12.12 -2.53
CA THR A 12 -2.02 -10.70 -2.19
C THR A 12 -2.23 -10.47 -0.69
N ILE A 13 -1.83 -9.30 -0.21
CA ILE A 13 -2.05 -8.91 1.19
C ILE A 13 -3.05 -7.75 1.29
N LYS A 14 -3.64 -7.56 2.47
CA LYS A 14 -4.64 -6.50 2.69
C LYS A 14 -3.99 -5.16 3.04
N LEU A 15 -4.05 -4.20 2.12
CA LEU A 15 -3.57 -2.84 2.37
C LEU A 15 -4.73 -1.90 2.73
N THR A 16 -4.48 -0.96 3.62
CA THR A 16 -5.48 0.07 3.97
C THR A 16 -4.86 1.47 3.87
N VAL A 17 -4.97 2.09 2.70
CA VAL A 17 -4.38 3.42 2.47
C VAL A 17 -5.32 4.53 2.96
N LYS A 18 -4.95 5.20 4.04
CA LYS A 18 -5.82 6.19 4.66
C LYS A 18 -5.48 7.63 4.21
N PHE A 19 -6.33 8.20 3.36
CA PHE A 19 -6.19 9.58 2.90
C PHE A 19 -6.72 10.58 3.94
N GLY A 20 -5.85 11.03 4.85
CA GLY A 20 -6.20 12.08 5.82
C GLY A 20 -7.55 11.88 6.51
N GLY A 21 -7.89 10.63 6.81
CA GLY A 21 -9.19 10.34 7.43
C GLY A 21 -9.96 9.24 6.70
N LYS A 22 -9.70 9.09 5.40
CA LYS A 22 -10.33 8.03 4.60
C LYS A 22 -9.69 6.66 4.89
N SER A 23 -10.33 5.60 4.40
CA SER A 23 -9.74 4.25 4.45
C SER A 23 -9.90 3.53 3.10
N ILE A 24 -8.87 3.56 2.27
CA ILE A 24 -8.90 2.93 0.94
C ILE A 24 -8.37 1.48 0.98
N PRO A 25 -9.25 0.49 0.79
CA PRO A 25 -8.87 -0.93 0.80
C PRO A 25 -8.20 -1.38 -0.52
N LEU A 26 -7.01 -1.98 -0.41
CA LEU A 26 -6.28 -2.52 -1.57
C LEU A 26 -5.79 -3.95 -1.30
N SER A 27 -5.48 -4.68 -2.36
CA SER A 27 -4.93 -6.05 -2.23
C SER A 27 -3.90 -6.34 -3.33
N VAL A 28 -2.61 -6.23 -2.99
CA VAL A 28 -1.52 -6.44 -3.94
C VAL A 28 -0.44 -7.37 -3.37
N SER A 29 0.57 -7.67 -4.18
CA SER A 29 1.67 -8.54 -3.76
C SER A 29 2.63 -7.81 -2.81
N PRO A 30 3.06 -8.47 -1.71
CA PRO A 30 4.00 -7.88 -0.74
C PRO A 30 5.40 -7.65 -1.32
N ASP A 31 5.67 -8.23 -2.49
CA ASP A 31 6.94 -8.05 -3.19
C ASP A 31 6.88 -6.98 -4.28
N CYS A 32 5.73 -6.30 -4.38
CA CYS A 32 5.60 -5.13 -5.25
C CYS A 32 6.16 -3.89 -4.55
N THR A 33 6.86 -3.04 -5.29
CA THR A 33 7.39 -1.79 -4.72
C THR A 33 6.25 -0.81 -4.43
N VAL A 34 6.30 -0.17 -3.26
CA VAL A 34 5.24 0.77 -2.83
C VAL A 34 5.01 1.90 -3.86
N LYS A 35 6.03 2.16 -4.69
CA LYS A 35 5.92 3.12 -5.79
C LYS A 35 4.78 2.73 -6.75
N ASP A 36 4.59 1.43 -6.95
CA ASP A 36 3.52 0.92 -7.83
C ASP A 36 2.15 1.24 -7.23
N LEU A 37 2.06 1.30 -5.89
CA LEU A 37 0.82 1.70 -5.21
C LEU A 37 0.39 3.10 -5.65
N LYS A 38 1.36 4.00 -5.81
CA LYS A 38 1.07 5.34 -6.35
C LYS A 38 0.49 5.25 -7.77
N SER A 39 1.08 4.37 -8.58
CA SER A 39 0.62 4.11 -9.95
C SER A 39 -0.82 3.58 -9.97
N GLN A 40 -1.24 2.96 -8.86
CA GLN A 40 -2.61 2.45 -8.72
C GLN A 40 -3.56 3.51 -8.15
N LEU A 41 -3.11 4.22 -7.12
CA LEU A 41 -3.92 5.26 -6.47
C LEU A 41 -4.18 6.46 -7.40
N GLN A 42 -3.17 6.87 -8.17
CA GLN A 42 -3.27 8.06 -9.02
C GLN A 42 -4.53 8.05 -9.93
N PRO A 43 -4.75 7.00 -10.75
CA PRO A 43 -5.94 6.93 -11.63
C PRO A 43 -7.28 6.81 -10.87
N ILE A 44 -7.20 6.70 -9.54
CA ILE A 44 -8.41 6.60 -8.70
C ILE A 44 -8.66 7.93 -7.94
N THR A 45 -7.69 8.33 -7.12
CA THR A 45 -7.80 9.53 -6.27
C THR A 45 -7.30 10.79 -6.98
N ASN A 46 -6.75 10.63 -8.18
CA ASN A 46 -6.28 11.76 -9.01
C ASN A 46 -5.03 12.45 -8.43
N VAL A 47 -4.39 11.83 -7.44
CA VAL A 47 -3.21 12.42 -6.80
C VAL A 47 -1.91 12.03 -7.52
N LEU A 48 -1.03 13.01 -7.74
CA LEU A 48 0.25 12.76 -8.41
C LEU A 48 1.23 11.98 -7.50
N PRO A 49 2.11 11.13 -8.09
CA PRO A 49 3.07 10.31 -7.32
C PRO A 49 3.96 11.13 -6.35
N ARG A 50 4.33 12.35 -6.74
CA ARG A 50 5.11 13.23 -5.85
C ARG A 50 4.40 13.47 -4.50
N GLY A 51 3.16 13.96 -4.57
CA GLY A 51 2.42 14.33 -3.37
C GLY A 51 1.76 13.14 -2.66
N GLN A 52 2.50 12.05 -2.50
CA GLN A 52 1.99 10.86 -1.80
C GLN A 52 3.06 10.27 -0.86
N LYS A 53 2.92 10.53 0.44
CA LYS A 53 3.86 10.01 1.45
C LYS A 53 3.23 8.89 2.28
N LEU A 54 3.45 7.64 1.87
CA LEU A 54 2.94 6.48 2.61
C LEU A 54 3.70 6.30 3.94
N ILE A 55 3.02 6.56 5.06
CA ILE A 55 3.65 6.43 6.38
C ILE A 55 2.97 5.35 7.23
N PHE A 56 3.70 4.28 7.54
CA PHE A 56 3.16 3.15 8.28
C PHE A 56 3.79 3.05 9.69
N LYS A 57 2.96 3.25 10.72
CA LYS A 57 3.39 3.12 12.12
C LYS A 57 4.63 3.98 12.43
N GLY A 58 4.73 5.14 11.77
CA GLY A 58 5.84 6.06 12.01
C GLY A 58 6.82 6.15 10.84
N LYS A 59 7.23 5.00 10.31
CA LYS A 59 8.22 4.97 9.22
C LYS A 59 7.54 5.20 7.85
N VAL A 60 8.28 5.76 6.89
CA VAL A 60 7.75 6.03 5.56
C VAL A 60 8.17 4.94 4.56
N LEU A 61 7.23 4.55 3.70
CA LEU A 61 7.48 3.57 2.65
C LEU A 61 8.30 4.19 1.50
N VAL A 62 9.60 3.94 1.48
CA VAL A 62 10.46 4.41 0.40
C VAL A 62 10.09 3.74 -0.93
N GLU A 63 10.02 4.52 -1.99
CA GLU A 63 9.49 4.06 -3.29
C GLU A 63 10.25 2.85 -3.89
N THR A 64 11.51 2.66 -3.49
CA THR A 64 12.30 1.52 -3.97
C THR A 64 12.05 0.26 -3.14
N SER A 65 11.39 0.43 -1.99
CA SER A 65 11.10 -0.67 -1.06
C SER A 65 9.76 -1.35 -1.39
N THR A 66 9.68 -2.64 -1.07
CA THR A 66 8.42 -3.39 -1.20
C THR A 66 7.65 -3.38 0.13
N LEU A 67 6.46 -3.98 0.13
CA LEU A 67 5.64 -4.03 1.35
C LEU A 67 6.31 -4.87 2.45
N LYS A 68 6.73 -6.09 2.10
CA LYS A 68 7.36 -7.00 3.07
C LYS A 68 8.68 -6.42 3.64
N GLN A 69 9.26 -5.44 2.96
CA GLN A 69 10.52 -4.83 3.40
C GLN A 69 10.31 -3.76 4.48
N SER A 70 9.06 -3.45 4.83
CA SER A 70 8.78 -2.35 5.77
C SER A 70 7.63 -2.68 6.74
N ASP A 71 7.66 -3.90 7.30
CA ASP A 71 6.71 -4.32 8.34
C ASP A 71 5.24 -4.38 7.84
N VAL A 72 5.05 -4.24 6.53
CA VAL A 72 3.70 -4.23 5.94
C VAL A 72 3.21 -5.65 5.63
N GLY A 73 2.01 -5.98 6.13
CA GLY A 73 1.42 -7.30 5.89
C GLY A 73 -0.09 -7.27 5.74
N SER A 74 -0.73 -8.43 5.84
CA SER A 74 -2.20 -8.54 5.70
C SER A 74 -2.92 -7.75 6.80
N GLY A 75 -3.49 -6.60 6.43
CA GLY A 75 -4.17 -5.73 7.39
C GLY A 75 -3.33 -4.53 7.79
N ALA A 76 -2.42 -4.11 6.90
CA ALA A 76 -1.55 -2.97 7.16
C ALA A 76 -2.27 -1.63 6.94
N LYS A 77 -2.45 -0.88 8.03
CA LYS A 77 -3.12 0.42 7.96
C LYS A 77 -2.11 1.55 7.64
N LEU A 78 -2.04 1.92 6.36
CA LEU A 78 -1.08 2.92 5.90
C LEU A 78 -1.63 4.35 6.06
N MET A 79 -0.88 5.21 6.74
CA MET A 79 -1.25 6.62 6.89
C MET A 79 -0.62 7.46 5.77
N LEU A 80 -1.41 7.80 4.76
CA LEU A 80 -0.90 8.49 3.58
C LEU A 80 -0.95 10.02 3.73
N MET A 81 0.21 10.64 3.91
CA MET A 81 0.31 12.10 3.90
C MET A 81 0.38 12.61 2.46
N ALA A 82 -0.79 12.95 1.90
CA ALA A 82 -0.87 13.37 0.50
C ALA A 82 -1.02 14.89 0.35
N SER A 83 -0.71 15.40 -0.83
CA SER A 83 -0.83 16.84 -1.13
C SER A 83 -2.22 17.19 -1.68
N GLN A 84 -3.16 16.25 -1.54
CA GLN A 84 -4.54 16.44 -2.01
C GLN A 84 -5.55 15.94 -0.95
N GLY A 85 -6.75 16.50 -0.97
CA GLY A 85 -7.80 16.09 -0.02
C GLY A 85 -9.17 16.69 -0.34
N MET A 1 -8.13 -29.14 -18.59
CA MET A 1 -7.77 -28.50 -17.29
C MET A 1 -7.93 -26.97 -17.36
N GLY A 2 -7.93 -26.31 -16.20
CA GLY A 2 -8.07 -24.85 -16.16
C GLY A 2 -7.53 -24.23 -14.87
N HIS A 3 -8.34 -23.39 -14.24
CA HIS A 3 -7.94 -22.72 -12.98
C HIS A 3 -8.11 -23.66 -11.78
N HIS A 4 -7.73 -24.92 -11.96
CA HIS A 4 -7.90 -25.96 -10.94
C HIS A 4 -6.69 -25.96 -9.98
N HIS A 5 -6.78 -25.16 -8.91
CA HIS A 5 -5.69 -24.99 -7.92
C HIS A 5 -4.49 -24.21 -8.48
N HIS A 6 -4.18 -24.41 -9.77
CA HIS A 6 -3.08 -23.69 -10.43
C HIS A 6 -3.24 -22.15 -10.34
N HIS A 7 -2.53 -21.54 -9.39
CA HIS A 7 -2.57 -20.08 -9.19
C HIS A 7 -1.15 -19.49 -9.06
N HIS A 8 -1.01 -18.18 -9.29
CA HIS A 8 0.26 -17.49 -9.10
C HIS A 8 0.11 -15.96 -9.11
N SER A 9 0.81 -15.30 -8.17
CA SER A 9 0.87 -13.82 -8.12
C SER A 9 -0.47 -13.14 -7.81
N HIS A 10 -1.43 -13.90 -7.28
CA HIS A 10 -2.70 -13.32 -6.82
C HIS A 10 -2.86 -13.42 -5.30
N SER A 11 -1.80 -13.84 -4.62
CA SER A 11 -1.77 -13.80 -3.14
C SER A 11 -1.65 -12.36 -2.65
N THR A 12 -2.73 -11.59 -2.79
CA THR A 12 -2.70 -10.15 -2.50
C THR A 12 -2.98 -9.86 -1.02
N ILE A 13 -2.10 -9.08 -0.41
CA ILE A 13 -2.23 -8.69 0.99
C ILE A 13 -3.20 -7.50 1.17
N LYS A 14 -4.07 -7.60 2.16
CA LYS A 14 -5.04 -6.54 2.46
C LYS A 14 -4.43 -5.41 3.28
N LEU A 15 -4.60 -4.17 2.82
CA LEU A 15 -4.06 -2.99 3.51
C LEU A 15 -5.02 -1.79 3.37
N THR A 16 -5.28 -1.11 4.48
CA THR A 16 -6.16 0.07 4.48
C THR A 16 -5.33 1.35 4.41
N VAL A 17 -5.44 2.09 3.31
CA VAL A 17 -4.72 3.35 3.14
C VAL A 17 -5.56 4.55 3.62
N LYS A 18 -4.97 5.38 4.49
CA LYS A 18 -5.68 6.52 5.08
C LYS A 18 -5.42 7.82 4.28
N PHE A 19 -6.34 8.16 3.39
CA PHE A 19 -6.26 9.43 2.65
C PHE A 19 -6.73 10.61 3.51
N GLY A 20 -5.89 11.02 4.47
CA GLY A 20 -6.22 12.14 5.35
C GLY A 20 -7.57 12.00 6.07
N GLY A 21 -8.09 10.78 6.11
CA GLY A 21 -9.43 10.54 6.68
C GLY A 21 -10.22 9.52 5.88
N LYS A 22 -10.02 9.51 4.57
CA LYS A 22 -10.65 8.50 3.70
C LYS A 22 -9.96 7.14 3.83
N SER A 23 -10.50 6.27 4.67
CA SER A 23 -9.94 4.94 4.88
C SER A 23 -10.33 4.00 3.74
N ILE A 24 -9.39 3.75 2.82
CA ILE A 24 -9.65 2.90 1.64
C ILE A 24 -9.07 1.49 1.83
N PRO A 25 -9.93 0.47 2.02
CA PRO A 25 -9.48 -0.93 2.17
C PRO A 25 -9.06 -1.57 0.83
N LEU A 26 -7.75 -1.67 0.61
CA LEU A 26 -7.21 -2.23 -0.64
C LEU A 26 -6.60 -3.63 -0.44
N SER A 27 -6.15 -4.24 -1.53
CA SER A 27 -5.48 -5.54 -1.50
C SER A 27 -4.44 -5.64 -2.64
N VAL A 28 -3.17 -5.44 -2.31
CA VAL A 28 -2.12 -5.37 -3.33
C VAL A 28 -1.15 -6.57 -3.26
N SER A 29 -0.29 -6.67 -4.26
CA SER A 29 0.73 -7.73 -4.31
C SER A 29 1.98 -7.36 -3.50
N PRO A 30 2.44 -8.26 -2.60
CA PRO A 30 3.64 -8.01 -1.77
C PRO A 30 4.94 -7.92 -2.61
N ASP A 31 4.86 -8.33 -3.88
CA ASP A 31 6.00 -8.21 -4.81
C ASP A 31 6.22 -6.75 -5.25
N CYS A 32 5.16 -5.95 -5.21
CA CYS A 32 5.22 -4.55 -5.67
C CYS A 32 5.93 -3.65 -4.66
N THR A 33 6.56 -2.60 -5.16
CA THR A 33 7.22 -1.60 -4.32
C THR A 33 6.26 -0.48 -3.93
N VAL A 34 6.62 0.32 -2.93
CA VAL A 34 5.81 1.49 -2.59
C VAL A 34 5.84 2.54 -3.72
N LYS A 35 6.86 2.44 -4.58
CA LYS A 35 6.91 3.20 -5.82
C LYS A 35 5.79 2.75 -6.78
N ASP A 36 5.67 1.44 -6.95
CA ASP A 36 4.64 0.86 -7.81
C ASP A 36 3.23 1.13 -7.24
N LEU A 37 3.13 1.20 -5.90
CA LEU A 37 1.88 1.58 -5.25
C LEU A 37 1.36 2.92 -5.76
N LYS A 38 2.24 3.90 -5.88
CA LYS A 38 1.88 5.21 -6.44
C LYS A 38 1.34 5.07 -7.87
N SER A 39 1.93 4.14 -8.62
CA SER A 39 1.50 3.81 -9.99
C SER A 39 0.07 3.24 -10.00
N GLN A 40 -0.32 2.60 -8.88
CA GLN A 40 -1.68 2.05 -8.73
C GLN A 40 -2.66 3.10 -8.17
N LEU A 41 -2.22 3.84 -7.16
CA LEU A 41 -3.08 4.83 -6.49
C LEU A 41 -3.46 6.02 -7.40
N GLN A 42 -2.51 6.50 -8.23
CA GLN A 42 -2.75 7.70 -9.05
C GLN A 42 -3.99 7.56 -9.97
N PRO A 43 -4.08 6.50 -10.82
CA PRO A 43 -5.23 6.34 -11.74
C PRO A 43 -6.55 6.04 -10.99
N ILE A 44 -6.48 5.84 -9.68
CA ILE A 44 -7.67 5.56 -8.86
C ILE A 44 -8.18 6.83 -8.16
N THR A 45 -7.29 7.52 -7.44
CA THR A 45 -7.67 8.69 -6.63
C THR A 45 -7.22 10.01 -7.26
N ASN A 46 -6.49 9.94 -8.38
CA ASN A 46 -6.01 11.12 -9.12
C ASN A 46 -5.01 11.97 -8.31
N VAL A 47 -4.38 11.36 -7.31
CA VAL A 47 -3.37 12.06 -6.50
C VAL A 47 -1.95 11.94 -7.10
N LEU A 48 -1.18 13.03 -7.05
CA LEU A 48 0.16 13.06 -7.62
C LEU A 48 1.15 12.18 -6.83
N PRO A 49 1.91 11.30 -7.52
CA PRO A 49 2.88 10.39 -6.88
C PRO A 49 3.85 11.11 -5.91
N ARG A 50 4.32 12.30 -6.27
CA ARG A 50 5.20 13.08 -5.38
C ARG A 50 4.48 13.43 -4.07
N GLY A 51 3.21 13.81 -4.16
CA GLY A 51 2.43 14.17 -2.98
C GLY A 51 2.02 12.97 -2.13
N GLN A 52 2.08 11.78 -2.70
CA GLN A 52 1.71 10.56 -1.98
C GLN A 52 2.77 10.18 -0.92
N LYS A 53 2.63 10.77 0.27
CA LYS A 53 3.54 10.47 1.39
C LYS A 53 3.06 9.24 2.19
N LEU A 54 3.55 8.06 1.78
CA LEU A 54 3.24 6.81 2.48
C LEU A 54 4.04 6.71 3.79
N ILE A 55 3.34 6.71 4.93
CA ILE A 55 3.99 6.69 6.24
C ILE A 55 3.55 5.47 7.07
N PHE A 56 4.51 4.64 7.48
CA PHE A 56 4.23 3.44 8.28
C PHE A 56 5.23 3.34 9.45
N LYS A 57 4.73 2.97 10.63
CA LYS A 57 5.54 2.91 11.87
C LYS A 57 6.12 4.29 12.24
N GLY A 58 5.65 5.34 11.55
CA GLY A 58 6.17 6.69 11.79
C GLY A 58 7.12 7.16 10.68
N LYS A 59 7.68 6.23 9.92
CA LYS A 59 8.65 6.55 8.87
C LYS A 59 8.01 6.53 7.47
N VAL A 60 8.41 7.48 6.62
CA VAL A 60 8.00 7.47 5.21
C VAL A 60 8.72 6.33 4.46
N LEU A 61 7.94 5.47 3.80
CA LEU A 61 8.52 4.30 3.12
C LEU A 61 9.42 4.70 1.94
N VAL A 62 10.65 4.19 1.93
CA VAL A 62 11.58 4.43 0.83
C VAL A 62 11.09 3.76 -0.46
N GLU A 63 11.09 4.50 -1.57
CA GLU A 63 10.52 4.03 -2.83
C GLU A 63 11.29 2.84 -3.44
N THR A 64 12.39 2.45 -2.81
CA THR A 64 13.17 1.27 -3.22
C THR A 64 12.69 0.00 -2.49
N SER A 65 11.81 0.18 -1.52
CA SER A 65 11.31 -0.93 -0.68
C SER A 65 9.94 -1.43 -1.14
N THR A 66 9.55 -2.61 -0.66
CA THR A 66 8.28 -3.24 -1.01
C THR A 66 7.35 -3.34 0.21
N LEU A 67 6.13 -3.85 0.00
CA LEU A 67 5.19 -4.07 1.10
C LEU A 67 5.79 -5.04 2.14
N LYS A 68 6.35 -6.15 1.66
CA LYS A 68 6.94 -7.17 2.54
C LYS A 68 8.17 -6.62 3.28
N GLN A 69 8.98 -5.83 2.58
CA GLN A 69 10.17 -5.21 3.18
C GLN A 69 9.80 -4.13 4.22
N SER A 70 8.65 -3.49 4.03
CA SER A 70 8.18 -2.45 4.96
C SER A 70 7.31 -3.06 6.07
N ASP A 71 7.25 -4.39 6.12
CA ASP A 71 6.49 -5.13 7.14
C ASP A 71 4.96 -4.97 6.97
N VAL A 72 4.54 -4.50 5.80
CA VAL A 72 3.12 -4.45 5.47
C VAL A 72 2.66 -5.81 4.92
N GLY A 73 1.99 -6.59 5.76
CA GLY A 73 1.52 -7.92 5.35
C GLY A 73 0.01 -7.99 5.22
N SER A 74 -0.54 -9.22 5.20
CA SER A 74 -1.99 -9.41 5.07
C SER A 74 -2.73 -8.88 6.30
N GLY A 75 -3.11 -7.60 6.25
CA GLY A 75 -3.81 -6.97 7.37
C GLY A 75 -3.00 -5.85 8.01
N ALA A 76 -2.87 -4.73 7.30
CA ALA A 76 -2.13 -3.57 7.80
C ALA A 76 -2.79 -2.26 7.35
N LYS A 77 -2.46 -1.15 8.01
CA LYS A 77 -3.02 0.16 7.67
C LYS A 77 -1.92 1.21 7.45
N LEU A 78 -1.94 1.88 6.30
CA LEU A 78 -0.91 2.86 5.95
C LEU A 78 -1.43 4.31 6.09
N MET A 79 -0.64 5.16 6.75
CA MET A 79 -0.97 6.58 6.88
C MET A 79 -0.49 7.36 5.66
N LEU A 80 -1.42 7.86 4.84
CA LEU A 80 -1.07 8.58 3.61
C LEU A 80 -1.35 10.08 3.74
N MET A 81 -0.28 10.86 3.84
CA MET A 81 -0.39 12.32 3.89
C MET A 81 -0.42 12.92 2.48
N ALA A 82 -1.62 12.99 1.90
CA ALA A 82 -1.80 13.50 0.53
C ALA A 82 -3.14 14.24 0.38
N SER A 83 -3.19 15.21 -0.54
CA SER A 83 -4.41 15.97 -0.79
C SER A 83 -4.90 15.81 -2.24
N GLN A 84 -6.10 16.32 -2.52
CA GLN A 84 -6.72 16.18 -3.85
C GLN A 84 -6.62 17.49 -4.63
N GLY A 85 -5.82 17.49 -5.71
CA GLY A 85 -5.66 18.67 -6.56
C GLY A 85 -4.30 19.34 -6.41
N MET A 1 -14.14 -28.72 5.75
CA MET A 1 -14.23 -27.63 6.75
C MET A 1 -12.95 -27.57 7.61
N GLY A 2 -12.85 -26.53 8.45
CA GLY A 2 -11.70 -26.39 9.33
C GLY A 2 -10.75 -25.27 8.90
N HIS A 3 -9.46 -25.58 8.84
CA HIS A 3 -8.46 -24.59 8.44
C HIS A 3 -8.39 -24.44 6.92
N HIS A 4 -8.78 -23.27 6.44
CA HIS A 4 -8.94 -23.00 5.01
C HIS A 4 -7.59 -22.85 4.30
N HIS A 5 -7.15 -23.92 3.65
CA HIS A 5 -5.90 -23.91 2.90
C HIS A 5 -6.03 -23.06 1.62
N HIS A 6 -5.89 -21.74 1.78
CA HIS A 6 -5.99 -20.81 0.65
C HIS A 6 -4.83 -20.97 -0.34
N HIS A 7 -5.02 -20.46 -1.56
CA HIS A 7 -3.97 -20.51 -2.59
C HIS A 7 -2.90 -19.43 -2.35
N HIS A 8 -1.69 -19.67 -2.88
CA HIS A 8 -0.63 -18.65 -2.86
C HIS A 8 -0.49 -17.94 -4.22
N SER A 9 -0.87 -18.63 -5.29
CA SER A 9 -0.79 -18.07 -6.65
C SER A 9 -1.58 -16.76 -6.78
N HIS A 10 -0.87 -15.67 -7.09
CA HIS A 10 -1.49 -14.35 -7.26
C HIS A 10 -2.20 -13.87 -5.97
N SER A 11 -1.75 -14.37 -4.82
CA SER A 11 -2.31 -13.95 -3.52
C SER A 11 -2.03 -12.46 -3.25
N THR A 12 -3.04 -11.75 -2.75
CA THR A 12 -2.92 -10.31 -2.50
C THR A 12 -3.23 -9.95 -1.04
N ILE A 13 -2.42 -9.05 -0.48
CA ILE A 13 -2.63 -8.58 0.88
C ILE A 13 -3.61 -7.40 0.90
N LYS A 14 -4.59 -7.44 1.81
CA LYS A 14 -5.58 -6.37 1.92
C LYS A 14 -5.21 -5.40 3.05
N LEU A 15 -4.68 -4.25 2.66
CA LEU A 15 -4.27 -3.20 3.60
C LEU A 15 -5.39 -2.16 3.80
N THR A 16 -5.16 -1.21 4.69
CA THR A 16 -6.13 -0.12 4.93
C THR A 16 -5.42 1.22 5.15
N VAL A 17 -5.43 2.07 4.13
CA VAL A 17 -4.71 3.35 4.17
C VAL A 17 -5.61 4.52 4.60
N LYS A 18 -5.06 5.46 5.36
CA LYS A 18 -5.80 6.64 5.80
C LYS A 18 -5.71 7.80 4.78
N PHE A 19 -6.82 8.09 4.13
CA PHE A 19 -6.95 9.31 3.31
C PHE A 19 -7.47 10.47 4.18
N GLY A 20 -6.63 10.92 5.11
CA GLY A 20 -7.05 11.91 6.09
C GLY A 20 -8.14 11.37 7.03
N GLY A 21 -9.40 11.71 6.74
CA GLY A 21 -10.52 11.20 7.53
C GLY A 21 -11.15 9.95 6.93
N LYS A 22 -10.56 9.46 5.84
CA LYS A 22 -11.06 8.26 5.15
C LYS A 22 -10.15 7.04 5.41
N SER A 23 -10.75 5.86 5.45
CA SER A 23 -9.99 4.60 5.58
C SER A 23 -10.25 3.69 4.37
N ILE A 24 -9.31 3.68 3.42
CA ILE A 24 -9.49 2.97 2.15
C ILE A 24 -8.77 1.60 2.17
N PRO A 25 -9.51 0.49 1.98
CA PRO A 25 -8.91 -0.84 1.86
C PRO A 25 -8.29 -1.09 0.47
N LEU A 26 -7.04 -1.57 0.45
CA LEU A 26 -6.29 -1.79 -0.80
C LEU A 26 -5.73 -3.22 -0.89
N SER A 27 -6.03 -3.91 -1.98
CA SER A 27 -5.54 -5.29 -2.20
C SER A 27 -4.38 -5.29 -3.22
N VAL A 28 -3.15 -5.48 -2.72
CA VAL A 28 -1.95 -5.49 -3.58
C VAL A 28 -1.03 -6.67 -3.26
N SER A 29 0.06 -6.82 -4.02
CA SER A 29 1.06 -7.88 -3.78
C SER A 29 2.26 -7.33 -2.99
N PRO A 30 2.69 -8.03 -1.92
CA PRO A 30 3.77 -7.56 -1.03
C PRO A 30 5.11 -7.35 -1.75
N ASP A 31 5.35 -8.09 -2.82
CA ASP A 31 6.61 -7.99 -3.58
C ASP A 31 6.69 -6.68 -4.42
N CYS A 32 5.59 -5.94 -4.49
CA CYS A 32 5.57 -4.64 -5.20
C CYS A 32 6.19 -3.52 -4.36
N THR A 33 6.79 -2.55 -5.03
CA THR A 33 7.39 -1.39 -4.34
C THR A 33 6.34 -0.33 -4.01
N VAL A 34 6.63 0.54 -3.06
CA VAL A 34 5.71 1.62 -2.71
C VAL A 34 5.61 2.66 -3.84
N LYS A 35 6.64 2.72 -4.69
CA LYS A 35 6.59 3.56 -5.89
C LYS A 35 5.68 2.95 -6.95
N ASP A 36 5.69 1.61 -7.04
CA ASP A 36 4.74 0.89 -7.89
C ASP A 36 3.30 1.16 -7.42
N LEU A 37 3.10 1.19 -6.10
CA LEU A 37 1.81 1.56 -5.51
C LEU A 37 1.38 2.95 -5.98
N LYS A 38 2.29 3.93 -5.95
CA LYS A 38 2.00 5.28 -6.45
C LYS A 38 1.43 5.23 -7.87
N SER A 39 2.05 4.41 -8.72
CA SER A 39 1.63 4.26 -10.12
C SER A 39 0.28 3.55 -10.23
N GLN A 40 0.02 2.60 -9.34
CA GLN A 40 -1.23 1.83 -9.36
C GLN A 40 -2.42 2.66 -8.80
N LEU A 41 -2.17 3.40 -7.73
CA LEU A 41 -3.21 4.22 -7.10
C LEU A 41 -3.52 5.50 -7.89
N GLN A 42 -2.51 6.04 -8.58
CA GLN A 42 -2.64 7.32 -9.31
C GLN A 42 -3.87 7.37 -10.24
N PRO A 43 -4.08 6.37 -11.13
CA PRO A 43 -5.24 6.37 -12.06
C PRO A 43 -6.60 6.26 -11.33
N ILE A 44 -6.55 5.91 -10.04
CA ILE A 44 -7.77 5.75 -9.23
C ILE A 44 -8.05 6.99 -8.37
N THR A 45 -7.03 7.43 -7.64
CA THR A 45 -7.16 8.55 -6.70
C THR A 45 -6.88 9.91 -7.37
N ASN A 46 -6.22 9.88 -8.54
CA ASN A 46 -5.92 11.09 -9.32
C ASN A 46 -4.88 12.01 -8.65
N VAL A 47 -4.13 11.47 -7.69
CA VAL A 47 -3.05 12.22 -7.03
C VAL A 47 -1.67 11.84 -7.62
N LEU A 48 -0.76 12.82 -7.71
CA LEU A 48 0.56 12.60 -8.32
C LEU A 48 1.52 11.85 -7.38
N PRO A 49 2.44 11.04 -7.96
CA PRO A 49 3.42 10.23 -7.18
C PRO A 49 4.29 11.08 -6.22
N ARG A 50 4.46 12.36 -6.53
CA ARG A 50 5.20 13.28 -5.67
C ARG A 50 4.41 13.62 -4.39
N GLY A 51 3.09 13.76 -4.52
CA GLY A 51 2.25 14.10 -3.38
C GLY A 51 1.90 12.89 -2.52
N GLN A 52 1.99 11.70 -3.10
CA GLN A 52 1.67 10.45 -2.38
C GLN A 52 2.74 10.09 -1.33
N LYS A 53 2.55 10.58 -0.11
CA LYS A 53 3.42 10.21 1.01
C LYS A 53 2.89 8.97 1.75
N LEU A 54 3.51 7.81 1.49
CA LEU A 54 3.14 6.57 2.17
C LEU A 54 3.89 6.41 3.51
N ILE A 55 3.17 6.55 4.61
CA ILE A 55 3.77 6.45 5.95
C ILE A 55 3.20 5.26 6.74
N PHE A 56 4.07 4.51 7.41
CA PHE A 56 3.65 3.35 8.20
C PHE A 56 4.62 3.08 9.36
N LYS A 57 4.08 2.94 10.58
CA LYS A 57 4.88 2.65 11.78
C LYS A 57 5.98 3.71 12.02
N GLY A 58 5.72 4.95 11.57
CA GLY A 58 6.67 6.04 11.78
C GLY A 58 7.68 6.22 10.67
N LYS A 59 7.72 5.28 9.72
CA LYS A 59 8.65 5.36 8.60
C LYS A 59 7.95 5.80 7.30
N VAL A 60 8.45 6.88 6.70
CA VAL A 60 8.01 7.27 5.36
C VAL A 60 8.62 6.31 4.32
N LEU A 61 7.79 5.46 3.74
CA LEU A 61 8.24 4.41 2.83
C LEU A 61 9.09 4.96 1.66
N VAL A 62 10.37 4.61 1.65
CA VAL A 62 11.27 4.96 0.55
C VAL A 62 10.83 4.29 -0.76
N GLU A 63 10.91 5.00 -1.88
CA GLU A 63 10.43 4.48 -3.17
C GLU A 63 11.09 3.15 -3.55
N THR A 64 12.33 2.95 -3.10
CA THR A 64 13.08 1.71 -3.38
C THR A 64 12.74 0.60 -2.36
N SER A 65 11.69 0.81 -1.56
CA SER A 65 11.24 -0.21 -0.59
C SER A 65 9.91 -0.85 -1.02
N THR A 66 9.76 -2.14 -0.72
CA THR A 66 8.49 -2.85 -0.98
C THR A 66 7.69 -3.00 0.31
N LEU A 67 6.45 -3.50 0.20
CA LEU A 67 5.64 -3.81 1.38
C LEU A 67 6.28 -4.98 2.15
N LYS A 68 6.77 -5.95 1.38
CA LYS A 68 7.45 -7.13 1.90
C LYS A 68 8.68 -6.75 2.75
N GLN A 69 9.47 -5.81 2.25
CA GLN A 69 10.68 -5.35 2.93
C GLN A 69 10.37 -4.52 4.19
N SER A 70 9.13 -4.06 4.32
CA SER A 70 8.71 -3.28 5.49
C SER A 70 7.79 -4.09 6.40
N ASP A 71 7.69 -5.41 6.14
CA ASP A 71 6.86 -6.32 6.93
C ASP A 71 5.36 -5.95 6.90
N VAL A 72 4.94 -5.30 5.82
CA VAL A 72 3.54 -4.90 5.67
C VAL A 72 2.69 -6.08 5.14
N GLY A 73 1.98 -6.76 6.05
CA GLY A 73 1.11 -7.88 5.67
C GLY A 73 -0.36 -7.51 5.67
N SER A 74 -1.21 -8.43 5.19
CA SER A 74 -2.66 -8.18 5.08
C SER A 74 -3.28 -7.79 6.43
N GLY A 75 -3.98 -6.66 6.44
CA GLY A 75 -4.56 -6.14 7.69
C GLY A 75 -3.77 -4.96 8.28
N ALA A 76 -2.67 -4.59 7.61
CA ALA A 76 -1.87 -3.45 8.06
C ALA A 76 -2.52 -2.11 7.65
N LYS A 77 -2.48 -1.14 8.57
CA LYS A 77 -3.08 0.18 8.32
C LYS A 77 -2.04 1.23 7.96
N LEU A 78 -2.07 1.70 6.71
CA LEU A 78 -1.12 2.69 6.20
C LEU A 78 -1.68 4.12 6.34
N MET A 79 -0.82 5.11 6.12
CA MET A 79 -1.26 6.52 6.10
C MET A 79 -0.78 7.21 4.81
N LEU A 80 -1.72 7.77 4.05
CA LEU A 80 -1.36 8.49 2.82
C LEU A 80 -1.50 10.01 3.02
N MET A 81 -0.36 10.67 3.27
CA MET A 81 -0.36 12.12 3.46
C MET A 81 -0.33 12.83 2.10
N ALA A 82 -1.49 12.89 1.45
CA ALA A 82 -1.61 13.50 0.12
C ALA A 82 -2.76 14.51 0.07
N SER A 83 -2.58 15.58 -0.72
CA SER A 83 -3.59 16.64 -0.90
C SER A 83 -4.04 17.26 0.44
N GLN A 84 -3.23 17.08 1.48
CA GLN A 84 -3.55 17.61 2.82
C GLN A 84 -2.29 18.15 3.51
N GLY A 85 -2.47 18.63 4.75
CA GLY A 85 -1.34 19.10 5.55
C GLY A 85 -1.18 18.31 6.86
N MET A 1 -18.90 -21.11 8.67
CA MET A 1 -17.92 -21.94 7.93
C MET A 1 -16.50 -21.36 8.03
N GLY A 2 -15.49 -22.16 7.67
CA GLY A 2 -14.11 -21.69 7.66
C GLY A 2 -13.81 -20.74 6.51
N HIS A 3 -14.29 -19.49 6.63
CA HIS A 3 -14.16 -18.50 5.56
C HIS A 3 -12.70 -18.10 5.26
N HIS A 4 -11.76 -18.53 6.11
CA HIS A 4 -10.33 -18.35 5.83
C HIS A 4 -9.79 -19.50 4.99
N HIS A 5 -9.53 -19.25 3.71
CA HIS A 5 -9.03 -20.29 2.80
C HIS A 5 -7.50 -20.20 2.61
N HIS A 6 -6.78 -21.20 3.13
CA HIS A 6 -5.30 -21.21 3.04
C HIS A 6 -4.82 -21.51 1.60
N HIS A 7 -4.05 -20.59 1.03
CA HIS A 7 -3.43 -20.78 -0.29
C HIS A 7 -2.07 -20.08 -0.36
N HIS A 8 -1.07 -20.75 -0.93
CA HIS A 8 0.28 -20.18 -1.07
C HIS A 8 0.34 -19.16 -2.22
N SER A 9 -0.22 -19.53 -3.37
CA SER A 9 -0.24 -18.65 -4.55
C SER A 9 -1.43 -17.67 -4.53
N HIS A 10 -1.34 -16.63 -5.36
CA HIS A 10 -2.40 -15.61 -5.47
C HIS A 10 -2.73 -14.96 -4.11
N SER A 11 -1.77 -15.02 -3.18
CA SER A 11 -1.96 -14.46 -1.83
C SER A 11 -1.82 -12.93 -1.86
N THR A 12 -2.89 -12.24 -2.24
CA THR A 12 -2.90 -10.78 -2.29
C THR A 12 -3.28 -10.17 -0.93
N ILE A 13 -2.35 -9.41 -0.37
CA ILE A 13 -2.53 -8.85 0.98
C ILE A 13 -3.34 -7.54 0.95
N LYS A 14 -4.11 -7.30 2.01
CA LYS A 14 -4.96 -6.09 2.12
C LYS A 14 -4.21 -4.93 2.81
N LEU A 15 -3.98 -3.86 2.05
CA LEU A 15 -3.42 -2.62 2.60
C LEU A 15 -4.53 -1.59 2.83
N THR A 16 -4.65 -1.12 4.07
CA THR A 16 -5.63 -0.08 4.40
C THR A 16 -4.98 1.31 4.32
N VAL A 17 -5.03 1.92 3.13
CA VAL A 17 -4.43 3.24 2.90
C VAL A 17 -5.38 4.38 3.32
N LYS A 18 -4.97 5.15 4.31
CA LYS A 18 -5.81 6.24 4.84
C LYS A 18 -5.54 7.58 4.17
N PHE A 19 -6.45 8.01 3.29
CA PHE A 19 -6.45 9.39 2.79
C PHE A 19 -7.07 10.33 3.84
N GLY A 20 -6.27 10.72 4.83
CA GLY A 20 -6.78 11.52 5.94
C GLY A 20 -7.79 10.75 6.80
N GLY A 21 -9.04 10.73 6.35
CA GLY A 21 -10.08 9.96 7.03
C GLY A 21 -10.72 8.90 6.12
N LYS A 22 -10.20 8.77 4.91
CA LYS A 22 -10.72 7.79 3.94
C LYS A 22 -9.92 6.48 4.00
N SER A 23 -10.56 5.42 4.48
CA SER A 23 -9.90 4.10 4.55
C SER A 23 -10.04 3.35 3.23
N ILE A 24 -8.96 3.34 2.45
CA ILE A 24 -8.95 2.66 1.15
C ILE A 24 -8.35 1.24 1.25
N PRO A 25 -9.19 0.19 1.22
CA PRO A 25 -8.73 -1.20 1.30
C PRO A 25 -8.32 -1.79 -0.08
N LEU A 26 -7.02 -2.01 -0.27
CA LEU A 26 -6.49 -2.52 -1.55
C LEU A 26 -5.84 -3.90 -1.39
N SER A 27 -6.24 -4.87 -2.21
CA SER A 27 -5.60 -6.18 -2.24
C SER A 27 -4.48 -6.23 -3.29
N VAL A 28 -3.23 -6.19 -2.84
CA VAL A 28 -2.08 -6.13 -3.76
C VAL A 28 -1.04 -7.22 -3.43
N SER A 29 0.05 -7.25 -4.23
CA SER A 29 1.13 -8.21 -4.03
C SER A 29 2.20 -7.66 -3.07
N PRO A 30 2.63 -8.45 -2.05
CA PRO A 30 3.65 -8.00 -1.10
C PRO A 30 5.03 -7.78 -1.74
N ASP A 31 5.27 -8.46 -2.86
CA ASP A 31 6.54 -8.35 -3.59
C ASP A 31 6.63 -7.04 -4.39
N CYS A 32 5.53 -6.29 -4.47
CA CYS A 32 5.48 -5.02 -5.20
C CYS A 32 6.11 -3.88 -4.38
N THR A 33 6.64 -2.88 -5.08
CA THR A 33 7.24 -1.71 -4.43
C THR A 33 6.17 -0.68 -4.04
N VAL A 34 6.46 0.13 -3.02
CA VAL A 34 5.55 1.20 -2.62
C VAL A 34 5.45 2.29 -3.71
N LYS A 35 6.41 2.31 -4.63
CA LYS A 35 6.37 3.21 -5.79
C LYS A 35 5.25 2.76 -6.75
N ASP A 36 5.04 1.45 -6.84
CA ASP A 36 3.96 0.89 -7.64
C ASP A 36 2.60 1.31 -7.06
N LEU A 37 2.49 1.27 -5.72
CA LEU A 37 1.30 1.76 -5.00
C LEU A 37 0.93 3.18 -5.44
N LYS A 38 1.94 4.06 -5.50
CA LYS A 38 1.74 5.45 -5.97
C LYS A 38 1.03 5.48 -7.33
N SER A 39 1.42 4.57 -8.23
CA SER A 39 0.85 4.51 -9.58
C SER A 39 -0.47 3.70 -9.62
N GLN A 40 -0.75 2.96 -8.56
CA GLN A 40 -2.03 2.24 -8.44
C GLN A 40 -3.15 3.16 -7.93
N LEU A 41 -2.82 4.02 -6.98
CA LEU A 41 -3.77 5.02 -6.47
C LEU A 41 -3.91 6.23 -7.42
N GLN A 42 -2.82 6.56 -8.11
CA GLN A 42 -2.77 7.74 -9.00
C GLN A 42 -3.99 7.82 -9.97
N PRO A 43 -4.30 6.76 -10.76
CA PRO A 43 -5.42 6.79 -11.72
C PRO A 43 -6.80 6.83 -11.02
N ILE A 44 -6.81 6.49 -9.73
CA ILE A 44 -8.06 6.47 -8.94
C ILE A 44 -8.35 7.83 -8.28
N THR A 45 -7.36 8.33 -7.54
CA THR A 45 -7.52 9.56 -6.74
C THR A 45 -6.91 10.80 -7.42
N ASN A 46 -6.22 10.58 -8.54
CA ASN A 46 -5.58 11.68 -9.32
C ASN A 46 -4.38 12.30 -8.58
N VAL A 47 -3.99 11.72 -7.44
CA VAL A 47 -2.89 12.28 -6.64
C VAL A 47 -1.51 11.91 -7.20
N LEU A 48 -0.66 12.91 -7.37
CA LEU A 48 0.70 12.71 -7.86
C LEU A 48 1.53 11.83 -6.91
N PRO A 49 2.33 10.87 -7.45
CA PRO A 49 3.22 10.02 -6.64
C PRO A 49 4.16 10.84 -5.73
N ARG A 50 4.47 12.06 -6.17
CA ARG A 50 5.22 13.02 -5.37
C ARG A 50 4.50 13.33 -4.05
N GLY A 51 3.23 13.73 -4.14
CA GLY A 51 2.45 14.07 -2.96
C GLY A 51 2.11 12.86 -2.11
N GLN A 52 1.88 11.71 -2.76
CA GLN A 52 1.56 10.46 -2.06
C GLN A 52 2.70 10.02 -1.13
N LYS A 53 2.69 10.54 0.10
CA LYS A 53 3.68 10.17 1.11
C LYS A 53 3.15 9.10 2.06
N LEU A 54 3.49 7.84 1.75
CA LEU A 54 3.07 6.70 2.57
C LEU A 54 3.83 6.67 3.90
N ILE A 55 3.12 6.89 5.00
CA ILE A 55 3.74 6.90 6.33
C ILE A 55 3.14 5.80 7.24
N PHE A 56 3.92 4.74 7.47
CA PHE A 56 3.50 3.60 8.28
C PHE A 56 4.29 3.58 9.61
N LYS A 57 3.57 3.60 10.74
CA LYS A 57 4.20 3.60 12.08
C LYS A 57 5.09 4.85 12.29
N GLY A 58 4.87 5.89 11.48
CA GLY A 58 5.71 7.07 11.54
C GLY A 58 6.85 7.06 10.53
N LYS A 59 7.04 5.91 9.87
CA LYS A 59 8.09 5.73 8.86
C LYS A 59 7.58 6.06 7.45
N VAL A 60 8.39 6.78 6.68
CA VAL A 60 8.05 7.07 5.29
C VAL A 60 8.63 5.99 4.36
N LEU A 61 7.75 5.36 3.58
CA LEU A 61 8.15 4.26 2.70
C LEU A 61 8.92 4.74 1.46
N VAL A 62 10.21 4.41 1.40
CA VAL A 62 11.05 4.73 0.23
C VAL A 62 10.56 3.96 -1.01
N GLU A 63 10.49 4.64 -2.15
CA GLU A 63 9.93 4.07 -3.40
C GLU A 63 10.44 2.65 -3.72
N THR A 64 11.75 2.45 -3.60
CA THR A 64 12.38 1.16 -3.98
C THR A 64 12.06 0.04 -2.99
N SER A 65 11.48 0.38 -1.84
CA SER A 65 11.14 -0.61 -0.81
C SER A 65 9.82 -1.31 -1.15
N THR A 66 9.79 -2.63 -1.01
CA THR A 66 8.56 -3.41 -1.22
C THR A 66 7.81 -3.60 0.10
N LEU A 67 6.51 -3.87 0.01
CA LEU A 67 5.69 -4.09 1.20
C LEU A 67 6.27 -5.22 2.06
N LYS A 68 6.73 -6.27 1.39
CA LYS A 68 7.36 -7.42 2.06
C LYS A 68 8.66 -7.02 2.78
N GLN A 69 9.47 -6.17 2.15
CA GLN A 69 10.74 -5.73 2.71
C GLN A 69 10.55 -4.86 3.97
N SER A 70 9.48 -4.05 3.98
CA SER A 70 9.22 -3.14 5.13
C SER A 70 8.23 -3.76 6.14
N ASP A 71 7.99 -5.07 6.02
CA ASP A 71 7.13 -5.81 6.97
C ASP A 71 5.66 -5.33 6.94
N VAL A 72 5.22 -4.80 5.82
CA VAL A 72 3.82 -4.40 5.64
C VAL A 72 2.97 -5.61 5.20
N GLY A 73 2.27 -6.24 6.15
CA GLY A 73 1.51 -7.46 5.85
C GLY A 73 0.01 -7.23 5.67
N SER A 74 -0.72 -8.33 5.50
CA SER A 74 -2.18 -8.29 5.30
C SER A 74 -2.91 -7.72 6.51
N GLY A 75 -3.52 -6.54 6.35
CA GLY A 75 -4.25 -5.91 7.43
C GLY A 75 -3.55 -4.67 7.99
N ALA A 76 -2.44 -4.29 7.36
CA ALA A 76 -1.67 -3.11 7.76
C ALA A 76 -2.42 -1.81 7.40
N LYS A 77 -2.24 -0.78 8.23
CA LYS A 77 -2.90 0.52 8.03
C LYS A 77 -1.87 1.63 7.77
N LEU A 78 -1.91 2.21 6.57
CA LEU A 78 -0.91 3.21 6.15
C LEU A 78 -1.47 4.64 6.28
N MET A 79 -0.74 5.51 6.98
CA MET A 79 -1.11 6.92 7.07
C MET A 79 -0.57 7.69 5.85
N LEU A 80 -1.45 7.96 4.88
CA LEU A 80 -1.03 8.62 3.64
C LEU A 80 -1.18 10.14 3.73
N MET A 81 -0.04 10.83 3.81
CA MET A 81 -0.04 12.29 3.82
C MET A 81 -0.24 12.85 2.40
N ALA A 82 -1.43 13.36 2.12
CA ALA A 82 -1.77 13.89 0.79
C ALA A 82 -2.45 15.26 0.86
N SER A 83 -2.19 16.10 -0.14
CA SER A 83 -2.78 17.45 -0.21
C SER A 83 -3.97 17.48 -1.17
N GLN A 84 -5.06 18.12 -0.74
CA GLN A 84 -6.28 18.22 -1.56
C GLN A 84 -6.11 19.24 -2.69
N GLY A 85 -5.69 20.45 -2.33
CA GLY A 85 -5.53 21.53 -3.31
C GLY A 85 -6.66 22.55 -3.27
N MET A 1 -8.18 -26.75 20.32
CA MET A 1 -6.78 -26.94 19.82
C MET A 1 -6.72 -26.72 18.30
N GLY A 2 -5.97 -25.72 17.86
CA GLY A 2 -5.87 -25.42 16.43
C GLY A 2 -4.44 -25.42 15.91
N HIS A 3 -4.15 -26.26 14.91
CA HIS A 3 -2.83 -26.33 14.29
C HIS A 3 -2.71 -25.32 13.15
N HIS A 4 -1.53 -24.70 13.02
CA HIS A 4 -1.28 -23.72 11.96
C HIS A 4 0.01 -24.03 11.21
N HIS A 5 -0.11 -24.33 9.92
CA HIS A 5 1.04 -24.64 9.06
C HIS A 5 1.04 -23.70 7.84
N HIS A 6 1.96 -22.74 7.83
CA HIS A 6 1.95 -21.66 6.82
C HIS A 6 2.31 -22.16 5.42
N HIS A 7 1.36 -22.02 4.49
CA HIS A 7 1.56 -22.38 3.09
C HIS A 7 2.05 -21.19 2.27
N HIS A 8 3.31 -21.21 1.86
CA HIS A 8 3.91 -20.12 1.07
C HIS A 8 3.41 -20.17 -0.38
N SER A 9 3.04 -19.01 -0.93
CA SER A 9 2.51 -18.92 -2.30
C SER A 9 2.31 -17.47 -2.74
N HIS A 10 1.93 -17.27 -4.01
CA HIS A 10 1.64 -15.94 -4.53
C HIS A 10 0.30 -15.42 -3.99
N SER A 11 0.31 -14.87 -2.78
CA SER A 11 -0.90 -14.33 -2.15
C SER A 11 -0.90 -12.80 -2.15
N THR A 12 -2.04 -12.20 -1.81
CA THR A 12 -2.19 -10.73 -1.80
C THR A 12 -2.45 -10.20 -0.39
N ILE A 13 -1.67 -9.21 0.03
CA ILE A 13 -1.87 -8.57 1.33
C ILE A 13 -2.89 -7.43 1.25
N LYS A 14 -3.88 -7.45 2.12
CA LYS A 14 -4.94 -6.44 2.14
C LYS A 14 -4.53 -5.21 2.96
N LEU A 15 -4.02 -4.19 2.28
CA LEU A 15 -3.58 -2.96 2.95
C LEU A 15 -4.70 -1.91 2.98
N THR A 16 -4.76 -1.13 4.05
CA THR A 16 -5.78 -0.07 4.18
C THR A 16 -5.15 1.32 4.10
N VAL A 17 -5.25 1.95 2.94
CA VAL A 17 -4.67 3.28 2.72
C VAL A 17 -5.58 4.39 3.25
N LYS A 18 -5.08 5.18 4.18
CA LYS A 18 -5.84 6.30 4.77
C LYS A 18 -5.63 7.61 4.00
N PHE A 19 -6.52 7.88 3.03
CA PHE A 19 -6.51 9.16 2.31
C PHE A 19 -7.21 10.24 3.14
N GLY A 20 -6.50 10.80 4.12
CA GLY A 20 -7.08 11.81 5.00
C GLY A 20 -8.23 11.28 5.85
N GLY A 21 -9.41 11.15 5.24
CA GLY A 21 -10.57 10.57 5.93
C GLY A 21 -11.13 9.35 5.20
N LYS A 22 -10.44 8.93 4.14
CA LYS A 22 -10.85 7.74 3.36
C LYS A 22 -10.04 6.50 3.76
N SER A 23 -10.73 5.46 4.20
CA SER A 23 -10.07 4.17 4.51
C SER A 23 -10.22 3.20 3.33
N ILE A 24 -9.23 3.19 2.45
CA ILE A 24 -9.29 2.40 1.21
C ILE A 24 -8.62 1.02 1.37
N PRO A 25 -9.40 -0.07 1.40
CA PRO A 25 -8.88 -1.44 1.48
C PRO A 25 -8.50 -2.02 0.10
N LEU A 26 -7.20 -2.24 -0.12
CA LEU A 26 -6.71 -2.78 -1.41
C LEU A 26 -5.90 -4.07 -1.19
N SER A 27 -6.15 -5.08 -2.03
CA SER A 27 -5.44 -6.37 -1.94
C SER A 27 -4.29 -6.41 -2.97
N VAL A 28 -3.09 -6.06 -2.54
CA VAL A 28 -1.93 -6.01 -3.43
C VAL A 28 -0.92 -7.12 -3.12
N SER A 29 0.04 -7.33 -4.01
CA SER A 29 1.09 -8.34 -3.79
C SER A 29 2.20 -7.80 -2.87
N PRO A 30 2.70 -8.62 -1.93
CA PRO A 30 3.74 -8.21 -0.97
C PRO A 30 5.06 -7.77 -1.65
N ASP A 31 5.31 -8.30 -2.85
CA ASP A 31 6.50 -7.95 -3.63
C ASP A 31 6.31 -6.64 -4.41
N CYS A 32 5.19 -5.97 -4.21
CA CYS A 32 4.94 -4.65 -4.81
C CYS A 32 5.59 -3.54 -3.98
N THR A 33 6.00 -2.46 -4.62
CA THR A 33 6.64 -1.34 -3.92
C THR A 33 5.62 -0.26 -3.56
N VAL A 34 5.99 0.65 -2.67
CA VAL A 34 5.13 1.79 -2.33
C VAL A 34 5.02 2.76 -3.51
N LYS A 35 6.02 2.73 -4.40
CA LYS A 35 5.98 3.49 -5.65
C LYS A 35 4.94 2.88 -6.60
N ASP A 36 4.89 1.55 -6.63
CA ASP A 36 3.86 0.82 -7.37
C ASP A 36 2.46 1.20 -6.86
N LEU A 37 2.31 1.25 -5.54
CA LEU A 37 1.07 1.69 -4.90
C LEU A 37 0.65 3.09 -5.36
N LYS A 38 1.55 4.07 -5.25
CA LYS A 38 1.26 5.44 -5.68
C LYS A 38 0.81 5.48 -7.15
N SER A 39 1.42 4.63 -7.97
CA SER A 39 1.08 4.53 -9.40
C SER A 39 -0.35 3.99 -9.60
N GLN A 40 -0.78 3.12 -8.70
CA GLN A 40 -2.14 2.57 -8.72
C GLN A 40 -3.16 3.60 -8.20
N LEU A 41 -2.80 4.28 -7.11
CA LEU A 41 -3.67 5.28 -6.47
C LEU A 41 -3.93 6.53 -7.36
N GLN A 42 -2.89 7.01 -8.06
CA GLN A 42 -2.99 8.27 -8.83
C GLN A 42 -4.22 8.31 -9.77
N PRO A 43 -4.38 7.34 -10.70
CA PRO A 43 -5.50 7.35 -11.66
C PRO A 43 -6.87 7.18 -10.99
N ILE A 44 -6.87 6.90 -9.69
CA ILE A 44 -8.11 6.74 -8.92
C ILE A 44 -8.47 8.04 -8.18
N THR A 45 -7.51 8.58 -7.44
CA THR A 45 -7.74 9.77 -6.60
C THR A 45 -7.30 11.07 -7.27
N ASN A 46 -6.66 10.97 -8.43
CA ASN A 46 -6.23 12.13 -9.23
C ASN A 46 -5.18 13.00 -8.52
N VAL A 47 -4.47 12.43 -7.54
CA VAL A 47 -3.44 13.16 -6.80
C VAL A 47 -2.02 12.85 -7.33
N LEU A 48 -1.12 13.83 -7.25
CA LEU A 48 0.26 13.67 -7.73
C LEU A 48 1.00 12.53 -7.00
N PRO A 49 1.70 11.65 -7.76
CA PRO A 49 2.43 10.51 -7.18
C PRO A 49 3.68 10.93 -6.38
N ARG A 50 4.17 12.13 -6.64
CA ARG A 50 5.34 12.66 -5.91
C ARG A 50 4.94 13.13 -4.49
N GLY A 51 3.76 13.74 -4.38
CA GLY A 51 3.30 14.28 -3.10
C GLY A 51 2.74 13.23 -2.14
N GLN A 52 2.35 12.07 -2.68
CA GLN A 52 1.80 10.98 -1.86
C GLN A 52 2.86 10.38 -0.91
N LYS A 53 2.90 10.88 0.32
CA LYS A 53 3.84 10.38 1.33
C LYS A 53 3.23 9.20 2.11
N LEU A 54 3.52 7.98 1.67
CA LEU A 54 3.09 6.76 2.37
C LEU A 54 3.89 6.55 3.66
N ILE A 55 3.19 6.62 4.81
CA ILE A 55 3.85 6.51 6.12
C ILE A 55 3.26 5.36 6.96
N PHE A 56 4.14 4.56 7.56
CA PHE A 56 3.75 3.45 8.43
C PHE A 56 4.68 3.37 9.64
N LYS A 57 4.12 3.17 10.84
CA LYS A 57 4.92 3.15 12.09
C LYS A 57 5.56 4.52 12.38
N GLY A 58 5.18 5.54 11.62
CA GLY A 58 5.82 6.85 11.72
C GLY A 58 7.05 6.96 10.81
N LYS A 59 7.24 5.95 9.97
CA LYS A 59 8.35 5.90 9.02
C LYS A 59 7.86 6.13 7.58
N VAL A 60 8.54 6.98 6.83
CA VAL A 60 8.22 7.17 5.41
C VAL A 60 8.93 6.09 4.56
N LEU A 61 8.16 5.26 3.88
CA LEU A 61 8.70 4.11 3.15
C LEU A 61 9.51 4.54 1.91
N VAL A 62 10.45 3.70 1.50
CA VAL A 62 11.30 3.98 0.33
C VAL A 62 10.66 3.40 -0.95
N GLU A 63 10.60 4.21 -2.01
CA GLU A 63 9.95 3.82 -3.27
C GLU A 63 10.54 2.54 -3.90
N THR A 64 11.83 2.30 -3.68
CA THR A 64 12.50 1.10 -4.19
C THR A 64 12.18 -0.14 -3.34
N SER A 65 11.67 0.09 -2.13
CA SER A 65 11.40 -1.00 -1.18
C SER A 65 9.99 -1.56 -1.33
N THR A 66 9.85 -2.88 -1.28
CA THR A 66 8.54 -3.53 -1.34
C THR A 66 7.91 -3.60 0.06
N LEU A 67 6.61 -3.89 0.11
CA LEU A 67 5.91 -4.06 1.39
C LEU A 67 6.48 -5.24 2.18
N LYS A 68 6.82 -6.32 1.49
CA LYS A 68 7.39 -7.50 2.14
C LYS A 68 8.80 -7.20 2.69
N GLN A 69 9.57 -6.40 1.96
CA GLN A 69 10.89 -5.93 2.44
C GLN A 69 10.75 -5.13 3.75
N SER A 70 9.56 -4.57 3.97
CA SER A 70 9.27 -3.82 5.21
C SER A 70 8.41 -4.66 6.17
N ASP A 71 8.24 -5.94 5.84
CA ASP A 71 7.48 -6.90 6.67
C ASP A 71 6.02 -6.47 6.91
N VAL A 72 5.50 -5.63 6.03
CA VAL A 72 4.10 -5.19 6.11
C VAL A 72 3.14 -6.33 5.72
N GLY A 73 2.33 -6.78 6.68
CA GLY A 73 1.41 -7.89 6.42
C GLY A 73 0.00 -7.46 6.03
N SER A 74 -0.89 -8.43 5.84
CA SER A 74 -2.27 -8.15 5.44
C SER A 74 -3.08 -7.59 6.61
N GLY A 75 -3.68 -6.42 6.41
CA GLY A 75 -4.44 -5.76 7.47
C GLY A 75 -3.72 -4.56 8.08
N ALA A 76 -2.66 -4.10 7.41
CA ALA A 76 -1.91 -2.92 7.86
C ALA A 76 -2.55 -1.62 7.35
N LYS A 77 -2.93 -0.75 8.27
CA LYS A 77 -3.55 0.53 7.92
C LYS A 77 -2.49 1.64 7.72
N LEU A 78 -2.23 1.97 6.46
CA LEU A 78 -1.16 2.93 6.10
C LEU A 78 -1.66 4.37 6.18
N MET A 79 -0.84 5.26 6.76
CA MET A 79 -1.17 6.68 6.83
C MET A 79 -0.61 7.42 5.61
N LEU A 80 -1.48 7.87 4.70
CA LEU A 80 -1.03 8.53 3.47
C LEU A 80 -1.17 10.06 3.55
N MET A 81 -0.03 10.74 3.64
CA MET A 81 0.01 12.20 3.61
C MET A 81 0.03 12.70 2.16
N ALA A 82 -1.16 12.95 1.61
CA ALA A 82 -1.31 13.44 0.24
C ALA A 82 -2.23 14.66 0.18
N SER A 83 -1.68 15.82 -0.15
CA SER A 83 -2.44 17.08 -0.18
C SER A 83 -2.85 17.47 -1.59
N GLN A 84 -4.05 18.04 -1.72
CA GLN A 84 -4.55 18.55 -3.00
C GLN A 84 -3.87 19.88 -3.37
N GLY A 85 -3.52 20.67 -2.35
CA GLY A 85 -2.88 21.97 -2.57
C GLY A 85 -2.56 22.72 -1.28
N MET A 1 -11.42 -16.23 -0.91
CA MET A 1 -11.29 -17.36 -1.88
C MET A 1 -12.56 -18.23 -1.91
N GLY A 2 -12.78 -19.02 -0.86
CA GLY A 2 -13.99 -19.84 -0.77
C GLY A 2 -13.72 -21.33 -0.56
N HIS A 3 -13.40 -22.04 -1.64
CA HIS A 3 -13.19 -23.49 -1.58
C HIS A 3 -11.70 -23.88 -1.70
N HIS A 4 -10.83 -22.87 -1.78
CA HIS A 4 -9.39 -23.12 -1.90
C HIS A 4 -8.76 -23.32 -0.50
N HIS A 5 -8.97 -24.51 0.07
CA HIS A 5 -8.43 -24.86 1.39
C HIS A 5 -7.17 -25.74 1.28
N HIS A 6 -7.16 -26.65 0.32
CA HIS A 6 -6.00 -27.51 0.07
C HIS A 6 -5.09 -26.87 -1.00
N HIS A 7 -5.53 -25.77 -1.58
CA HIS A 7 -4.75 -25.02 -2.58
C HIS A 7 -4.80 -23.52 -2.30
N HIS A 8 -3.68 -22.84 -2.49
CA HIS A 8 -3.58 -21.40 -2.21
C HIS A 8 -3.71 -20.56 -3.49
N SER A 9 -4.57 -19.53 -3.44
CA SER A 9 -4.70 -18.58 -4.56
C SER A 9 -3.45 -17.69 -4.67
N HIS A 10 -3.50 -16.68 -5.53
CA HIS A 10 -2.34 -15.79 -5.73
C HIS A 10 -2.02 -14.99 -4.45
N SER A 11 -0.76 -15.03 -4.03
CA SER A 11 -0.32 -14.33 -2.81
C SER A 11 -0.59 -12.82 -2.86
N THR A 12 -1.63 -12.38 -2.15
CA THR A 12 -1.98 -10.95 -2.06
C THR A 12 -2.34 -10.56 -0.63
N ILE A 13 -1.61 -9.60 -0.07
CA ILE A 13 -1.89 -9.08 1.28
C ILE A 13 -2.92 -7.95 1.23
N LYS A 14 -3.75 -7.83 2.27
CA LYS A 14 -4.77 -6.78 2.34
C LYS A 14 -4.23 -5.52 3.03
N LEU A 15 -4.41 -4.37 2.41
CA LEU A 15 -3.97 -3.09 2.98
C LEU A 15 -5.14 -2.14 3.22
N THR A 16 -4.97 -1.22 4.17
CA THR A 16 -5.96 -0.16 4.41
C THR A 16 -5.28 1.22 4.40
N VAL A 17 -5.37 1.92 3.27
CA VAL A 17 -4.72 3.22 3.11
C VAL A 17 -5.55 4.36 3.72
N LYS A 18 -4.99 5.03 4.72
CA LYS A 18 -5.61 6.21 5.33
C LYS A 18 -5.42 7.44 4.43
N PHE A 19 -6.38 7.69 3.55
CA PHE A 19 -6.31 8.81 2.61
C PHE A 19 -7.18 9.99 3.08
N GLY A 20 -6.55 10.97 3.72
CA GLY A 20 -7.27 12.16 4.18
C GLY A 20 -8.47 11.84 5.08
N GLY A 21 -8.27 10.92 6.02
CA GLY A 21 -9.35 10.52 6.93
C GLY A 21 -10.19 9.37 6.40
N LYS A 22 -10.03 9.02 5.13
CA LYS A 22 -10.75 7.91 4.51
C LYS A 22 -10.03 6.56 4.72
N SER A 23 -10.74 5.47 4.46
CA SER A 23 -10.17 4.12 4.56
C SER A 23 -10.23 3.41 3.20
N ILE A 24 -9.09 3.30 2.53
CA ILE A 24 -9.02 2.65 1.21
C ILE A 24 -8.52 1.19 1.33
N PRO A 25 -9.43 0.20 1.27
CA PRO A 25 -9.08 -1.21 1.39
C PRO A 25 -8.54 -1.80 0.08
N LEU A 26 -7.22 -2.00 0.03
CA LEU A 26 -6.58 -2.58 -1.16
C LEU A 26 -6.10 -4.01 -0.89
N SER A 27 -5.58 -4.66 -1.93
CA SER A 27 -4.99 -6.01 -1.80
C SER A 27 -3.95 -6.24 -2.91
N VAL A 28 -2.68 -6.24 -2.53
CA VAL A 28 -1.57 -6.34 -3.51
C VAL A 28 -0.62 -7.49 -3.17
N SER A 29 0.21 -7.86 -4.11
CA SER A 29 1.23 -8.90 -3.90
C SER A 29 2.50 -8.32 -3.27
N PRO A 30 3.22 -9.10 -2.45
CA PRO A 30 4.46 -8.63 -1.78
C PRO A 30 5.55 -8.19 -2.77
N ASP A 31 5.36 -8.48 -4.05
CA ASP A 31 6.28 -8.05 -5.11
C ASP A 31 6.19 -6.53 -5.36
N CYS A 32 5.01 -5.95 -5.12
CA CYS A 32 4.78 -4.53 -5.38
C CYS A 32 5.56 -3.62 -4.42
N THR A 33 6.04 -2.50 -4.94
CA THR A 33 6.72 -1.49 -4.12
C THR A 33 5.75 -0.39 -3.68
N VAL A 34 6.14 0.39 -2.67
CA VAL A 34 5.32 1.52 -2.23
C VAL A 34 5.18 2.58 -3.33
N LYS A 35 6.10 2.55 -4.29
CA LYS A 35 6.03 3.41 -5.48
C LYS A 35 5.03 2.85 -6.49
N ASP A 36 5.10 1.54 -6.72
CA ASP A 36 4.13 0.86 -7.59
C ASP A 36 2.70 1.03 -7.05
N LEU A 37 2.58 1.06 -5.71
CA LEU A 37 1.30 1.32 -5.06
C LEU A 37 0.77 2.71 -5.43
N LYS A 38 1.67 3.70 -5.52
CA LYS A 38 1.30 5.06 -5.92
C LYS A 38 0.61 5.07 -7.30
N SER A 39 1.17 4.33 -8.25
CA SER A 39 0.60 4.28 -9.62
C SER A 39 -0.73 3.52 -9.64
N GLN A 40 -1.10 2.89 -8.52
CA GLN A 40 -2.41 2.24 -8.39
C GLN A 40 -3.44 3.24 -7.86
N LEU A 41 -3.04 4.05 -6.88
CA LEU A 41 -3.92 5.06 -6.28
C LEU A 41 -4.05 6.31 -7.15
N GLN A 42 -2.97 6.70 -7.83
CA GLN A 42 -2.93 7.94 -8.62
C GLN A 42 -4.14 8.09 -9.58
N PRO A 43 -4.45 7.08 -10.43
CA PRO A 43 -5.60 7.16 -11.35
C PRO A 43 -6.96 7.30 -10.63
N ILE A 44 -6.98 7.03 -9.33
CA ILE A 44 -8.20 7.15 -8.53
C ILE A 44 -8.23 8.46 -7.73
N THR A 45 -7.11 8.79 -7.09
CA THR A 45 -7.01 9.98 -6.23
C THR A 45 -6.70 11.25 -7.05
N ASN A 46 -6.10 11.06 -8.22
CA ASN A 46 -5.66 12.17 -9.10
C ASN A 46 -4.51 12.98 -8.45
N VAL A 47 -3.79 12.34 -7.52
CA VAL A 47 -2.65 12.99 -6.85
C VAL A 47 -1.31 12.53 -7.46
N LEU A 48 -0.35 13.44 -7.54
CA LEU A 48 0.98 13.13 -8.10
C LEU A 48 1.78 12.17 -7.20
N PRO A 49 2.51 11.20 -7.79
CA PRO A 49 3.25 10.17 -7.03
C PRO A 49 4.33 10.75 -6.12
N ARG A 50 4.95 11.86 -6.53
CA ARG A 50 5.98 12.52 -5.72
C ARG A 50 5.36 13.17 -4.47
N GLY A 51 4.06 13.46 -4.53
CA GLY A 51 3.36 14.02 -3.38
C GLY A 51 2.78 12.96 -2.45
N GLN A 52 2.32 11.85 -3.01
CA GLN A 52 1.72 10.75 -2.23
C GLN A 52 2.75 10.11 -1.28
N LYS A 53 2.70 10.47 0.00
CA LYS A 53 3.58 9.91 1.02
C LYS A 53 2.93 8.71 1.74
N LEU A 54 3.56 7.53 1.64
CA LEU A 54 3.10 6.35 2.38
C LEU A 54 3.92 6.17 3.67
N ILE A 55 3.26 6.35 4.82
CA ILE A 55 3.92 6.25 6.13
C ILE A 55 3.32 5.13 6.99
N PHE A 56 4.19 4.28 7.52
CA PHE A 56 3.76 3.13 8.34
C PHE A 56 4.71 2.91 9.53
N LYS A 57 4.16 2.56 10.70
CA LYS A 57 4.95 2.41 11.94
C LYS A 57 5.66 3.72 12.32
N GLY A 58 5.13 4.85 11.87
CA GLY A 58 5.78 6.14 12.09
C GLY A 58 6.96 6.39 11.14
N LYS A 59 7.23 5.42 10.28
CA LYS A 59 8.35 5.47 9.34
C LYS A 59 7.88 5.77 7.91
N VAL A 60 8.45 6.80 7.30
CA VAL A 60 8.21 7.09 5.88
C VAL A 60 9.01 6.10 5.00
N LEU A 61 8.31 5.32 4.19
CA LEU A 61 8.94 4.22 3.45
C LEU A 61 9.70 4.70 2.20
N VAL A 62 10.63 3.87 1.74
CA VAL A 62 11.43 4.15 0.54
C VAL A 62 10.77 3.55 -0.71
N GLU A 63 10.72 4.32 -1.80
CA GLU A 63 10.02 3.90 -3.03
C GLU A 63 10.52 2.57 -3.58
N THR A 64 11.79 2.25 -3.35
CA THR A 64 12.41 1.01 -3.87
C THR A 64 12.06 -0.23 -3.03
N SER A 65 11.58 -0.04 -1.81
CA SER A 65 11.25 -1.17 -0.93
C SER A 65 9.82 -1.67 -1.18
N THR A 66 9.65 -3.00 -1.18
CA THR A 66 8.32 -3.59 -1.38
C THR A 66 7.45 -3.47 -0.12
N LEU A 67 6.14 -3.67 -0.27
CA LEU A 67 5.23 -3.60 0.89
C LEU A 67 5.70 -4.50 2.04
N LYS A 68 6.08 -5.74 1.72
CA LYS A 68 6.56 -6.68 2.74
C LYS A 68 7.91 -6.20 3.32
N GLN A 69 8.79 -5.68 2.48
CA GLN A 69 10.06 -5.07 2.93
C GLN A 69 9.80 -3.81 3.77
N SER A 70 8.64 -3.21 3.58
CA SER A 70 8.22 -2.02 4.35
C SER A 70 7.52 -2.43 5.66
N ASP A 71 7.60 -3.74 5.99
CA ASP A 71 7.02 -4.29 7.22
C ASP A 71 5.47 -4.26 7.20
N VAL A 72 4.91 -4.07 6.00
CA VAL A 72 3.45 -4.03 5.83
C VAL A 72 2.86 -5.45 5.70
N GLY A 73 1.97 -5.80 6.64
CA GLY A 73 1.32 -7.11 6.60
C GLY A 73 -0.14 -7.05 6.16
N SER A 74 -0.78 -8.21 6.06
CA SER A 74 -2.17 -8.28 5.60
C SER A 74 -3.13 -7.74 6.68
N GLY A 75 -3.47 -6.47 6.56
CA GLY A 75 -4.34 -5.81 7.52
C GLY A 75 -3.69 -4.57 8.14
N ALA A 76 -2.62 -4.09 7.50
CA ALA A 76 -1.89 -2.91 7.99
C ALA A 76 -2.46 -1.62 7.40
N LYS A 77 -2.54 -0.56 8.22
CA LYS A 77 -3.03 0.75 7.77
C LYS A 77 -1.87 1.69 7.40
N LEU A 78 -1.88 2.17 6.16
CA LEU A 78 -0.83 3.08 5.65
C LEU A 78 -1.32 4.53 5.63
N MET A 79 -0.59 5.41 6.32
CA MET A 79 -0.94 6.84 6.32
C MET A 79 -0.50 7.51 5.01
N LEU A 80 -1.47 7.95 4.21
CA LEU A 80 -1.18 8.61 2.93
C LEU A 80 -1.31 10.15 3.07
N MET A 81 -0.18 10.84 3.15
CA MET A 81 -0.18 12.31 3.19
C MET A 81 -0.39 12.87 1.78
N ALA A 82 -1.66 13.07 1.41
CA ALA A 82 -2.01 13.60 0.09
C ALA A 82 -3.26 14.48 0.18
N SER A 83 -3.11 15.77 -0.14
CA SER A 83 -4.24 16.72 -0.12
C SER A 83 -5.14 16.55 -1.35
N GLN A 84 -6.45 16.44 -1.12
CA GLN A 84 -7.41 16.30 -2.21
C GLN A 84 -7.60 17.63 -2.95
N GLY A 85 -6.80 17.84 -4.00
CA GLY A 85 -6.90 19.06 -4.79
C GLY A 85 -8.12 19.09 -5.71
N MET A 1 -29.28 -27.39 1.73
CA MET A 1 -29.91 -26.07 1.45
C MET A 1 -28.89 -24.92 1.39
N GLY A 2 -27.61 -25.23 1.61
CA GLY A 2 -26.59 -24.19 1.67
C GLY A 2 -25.29 -24.56 0.95
N HIS A 3 -24.35 -23.62 0.94
CA HIS A 3 -23.05 -23.83 0.30
C HIS A 3 -21.91 -23.20 1.13
N HIS A 4 -21.12 -24.04 1.77
CA HIS A 4 -20.02 -23.57 2.63
C HIS A 4 -19.01 -22.73 1.84
N HIS A 5 -18.67 -21.56 2.36
CA HIS A 5 -17.75 -20.63 1.70
C HIS A 5 -16.29 -21.15 1.73
N HIS A 6 -15.79 -21.57 0.57
CA HIS A 6 -14.40 -22.06 0.46
C HIS A 6 -13.42 -20.89 0.28
N HIS A 7 -12.69 -20.54 1.34
CA HIS A 7 -11.80 -19.37 1.32
C HIS A 7 -10.45 -19.66 0.62
N HIS A 8 -10.27 -19.11 -0.58
CA HIS A 8 -9.00 -19.19 -1.30
C HIS A 8 -8.63 -17.83 -1.91
N SER A 9 -7.34 -17.52 -1.95
CA SER A 9 -6.86 -16.23 -2.46
C SER A 9 -5.53 -16.37 -3.22
N HIS A 10 -4.98 -15.25 -3.66
CA HIS A 10 -3.69 -15.23 -4.37
C HIS A 10 -2.58 -14.66 -3.46
N SER A 11 -1.42 -14.35 -4.04
CA SER A 11 -0.30 -13.76 -3.28
C SER A 11 -0.56 -12.28 -2.92
N THR A 12 -1.83 -11.94 -2.61
CA THR A 12 -2.22 -10.55 -2.32
C THR A 12 -2.71 -10.40 -0.87
N ILE A 13 -2.13 -9.45 -0.15
CA ILE A 13 -2.52 -9.18 1.23
C ILE A 13 -3.54 -8.03 1.31
N LYS A 14 -4.40 -8.07 2.32
CA LYS A 14 -5.35 -6.98 2.59
C LYS A 14 -4.61 -5.75 3.13
N LEU A 15 -4.67 -4.64 2.41
CA LEU A 15 -3.93 -3.43 2.78
C LEU A 15 -4.83 -2.20 2.78
N THR A 16 -4.92 -1.53 3.92
CA THR A 16 -5.78 -0.34 4.06
C THR A 16 -4.96 0.95 4.02
N VAL A 17 -5.05 1.65 2.88
CA VAL A 17 -4.34 2.93 2.70
C VAL A 17 -5.24 4.11 3.10
N LYS A 18 -4.76 4.96 4.00
CA LYS A 18 -5.54 6.08 4.51
C LYS A 18 -5.27 7.40 3.75
N PHE A 19 -6.20 7.81 2.90
CA PHE A 19 -6.19 9.16 2.33
C PHE A 19 -6.72 10.15 3.37
N GLY A 20 -5.86 10.57 4.28
CA GLY A 20 -6.31 11.34 5.44
C GLY A 20 -7.23 10.52 6.33
N GLY A 21 -8.53 10.78 6.24
CA GLY A 21 -9.52 10.00 6.99
C GLY A 21 -10.19 8.92 6.15
N LYS A 22 -9.82 8.83 4.86
CA LYS A 22 -10.40 7.84 3.96
C LYS A 22 -9.69 6.49 4.07
N SER A 23 -10.35 5.52 4.70
CA SER A 23 -9.80 4.16 4.82
C SER A 23 -10.06 3.36 3.54
N ILE A 24 -9.04 3.24 2.69
CA ILE A 24 -9.16 2.49 1.42
C ILE A 24 -8.54 1.07 1.55
N PRO A 25 -9.37 0.04 1.82
CA PRO A 25 -8.89 -1.33 2.02
C PRO A 25 -8.73 -2.12 0.71
N LEU A 26 -7.53 -2.07 0.13
CA LEU A 26 -7.23 -2.80 -1.12
C LEU A 26 -6.68 -4.21 -0.83
N SER A 27 -6.27 -4.90 -1.89
CA SER A 27 -5.60 -6.22 -1.77
C SER A 27 -4.49 -6.35 -2.81
N VAL A 28 -3.24 -6.17 -2.38
CA VAL A 28 -2.09 -6.18 -3.29
C VAL A 28 -0.98 -7.10 -2.77
N SER A 29 -0.05 -7.49 -3.64
CA SER A 29 1.04 -8.38 -3.26
C SER A 29 2.13 -7.63 -2.47
N PRO A 30 2.64 -8.22 -1.37
CA PRO A 30 3.66 -7.57 -0.52
C PRO A 30 5.01 -7.37 -1.24
N ASP A 31 5.17 -8.01 -2.40
CA ASP A 31 6.39 -7.89 -3.20
C ASP A 31 6.41 -6.62 -4.07
N CYS A 32 5.26 -5.94 -4.17
CA CYS A 32 5.17 -4.68 -4.92
C CYS A 32 5.90 -3.54 -4.19
N THR A 33 6.46 -2.61 -4.94
CA THR A 33 7.13 -1.44 -4.35
C THR A 33 6.11 -0.35 -4.01
N VAL A 34 6.46 0.51 -3.05
CA VAL A 34 5.57 1.62 -2.66
C VAL A 34 5.40 2.63 -3.81
N LYS A 35 6.32 2.62 -4.78
CA LYS A 35 6.20 3.45 -5.97
C LYS A 35 5.01 2.99 -6.84
N ASP A 36 4.92 1.67 -7.05
CA ASP A 36 3.84 1.10 -7.86
C ASP A 36 2.47 1.40 -7.25
N LEU A 37 2.39 1.40 -5.91
CA LEU A 37 1.18 1.82 -5.20
C LEU A 37 0.80 3.26 -5.56
N LYS A 38 1.78 4.16 -5.53
CA LYS A 38 1.56 5.55 -5.95
C LYS A 38 1.00 5.61 -7.38
N SER A 39 1.56 4.78 -8.25
CA SER A 39 1.12 4.68 -9.65
C SER A 39 -0.35 4.21 -9.73
N GLN A 40 -0.72 3.27 -8.86
CA GLN A 40 -2.07 2.71 -8.83
C GLN A 40 -3.10 3.70 -8.25
N LEU A 41 -2.73 4.39 -7.17
CA LEU A 41 -3.61 5.37 -6.53
C LEU A 41 -3.74 6.67 -7.34
N GLN A 42 -2.76 6.94 -8.23
CA GLN A 42 -2.74 8.17 -9.03
C GLN A 42 -4.06 8.39 -9.80
N PRO A 43 -4.51 7.42 -10.64
CA PRO A 43 -5.75 7.57 -11.43
C PRO A 43 -7.03 7.51 -10.58
N ILE A 44 -6.90 7.05 -9.32
CA ILE A 44 -8.06 6.93 -8.43
C ILE A 44 -8.42 8.30 -7.82
N THR A 45 -7.49 8.87 -7.05
CA THR A 45 -7.73 10.15 -6.38
C THR A 45 -7.15 11.35 -7.17
N ASN A 46 -6.54 11.04 -8.31
CA ASN A 46 -5.86 12.06 -9.15
C ASN A 46 -4.70 12.72 -8.39
N VAL A 47 -3.96 11.90 -7.65
CA VAL A 47 -2.82 12.37 -6.85
C VAL A 47 -1.49 11.82 -7.40
N LEU A 48 -0.56 12.71 -7.69
CA LEU A 48 0.74 12.33 -8.28
C LEU A 48 1.68 11.68 -7.24
N PRO A 49 2.58 10.77 -7.68
CA PRO A 49 3.53 10.07 -6.78
C PRO A 49 4.34 11.05 -5.91
N ARG A 50 4.67 12.21 -6.47
CA ARG A 50 5.38 13.26 -5.73
C ARG A 50 4.57 13.72 -4.50
N GLY A 51 3.26 13.84 -4.66
CA GLY A 51 2.39 14.26 -3.57
C GLY A 51 2.00 13.13 -2.62
N GLN A 52 2.21 11.89 -3.05
CA GLN A 52 1.86 10.71 -2.26
C GLN A 52 2.98 10.32 -1.28
N LYS A 53 2.80 10.69 -0.01
CA LYS A 53 3.74 10.30 1.06
C LYS A 53 3.23 9.05 1.80
N LEU A 54 3.71 7.88 1.39
CA LEU A 54 3.33 6.62 2.04
C LEU A 54 4.14 6.41 3.34
N ILE A 55 3.45 6.35 4.47
CA ILE A 55 4.08 6.26 5.78
C ILE A 55 3.54 5.06 6.60
N PHE A 56 4.46 4.25 7.14
CA PHE A 56 4.10 3.11 7.99
C PHE A 56 4.96 3.08 9.27
N LYS A 57 4.35 2.71 10.41
CA LYS A 57 5.03 2.77 11.71
C LYS A 57 5.41 4.22 12.08
N GLY A 58 4.79 5.17 11.38
CA GLY A 58 5.19 6.58 11.52
C GLY A 58 6.50 6.89 10.80
N LYS A 59 6.83 6.07 9.80
CA LYS A 59 8.07 6.23 9.02
C LYS A 59 7.76 6.17 7.52
N VAL A 60 8.21 7.17 6.76
CA VAL A 60 7.99 7.20 5.31
C VAL A 60 8.83 6.13 4.59
N LEU A 61 8.22 5.45 3.61
CA LEU A 61 8.90 4.37 2.88
C LEU A 61 9.57 4.89 1.58
N VAL A 62 10.64 4.21 1.19
CA VAL A 62 11.41 4.59 -0.01
C VAL A 62 10.83 3.88 -1.25
N GLU A 63 10.87 4.55 -2.40
CA GLU A 63 10.26 4.01 -3.63
C GLU A 63 10.79 2.61 -3.97
N THR A 64 12.06 2.35 -3.64
CA THR A 64 12.69 1.06 -3.93
C THR A 64 12.25 -0.05 -2.95
N SER A 65 11.75 0.34 -1.78
CA SER A 65 11.34 -0.63 -0.75
C SER A 65 9.92 -1.16 -1.00
N THR A 66 9.72 -2.45 -0.73
CA THR A 66 8.42 -3.10 -0.92
C THR A 66 7.62 -3.17 0.38
N LEU A 67 6.36 -3.61 0.29
CA LEU A 67 5.51 -3.78 1.48
C LEU A 67 6.09 -4.84 2.42
N LYS A 68 6.59 -5.94 1.85
CA LYS A 68 7.18 -7.02 2.63
C LYS A 68 8.44 -6.54 3.38
N GLN A 69 9.22 -5.67 2.73
CA GLN A 69 10.38 -5.04 3.39
C GLN A 69 9.93 -4.14 4.55
N SER A 70 8.74 -3.57 4.43
CA SER A 70 8.22 -2.61 5.42
C SER A 70 7.39 -3.30 6.53
N ASP A 71 7.53 -4.63 6.66
CA ASP A 71 6.81 -5.40 7.69
C ASP A 71 5.28 -5.33 7.50
N VAL A 72 4.84 -4.99 6.29
CA VAL A 72 3.40 -4.90 5.98
C VAL A 72 2.80 -6.28 5.67
N GLY A 73 1.67 -6.58 6.30
CA GLY A 73 0.98 -7.85 6.06
C GLY A 73 -0.52 -7.67 5.90
N SER A 74 -1.24 -8.79 5.76
CA SER A 74 -2.70 -8.76 5.59
C SER A 74 -3.39 -8.19 6.83
N GLY A 75 -3.96 -6.99 6.69
CA GLY A 75 -4.62 -6.31 7.80
C GLY A 75 -3.89 -5.04 8.25
N ALA A 76 -2.79 -4.71 7.58
CA ALA A 76 -2.00 -3.53 7.93
C ALA A 76 -2.63 -2.23 7.38
N LYS A 77 -2.35 -1.11 8.05
CA LYS A 77 -2.93 0.19 7.69
C LYS A 77 -1.84 1.24 7.39
N LEU A 78 -1.78 1.71 6.14
CA LEU A 78 -0.78 2.71 5.74
C LEU A 78 -1.31 4.15 5.88
N MET A 79 -0.46 5.04 6.37
CA MET A 79 -0.78 6.47 6.44
C MET A 79 -0.30 7.19 5.18
N LEU A 80 -1.23 7.67 4.35
CA LEU A 80 -0.87 8.39 3.13
C LEU A 80 -1.16 9.90 3.27
N MET A 81 -0.09 10.70 3.27
CA MET A 81 -0.23 12.15 3.34
C MET A 81 -0.31 12.76 1.94
N ALA A 82 -1.51 13.16 1.53
CA ALA A 82 -1.75 13.78 0.23
C ALA A 82 -2.65 15.01 0.35
N SER A 83 -2.48 15.99 -0.55
CA SER A 83 -3.27 17.23 -0.49
C SER A 83 -4.74 17.00 -0.87
N GLN A 84 -4.98 16.13 -1.84
CA GLN A 84 -6.35 15.76 -2.24
C GLN A 84 -6.79 14.44 -1.58
N GLY A 85 -8.09 14.30 -1.35
CA GLY A 85 -8.61 13.10 -0.68
C GLY A 85 -10.15 13.09 -0.58
N MET A 1 -27.22 -24.33 4.51
CA MET A 1 -27.22 -25.43 3.51
C MET A 1 -25.97 -26.32 3.65
N GLY A 2 -24.79 -25.76 3.35
CA GLY A 2 -23.56 -26.55 3.39
C GLY A 2 -22.35 -25.72 3.82
N HIS A 3 -21.31 -25.68 2.98
CA HIS A 3 -20.07 -24.94 3.30
C HIS A 3 -19.52 -24.21 2.06
N HIS A 4 -19.42 -22.89 2.14
CA HIS A 4 -18.83 -22.08 1.06
C HIS A 4 -17.63 -21.27 1.57
N HIS A 5 -16.43 -21.67 1.18
CA HIS A 5 -15.22 -20.95 1.55
C HIS A 5 -14.91 -19.81 0.55
N HIS A 6 -14.55 -18.65 1.09
CA HIS A 6 -14.21 -17.48 0.26
C HIS A 6 -12.75 -17.55 -0.21
N HIS A 7 -12.20 -18.77 -0.26
CA HIS A 7 -10.80 -18.98 -0.63
C HIS A 7 -10.54 -18.66 -2.11
N HIS A 8 -10.30 -17.38 -2.40
CA HIS A 8 -9.92 -16.96 -3.75
C HIS A 8 -8.53 -16.31 -3.76
N SER A 9 -8.05 -15.93 -2.58
CA SER A 9 -6.72 -15.33 -2.44
C SER A 9 -5.63 -16.39 -2.29
N HIS A 10 -4.54 -16.23 -3.04
CA HIS A 10 -3.41 -17.16 -2.99
C HIS A 10 -2.19 -16.53 -2.31
N SER A 11 -1.82 -15.32 -2.73
CA SER A 11 -0.60 -14.66 -2.23
C SER A 11 -0.80 -13.14 -2.06
N THR A 12 -2.03 -12.70 -1.81
CA THR A 12 -2.32 -11.26 -1.65
C THR A 12 -2.38 -10.86 -0.18
N ILE A 13 -1.88 -9.67 0.13
CA ILE A 13 -1.98 -9.08 1.46
C ILE A 13 -2.90 -7.86 1.43
N LYS A 14 -3.69 -7.67 2.49
CA LYS A 14 -4.71 -6.61 2.51
C LYS A 14 -4.19 -5.31 3.16
N LEU A 15 -4.04 -4.28 2.32
CA LEU A 15 -3.60 -2.96 2.78
C LEU A 15 -4.80 -2.02 3.00
N THR A 16 -4.63 -1.02 3.85
CA THR A 16 -5.67 -0.01 4.10
C THR A 16 -5.12 1.41 3.91
N VAL A 17 -5.34 1.99 2.74
CA VAL A 17 -4.87 3.35 2.45
C VAL A 17 -5.81 4.41 3.05
N LYS A 18 -5.26 5.30 3.87
CA LYS A 18 -6.05 6.32 4.56
C LYS A 18 -5.99 7.69 3.86
N PHE A 19 -7.05 8.04 3.15
CA PHE A 19 -7.18 9.39 2.56
C PHE A 19 -8.08 10.28 3.43
N GLY A 20 -7.46 11.23 4.14
CA GLY A 20 -8.20 12.11 5.04
C GLY A 20 -8.87 11.34 6.19
N GLY A 21 -10.09 10.87 5.94
CA GLY A 21 -10.79 10.05 6.93
C GLY A 21 -11.46 8.83 6.31
N LYS A 22 -11.13 8.55 5.05
CA LYS A 22 -11.72 7.42 4.31
C LYS A 22 -10.78 6.22 4.29
N SER A 23 -11.32 5.04 3.99
CA SER A 23 -10.54 3.79 3.99
C SER A 23 -10.53 3.13 2.60
N ILE A 24 -9.34 2.99 2.02
CA ILE A 24 -9.17 2.33 0.71
C ILE A 24 -8.61 0.90 0.89
N PRO A 25 -9.48 -0.13 0.82
CA PRO A 25 -9.06 -1.53 0.99
C PRO A 25 -8.51 -2.16 -0.31
N LEU A 26 -7.20 -2.36 -0.38
CA LEU A 26 -6.56 -2.97 -1.56
C LEU A 26 -5.71 -4.19 -1.17
N SER A 27 -6.04 -5.34 -1.72
CA SER A 27 -5.27 -6.57 -1.47
C SER A 27 -4.33 -6.89 -2.65
N VAL A 28 -3.08 -6.43 -2.55
CA VAL A 28 -2.08 -6.60 -3.61
C VAL A 28 -1.04 -7.67 -3.22
N SER A 29 -0.07 -7.91 -4.10
CA SER A 29 1.01 -8.86 -3.82
C SER A 29 2.18 -8.18 -3.09
N PRO A 30 2.79 -8.86 -2.10
CA PRO A 30 3.91 -8.29 -1.32
C PRO A 30 5.15 -8.00 -2.18
N ASP A 31 5.17 -8.55 -3.41
CA ASP A 31 6.28 -8.35 -4.34
C ASP A 31 6.30 -6.91 -4.89
N CYS A 32 5.14 -6.25 -4.94
CA CYS A 32 5.06 -4.87 -5.41
C CYS A 32 5.82 -3.90 -4.51
N THR A 33 6.35 -2.83 -5.09
CA THR A 33 7.00 -1.77 -4.31
C THR A 33 6.00 -0.69 -3.89
N VAL A 34 6.34 0.09 -2.86
CA VAL A 34 5.48 1.20 -2.44
C VAL A 34 5.32 2.23 -3.57
N LYS A 35 6.26 2.22 -4.52
CA LYS A 35 6.17 3.06 -5.72
C LYS A 35 5.03 2.58 -6.63
N ASP A 36 4.91 1.27 -6.79
CA ASP A 36 3.83 0.66 -7.57
C ASP A 36 2.46 1.09 -7.01
N LEU A 37 2.37 1.16 -5.67
CA LEU A 37 1.17 1.64 -5.00
C LEU A 37 0.83 3.09 -5.38
N LYS A 38 1.81 4.00 -5.24
CA LYS A 38 1.60 5.42 -5.58
C LYS A 38 1.18 5.58 -7.05
N SER A 39 1.57 4.62 -7.89
CA SER A 39 1.14 4.60 -9.30
C SER A 39 -0.31 4.13 -9.42
N GLN A 40 -0.70 3.14 -8.62
CA GLN A 40 -2.07 2.59 -8.62
C GLN A 40 -3.09 3.56 -8.00
N LEU A 41 -2.69 4.25 -6.93
CA LEU A 41 -3.58 5.18 -6.22
C LEU A 41 -3.83 6.47 -7.01
N GLN A 42 -2.85 6.89 -7.83
CA GLN A 42 -2.94 8.17 -8.55
C GLN A 42 -4.21 8.29 -9.43
N PRO A 43 -4.51 7.31 -10.32
CA PRO A 43 -5.71 7.37 -11.18
C PRO A 43 -7.03 7.41 -10.38
N ILE A 44 -6.94 7.06 -9.09
CA ILE A 44 -8.12 7.05 -8.21
C ILE A 44 -8.40 8.46 -7.65
N THR A 45 -7.41 9.06 -7.00
CA THR A 45 -7.59 10.34 -6.29
C THR A 45 -6.92 11.53 -7.02
N ASN A 46 -6.22 11.24 -8.12
CA ASN A 46 -5.54 12.26 -8.93
C ASN A 46 -4.42 13.00 -8.16
N VAL A 47 -3.86 12.34 -7.14
CA VAL A 47 -2.74 12.89 -6.37
C VAL A 47 -1.39 12.46 -6.98
N LEU A 48 -0.44 13.40 -7.02
CA LEU A 48 0.87 13.13 -7.63
C LEU A 48 1.69 12.12 -6.81
N PRO A 49 2.35 11.13 -7.47
CA PRO A 49 3.14 10.10 -6.79
C PRO A 49 4.30 10.67 -5.95
N ARG A 50 4.75 11.89 -6.30
CA ARG A 50 5.73 12.62 -5.49
C ARG A 50 5.10 13.12 -4.19
N GLY A 51 3.90 13.71 -4.29
CA GLY A 51 3.20 14.22 -3.13
C GLY A 51 2.63 13.12 -2.24
N GLN A 52 2.43 11.94 -2.80
CA GLN A 52 1.95 10.79 -2.04
C GLN A 52 3.03 10.29 -1.05
N LYS A 53 2.94 10.75 0.20
CA LYS A 53 3.85 10.32 1.27
C LYS A 53 3.32 9.06 1.97
N LEU A 54 3.77 7.88 1.52
CA LEU A 54 3.41 6.63 2.20
C LEU A 54 4.18 6.47 3.51
N ILE A 55 3.51 6.78 4.62
CA ILE A 55 4.11 6.66 5.96
C ILE A 55 3.53 5.47 6.73
N PHE A 56 4.40 4.57 7.18
CA PHE A 56 3.99 3.40 7.97
C PHE A 56 4.85 3.28 9.23
N LYS A 57 4.20 3.12 10.40
CA LYS A 57 4.90 3.05 11.70
C LYS A 57 5.60 4.39 12.03
N GLY A 58 5.18 5.46 11.36
CA GLY A 58 5.84 6.76 11.52
C GLY A 58 7.08 6.90 10.64
N LYS A 59 7.25 5.96 9.71
CA LYS A 59 8.40 5.94 8.79
C LYS A 59 7.94 6.06 7.33
N VAL A 60 8.49 7.03 6.60
CA VAL A 60 8.24 7.13 5.16
C VAL A 60 9.03 6.04 4.39
N LEU A 61 8.34 5.28 3.56
CA LEU A 61 8.97 4.15 2.86
C LEU A 61 9.60 4.58 1.52
N VAL A 62 10.78 4.02 1.25
CA VAL A 62 11.50 4.29 0.00
C VAL A 62 10.83 3.58 -1.18
N GLU A 63 10.74 4.26 -2.32
CA GLU A 63 10.04 3.74 -3.51
C GLU A 63 10.58 2.36 -3.96
N THR A 64 11.86 2.10 -3.69
CA THR A 64 12.50 0.83 -4.08
C THR A 64 12.18 -0.31 -3.11
N SER A 65 11.42 -0.02 -2.05
CA SER A 65 11.09 -1.02 -1.03
C SER A 65 9.71 -1.66 -1.26
N THR A 66 9.64 -2.98 -1.07
CA THR A 66 8.37 -3.72 -1.22
C THR A 66 7.52 -3.63 0.05
N LEU A 67 6.32 -4.21 0.01
CA LEU A 67 5.46 -4.28 1.19
C LEU A 67 6.11 -5.10 2.31
N LYS A 68 6.72 -6.22 1.94
CA LYS A 68 7.42 -7.06 2.91
C LYS A 68 8.59 -6.31 3.58
N GLN A 69 9.37 -5.61 2.77
CA GLN A 69 10.50 -4.81 3.29
C GLN A 69 10.02 -3.67 4.19
N SER A 70 8.82 -3.18 3.93
CA SER A 70 8.22 -2.10 4.73
C SER A 70 7.38 -2.64 5.90
N ASP A 71 7.40 -3.97 6.07
CA ASP A 71 6.69 -4.65 7.17
C ASP A 71 5.15 -4.61 7.00
N VAL A 72 4.69 -4.22 5.81
CA VAL A 72 3.27 -4.17 5.51
C VAL A 72 2.73 -5.57 5.16
N GLY A 73 1.94 -6.16 6.07
CA GLY A 73 1.41 -7.51 5.85
C GLY A 73 -0.11 -7.54 5.70
N SER A 74 -0.70 -8.71 5.95
CA SER A 74 -2.15 -8.89 5.84
C SER A 74 -2.92 -8.10 6.90
N GLY A 75 -3.29 -6.87 6.56
CA GLY A 75 -4.02 -6.01 7.50
C GLY A 75 -3.14 -4.91 8.08
N ALA A 76 -2.77 -3.94 7.24
CA ALA A 76 -1.90 -2.83 7.65
C ALA A 76 -2.43 -1.48 7.16
N LYS A 77 -2.56 -0.53 8.07
CA LYS A 77 -3.05 0.82 7.74
C LYS A 77 -1.91 1.75 7.32
N LEU A 78 -1.99 2.28 6.10
CA LEU A 78 -0.95 3.17 5.57
C LEU A 78 -1.33 4.65 5.76
N MET A 79 -0.52 5.38 6.52
CA MET A 79 -0.71 6.82 6.70
C MET A 79 -0.21 7.58 5.47
N LEU A 80 -1.08 7.73 4.47
CA LEU A 80 -0.72 8.43 3.24
C LEU A 80 -0.92 9.94 3.39
N MET A 81 0.17 10.65 3.64
CA MET A 81 0.12 12.11 3.83
C MET A 81 0.12 12.83 2.47
N ALA A 82 -1.06 13.29 2.06
CA ALA A 82 -1.20 13.99 0.77
C ALA A 82 -1.95 15.32 0.94
N SER A 83 -1.91 16.16 -0.10
CA SER A 83 -2.57 17.47 -0.07
C SER A 83 -3.85 17.48 -0.90
N GLN A 84 -4.93 18.04 -0.34
CA GLN A 84 -6.19 18.19 -1.06
C GLN A 84 -6.08 19.27 -2.16
N GLY A 85 -5.19 20.24 -1.94
CA GLY A 85 -4.96 21.30 -2.92
C GLY A 85 -4.04 22.40 -2.40
N MET A 1 -24.90 -28.31 13.00
CA MET A 1 -23.44 -28.51 12.80
C MET A 1 -23.14 -28.93 11.35
N GLY A 2 -22.20 -28.23 10.71
CA GLY A 2 -21.82 -28.54 9.33
C GLY A 2 -20.45 -28.01 8.97
N HIS A 3 -19.93 -28.44 7.82
CA HIS A 3 -18.62 -27.98 7.35
C HIS A 3 -18.68 -26.50 6.90
N HIS A 4 -18.66 -25.60 7.88
CA HIS A 4 -18.78 -24.17 7.61
C HIS A 4 -17.42 -23.45 7.70
N HIS A 5 -16.42 -24.12 8.29
CA HIS A 5 -15.06 -23.59 8.33
C HIS A 5 -14.36 -23.73 6.95
N HIS A 6 -13.84 -22.62 6.43
CA HIS A 6 -13.22 -22.60 5.10
C HIS A 6 -11.93 -21.77 5.10
N HIS A 7 -10.88 -22.29 4.46
CA HIS A 7 -9.57 -21.61 4.44
C HIS A 7 -8.80 -21.91 3.13
N HIS A 8 -8.20 -20.88 2.54
CA HIS A 8 -7.38 -21.03 1.32
C HIS A 8 -6.23 -20.02 1.29
N SER A 9 -5.13 -20.38 0.62
CA SER A 9 -4.00 -19.47 0.43
C SER A 9 -4.35 -18.34 -0.56
N HIS A 10 -3.62 -17.22 -0.50
CA HIS A 10 -3.92 -16.07 -1.36
C HIS A 10 -2.66 -15.27 -1.72
N SER A 11 -2.73 -14.52 -2.83
CA SER A 11 -1.59 -13.70 -3.29
C SER A 11 -1.73 -12.23 -2.88
N THR A 12 -2.97 -11.74 -2.83
CA THR A 12 -3.25 -10.32 -2.57
C THR A 12 -3.45 -10.01 -1.09
N ILE A 13 -2.52 -9.24 -0.51
CA ILE A 13 -2.68 -8.75 0.87
C ILE A 13 -3.61 -7.53 0.91
N LYS A 14 -4.45 -7.46 1.94
CA LYS A 14 -5.39 -6.35 2.09
C LYS A 14 -4.78 -5.21 2.91
N LEU A 15 -4.54 -4.07 2.26
CA LEU A 15 -3.97 -2.90 2.91
C LEU A 15 -5.04 -1.80 3.10
N THR A 16 -4.96 -1.07 4.21
CA THR A 16 -5.91 0.02 4.50
C THR A 16 -5.21 1.39 4.46
N VAL A 17 -5.50 2.17 3.42
CA VAL A 17 -4.88 3.48 3.22
C VAL A 17 -5.67 4.59 3.92
N LYS A 18 -5.01 5.31 4.83
CA LYS A 18 -5.66 6.38 5.59
C LYS A 18 -5.51 7.75 4.89
N PHE A 19 -6.54 8.16 4.16
CA PHE A 19 -6.62 9.54 3.67
C PHE A 19 -7.11 10.46 4.79
N GLY A 20 -6.27 10.63 5.82
CA GLY A 20 -6.68 11.35 7.00
C GLY A 20 -7.71 10.57 7.82
N GLY A 21 -8.99 10.83 7.55
CA GLY A 21 -10.07 10.11 8.22
C GLY A 21 -10.62 8.96 7.37
N LYS A 22 -10.53 9.10 6.05
CA LYS A 22 -11.02 8.09 5.12
C LYS A 22 -10.10 6.86 5.06
N SER A 23 -10.68 5.66 5.00
CA SER A 23 -9.90 4.41 4.94
C SER A 23 -10.19 3.65 3.63
N ILE A 24 -9.24 3.70 2.70
CA ILE A 24 -9.38 3.06 1.40
C ILE A 24 -8.85 1.61 1.41
N PRO A 25 -9.74 0.60 1.23
CA PRO A 25 -9.34 -0.81 1.17
C PRO A 25 -8.68 -1.18 -0.18
N LEU A 26 -7.46 -1.71 -0.14
CA LEU A 26 -6.74 -2.15 -1.33
C LEU A 26 -6.24 -3.59 -1.18
N SER A 27 -6.05 -4.30 -2.29
CA SER A 27 -5.53 -5.68 -2.25
C SER A 27 -4.48 -5.90 -3.35
N VAL A 28 -3.22 -5.96 -2.94
CA VAL A 28 -2.08 -6.11 -3.87
C VAL A 28 -1.08 -7.16 -3.36
N SER A 29 -0.02 -7.43 -4.12
CA SER A 29 1.02 -8.37 -3.70
C SER A 29 2.12 -7.67 -2.88
N PRO A 30 2.55 -8.28 -1.74
CA PRO A 30 3.57 -7.67 -0.85
C PRO A 30 4.94 -7.54 -1.51
N ASP A 31 5.19 -8.36 -2.54
CA ASP A 31 6.43 -8.33 -3.30
C ASP A 31 6.58 -7.03 -4.12
N CYS A 32 5.49 -6.30 -4.27
CA CYS A 32 5.48 -5.04 -5.03
C CYS A 32 6.07 -3.88 -4.21
N THR A 33 6.56 -2.85 -4.90
CA THR A 33 7.15 -1.67 -4.24
C THR A 33 6.08 -0.61 -3.93
N VAL A 34 6.37 0.27 -2.97
CA VAL A 34 5.50 1.41 -2.69
C VAL A 34 5.46 2.36 -3.90
N LYS A 35 6.49 2.27 -4.75
CA LYS A 35 6.50 2.95 -6.05
C LYS A 35 5.40 2.39 -6.95
N ASP A 36 5.33 1.06 -7.02
CA ASP A 36 4.29 0.37 -7.78
C ASP A 36 2.89 0.76 -7.26
N LEU A 37 2.78 0.93 -5.93
CA LEU A 37 1.55 1.45 -5.31
C LEU A 37 1.20 2.84 -5.84
N LYS A 38 2.17 3.75 -5.84
CA LYS A 38 1.96 5.10 -6.41
C LYS A 38 1.44 5.02 -7.85
N SER A 39 2.07 4.14 -8.64
CA SER A 39 1.66 3.88 -10.03
C SER A 39 0.22 3.37 -10.11
N GLN A 40 -0.21 2.63 -9.08
CA GLN A 40 -1.58 2.09 -9.02
C GLN A 40 -2.60 3.10 -8.46
N LEU A 41 -2.17 3.96 -7.54
CA LEU A 41 -3.05 4.96 -6.93
C LEU A 41 -3.39 6.11 -7.90
N GLN A 42 -2.44 6.47 -8.77
CA GLN A 42 -2.63 7.59 -9.71
C GLN A 42 -3.90 7.46 -10.59
N PRO A 43 -4.15 6.28 -11.22
CA PRO A 43 -5.40 6.08 -12.00
C PRO A 43 -6.67 5.99 -11.11
N ILE A 44 -6.48 5.73 -9.82
CA ILE A 44 -7.62 5.57 -8.90
C ILE A 44 -8.05 6.92 -8.28
N THR A 45 -7.15 7.53 -7.51
CA THR A 45 -7.45 8.78 -6.79
C THR A 45 -6.90 10.01 -7.51
N ASN A 46 -6.19 9.80 -8.63
CA ASN A 46 -5.64 10.89 -9.46
C ASN A 46 -4.63 11.76 -8.69
N VAL A 47 -3.90 11.15 -7.76
CA VAL A 47 -2.95 11.90 -6.92
C VAL A 47 -1.50 11.80 -7.45
N LEU A 48 -0.79 12.93 -7.44
CA LEU A 48 0.61 13.00 -7.88
C LEU A 48 1.56 12.28 -6.90
N PRO A 49 2.59 11.57 -7.41
CA PRO A 49 3.59 10.88 -6.56
C PRO A 49 4.27 11.82 -5.55
N ARG A 50 4.52 13.07 -5.96
CA ARG A 50 5.11 14.09 -5.07
C ARG A 50 4.15 14.42 -3.90
N GLY A 51 2.87 14.10 -4.08
CA GLY A 51 1.89 14.30 -3.02
C GLY A 51 1.48 13.00 -2.34
N GLN A 52 2.03 11.88 -2.81
CA GLN A 52 1.72 10.56 -2.24
C GLN A 52 2.72 10.15 -1.15
N LYS A 53 2.56 10.72 0.04
CA LYS A 53 3.42 10.38 1.18
C LYS A 53 2.92 9.12 1.91
N LEU A 54 3.40 7.96 1.48
CA LEU A 54 3.06 6.69 2.12
C LEU A 54 3.85 6.51 3.42
N ILE A 55 3.13 6.50 4.55
CA ILE A 55 3.74 6.44 5.87
C ILE A 55 3.21 5.24 6.69
N PHE A 56 4.11 4.47 7.29
CA PHE A 56 3.72 3.32 8.12
C PHE A 56 4.39 3.40 9.50
N LYS A 57 3.59 3.40 10.56
CA LYS A 57 4.10 3.52 11.95
C LYS A 57 4.92 4.81 12.16
N GLY A 58 4.64 5.83 11.35
CA GLY A 58 5.39 7.09 11.44
C GLY A 58 6.61 7.11 10.54
N LYS A 59 6.91 5.99 9.88
CA LYS A 59 8.04 5.90 8.96
C LYS A 59 7.62 6.20 7.52
N VAL A 60 8.37 7.06 6.84
CA VAL A 60 8.08 7.40 5.44
C VAL A 60 8.74 6.39 4.49
N LEU A 61 7.93 5.76 3.63
CA LEU A 61 8.42 4.72 2.72
C LEU A 61 9.05 5.32 1.45
N VAL A 62 10.24 4.82 1.10
CA VAL A 62 10.93 5.23 -0.14
C VAL A 62 10.49 4.36 -1.32
N GLU A 63 10.34 4.99 -2.50
CA GLU A 63 9.80 4.32 -3.70
C GLU A 63 10.37 2.90 -3.95
N THR A 64 11.69 2.75 -3.79
CA THR A 64 12.35 1.47 -4.12
C THR A 64 12.05 0.34 -3.13
N SER A 65 11.49 0.68 -1.97
CA SER A 65 11.20 -0.33 -0.93
C SER A 65 9.88 -1.07 -1.19
N THR A 66 9.86 -2.37 -0.89
CA THR A 66 8.66 -3.20 -1.07
C THR A 66 7.87 -3.33 0.23
N LEU A 67 6.58 -3.61 0.12
CA LEU A 67 5.73 -3.84 1.30
C LEU A 67 6.30 -4.99 2.15
N LYS A 68 6.76 -6.05 1.47
CA LYS A 68 7.34 -7.21 2.14
C LYS A 68 8.59 -6.84 2.95
N GLN A 69 9.53 -6.13 2.34
CA GLN A 69 10.77 -5.74 3.01
C GLN A 69 10.54 -4.67 4.09
N SER A 70 9.40 -3.99 4.01
CA SER A 70 8.98 -3.03 5.05
C SER A 70 8.17 -3.74 6.14
N ASP A 71 8.01 -5.07 6.00
CA ASP A 71 7.27 -5.91 6.95
C ASP A 71 5.77 -5.57 6.99
N VAL A 72 5.28 -4.90 5.94
CA VAL A 72 3.86 -4.60 5.80
C VAL A 72 3.08 -5.87 5.43
N GLY A 73 2.24 -6.34 6.36
CA GLY A 73 1.56 -7.62 6.19
C GLY A 73 0.09 -7.50 5.78
N SER A 74 -0.57 -8.65 5.68
CA SER A 74 -1.99 -8.71 5.33
C SER A 74 -2.88 -8.07 6.40
N GLY A 75 -3.46 -6.91 6.09
CA GLY A 75 -4.28 -6.20 7.06
C GLY A 75 -3.56 -5.03 7.71
N ALA A 76 -2.50 -4.53 7.07
CA ALA A 76 -1.73 -3.41 7.60
C ALA A 76 -2.44 -2.06 7.37
N LYS A 77 -2.37 -1.19 8.38
CA LYS A 77 -2.99 0.14 8.31
C LYS A 77 -1.96 1.21 7.92
N LEU A 78 -2.00 1.64 6.66
CA LEU A 78 -1.05 2.62 6.13
C LEU A 78 -1.59 4.05 6.23
N MET A 79 -0.74 4.99 6.61
CA MET A 79 -1.11 6.41 6.66
C MET A 79 -0.71 7.14 5.38
N LEU A 80 -1.64 7.92 4.80
CA LEU A 80 -1.34 8.67 3.58
C LEU A 80 -1.70 10.16 3.73
N MET A 81 -0.68 10.98 3.99
CA MET A 81 -0.86 12.43 4.08
C MET A 81 -0.65 13.07 2.70
N ALA A 82 -1.73 13.19 1.94
CA ALA A 82 -1.65 13.63 0.54
C ALA A 82 -1.84 15.15 0.38
N SER A 83 -1.05 15.75 -0.51
CA SER A 83 -1.17 17.18 -0.83
C SER A 83 -0.42 17.49 -2.14
N GLN A 84 -1.16 17.64 -3.23
CA GLN A 84 -0.55 17.94 -4.53
C GLN A 84 -0.06 19.39 -4.61
N GLY A 85 1.22 19.59 -4.24
CA GLY A 85 1.83 20.90 -4.37
C GLY A 85 2.74 21.02 -5.60
N MET A 1 2.49 -1.57 -11.28
CA MET A 1 2.41 -1.91 -12.73
C MET A 1 3.38 -3.04 -13.08
N GLY A 2 3.07 -3.83 -14.10
CA GLY A 2 3.94 -4.93 -14.48
C GLY A 2 3.50 -5.68 -15.73
N HIS A 3 4.47 -6.32 -16.39
CA HIS A 3 4.21 -7.19 -17.54
C HIS A 3 3.37 -8.43 -17.14
N HIS A 4 3.40 -9.47 -17.99
CA HIS A 4 2.73 -10.75 -17.64
C HIS A 4 3.19 -11.25 -16.27
N HIS A 5 2.26 -11.35 -15.33
CA HIS A 5 2.58 -11.78 -13.95
C HIS A 5 2.74 -13.30 -13.85
N HIS A 6 3.91 -13.74 -13.41
CA HIS A 6 4.19 -15.18 -13.28
C HIS A 6 3.79 -15.73 -11.91
N HIS A 7 3.12 -16.87 -11.93
CA HIS A 7 2.53 -17.46 -10.71
C HIS A 7 3.57 -18.31 -9.94
N HIS A 8 4.32 -17.67 -9.04
CA HIS A 8 5.29 -18.38 -8.19
C HIS A 8 5.12 -18.04 -6.70
N SER A 9 4.38 -18.88 -5.97
CA SER A 9 4.18 -18.73 -4.52
C SER A 9 3.79 -17.30 -4.11
N HIS A 10 3.19 -16.57 -5.04
CA HIS A 10 2.84 -15.16 -4.84
C HIS A 10 1.33 -14.98 -4.63
N SER A 11 0.96 -14.31 -3.54
CA SER A 11 -0.45 -13.99 -3.25
C SER A 11 -0.64 -12.48 -3.10
N THR A 12 -1.85 -12.07 -2.69
CA THR A 12 -2.16 -10.65 -2.47
C THR A 12 -2.49 -10.38 -1.00
N ILE A 13 -2.09 -9.21 -0.51
CA ILE A 13 -2.34 -8.81 0.88
C ILE A 13 -3.47 -7.77 0.99
N LYS A 14 -4.37 -7.98 1.92
CA LYS A 14 -5.47 -7.03 2.18
C LYS A 14 -5.02 -5.93 3.15
N LEU A 15 -5.05 -4.68 2.68
CA LEU A 15 -4.55 -3.54 3.47
C LEU A 15 -5.66 -2.56 3.82
N THR A 16 -5.32 -1.55 4.62
CA THR A 16 -6.23 -0.45 4.94
C THR A 16 -5.46 0.87 5.05
N VAL A 17 -5.58 1.72 4.03
CA VAL A 17 -4.82 2.97 3.96
C VAL A 17 -5.71 4.20 4.26
N LYS A 18 -5.23 5.08 5.14
CA LYS A 18 -5.98 6.29 5.50
C LYS A 18 -5.68 7.46 4.56
N PHE A 19 -6.64 7.79 3.69
CA PHE A 19 -6.54 8.96 2.82
C PHE A 19 -6.87 10.25 3.59
N GLY A 20 -5.84 10.86 4.17
CA GLY A 20 -6.03 12.10 4.94
C GLY A 20 -7.00 11.94 6.11
N GLY A 21 -7.19 10.72 6.58
CA GLY A 21 -8.12 10.44 7.67
C GLY A 21 -9.13 9.35 7.34
N LYS A 22 -9.48 9.21 6.06
CA LYS A 22 -10.46 8.21 5.62
C LYS A 22 -9.81 6.84 5.35
N SER A 23 -10.22 5.82 6.10
CA SER A 23 -9.62 4.47 5.97
C SER A 23 -10.24 3.69 4.80
N ILE A 24 -9.43 3.42 3.78
CA ILE A 24 -9.87 2.67 2.60
C ILE A 24 -9.26 1.26 2.55
N PRO A 25 -10.10 0.20 2.59
CA PRO A 25 -9.63 -1.20 2.51
C PRO A 25 -9.22 -1.61 1.09
N LEU A 26 -7.95 -1.99 0.92
CA LEU A 26 -7.40 -2.39 -0.39
C LEU A 26 -6.88 -3.83 -0.38
N SER A 27 -6.37 -4.27 -1.53
CA SER A 27 -5.73 -5.60 -1.66
C SER A 27 -4.69 -5.58 -2.79
N VAL A 28 -3.40 -5.58 -2.45
CA VAL A 28 -2.35 -5.40 -3.46
C VAL A 28 -1.27 -6.49 -3.40
N SER A 29 -0.26 -6.35 -4.26
CA SER A 29 0.85 -7.29 -4.35
C SER A 29 1.99 -6.93 -3.37
N PRO A 30 2.30 -7.82 -2.40
CA PRO A 30 3.34 -7.55 -1.37
C PRO A 30 4.74 -7.35 -1.97
N ASP A 31 5.01 -7.96 -3.12
CA ASP A 31 6.30 -7.84 -3.80
C ASP A 31 6.39 -6.57 -4.67
N CYS A 32 5.36 -5.73 -4.63
CA CYS A 32 5.38 -4.44 -5.33
C CYS A 32 6.03 -3.36 -4.45
N THR A 33 6.78 -2.46 -5.07
CA THR A 33 7.42 -1.36 -4.34
C THR A 33 6.40 -0.27 -3.98
N VAL A 34 6.67 0.47 -2.90
CA VAL A 34 5.76 1.54 -2.46
C VAL A 34 5.56 2.60 -3.55
N LYS A 35 6.57 2.78 -4.41
CA LYS A 35 6.45 3.72 -5.53
C LYS A 35 5.63 3.11 -6.68
N ASP A 36 5.74 1.79 -6.88
CA ASP A 36 4.92 1.08 -7.87
C ASP A 36 3.43 1.30 -7.57
N LEU A 37 3.08 1.25 -6.28
CA LEU A 37 1.72 1.57 -5.84
C LEU A 37 1.34 3.01 -6.21
N LYS A 38 2.23 3.96 -5.95
CA LYS A 38 1.97 5.37 -6.28
C LYS A 38 1.56 5.54 -7.76
N SER A 39 2.29 4.87 -8.65
CA SER A 39 2.00 4.93 -10.09
C SER A 39 0.66 4.24 -10.43
N GLN A 40 0.27 3.26 -9.61
CA GLN A 40 -0.99 2.54 -9.82
C GLN A 40 -2.19 3.34 -9.26
N LEU A 41 -1.96 4.05 -8.17
CA LEU A 41 -3.01 4.88 -7.54
C LEU A 41 -3.31 6.15 -8.37
N GLN A 42 -2.29 6.73 -9.01
CA GLN A 42 -2.46 7.97 -9.79
C GLN A 42 -3.69 7.96 -10.74
N PRO A 43 -3.84 6.92 -11.61
CA PRO A 43 -4.99 6.84 -12.55
C PRO A 43 -6.36 6.69 -11.84
N ILE A 44 -6.34 6.41 -10.54
CA ILE A 44 -7.58 6.18 -9.78
C ILE A 44 -7.82 7.29 -8.74
N THR A 45 -6.88 7.43 -7.80
CA THR A 45 -6.99 8.40 -6.70
C THR A 45 -6.61 9.83 -7.14
N ASN A 46 -5.95 9.95 -8.31
CA ASN A 46 -5.64 11.25 -8.92
C ASN A 46 -4.70 12.12 -8.07
N VAL A 47 -3.79 11.48 -7.33
CA VAL A 47 -2.79 12.20 -6.54
C VAL A 47 -1.35 11.92 -7.05
N LEU A 48 -0.53 12.96 -7.13
CA LEU A 48 0.83 12.85 -7.68
C LEU A 48 1.78 12.08 -6.75
N PRO A 49 2.88 11.49 -7.29
CA PRO A 49 3.87 10.77 -6.47
C PRO A 49 4.57 11.70 -5.45
N ARG A 50 4.72 12.98 -5.81
CA ARG A 50 5.23 14.00 -4.89
C ARG A 50 4.37 14.08 -3.62
N GLY A 51 3.06 14.16 -3.81
CA GLY A 51 2.14 14.20 -2.68
C GLY A 51 2.01 12.86 -1.96
N GLN A 52 1.92 11.78 -2.73
CA GLN A 52 1.75 10.43 -2.19
C GLN A 52 2.89 10.01 -1.23
N LYS A 53 2.74 10.38 0.02
CA LYS A 53 3.68 9.95 1.06
C LYS A 53 3.11 8.78 1.86
N LEU A 54 3.52 7.56 1.49
CA LEU A 54 3.11 6.36 2.21
C LEU A 54 3.83 6.27 3.56
N ILE A 55 3.15 6.69 4.61
CA ILE A 55 3.71 6.72 5.96
C ILE A 55 3.24 5.52 6.79
N PHE A 56 4.19 4.71 7.25
CA PHE A 56 3.88 3.56 8.11
C PHE A 56 4.83 3.54 9.32
N LYS A 57 4.26 3.44 10.52
CA LYS A 57 5.05 3.48 11.76
C LYS A 57 5.81 4.81 11.90
N GLY A 58 5.32 5.86 11.23
CA GLY A 58 5.92 7.19 11.35
C GLY A 58 7.00 7.49 10.30
N LYS A 59 7.20 6.58 9.35
CA LYS A 59 8.23 6.76 8.31
C LYS A 59 7.64 6.70 6.89
N VAL A 60 8.15 7.57 6.01
CA VAL A 60 7.82 7.49 4.58
C VAL A 60 8.70 6.45 3.89
N LEU A 61 8.10 5.32 3.51
CA LEU A 61 8.86 4.16 3.01
C LEU A 61 9.64 4.48 1.73
N VAL A 62 10.84 3.90 1.63
CA VAL A 62 11.75 4.11 0.50
C VAL A 62 11.17 3.55 -0.81
N GLU A 63 11.41 4.28 -1.91
CA GLU A 63 10.83 3.97 -3.22
C GLU A 63 11.05 2.50 -3.66
N THR A 64 12.27 1.99 -3.53
CA THR A 64 12.59 0.61 -3.97
C THR A 64 12.22 -0.45 -2.93
N SER A 65 11.56 -0.04 -1.85
CA SER A 65 11.13 -0.98 -0.80
C SER A 65 9.73 -1.52 -1.07
N THR A 66 9.55 -2.83 -1.00
CA THR A 66 8.24 -3.46 -1.21
C THR A 66 7.44 -3.53 0.09
N LEU A 67 6.14 -3.80 -0.02
CA LEU A 67 5.27 -3.91 1.17
C LEU A 67 5.75 -5.05 2.08
N LYS A 68 6.10 -6.17 1.48
CA LYS A 68 6.56 -7.35 2.23
C LYS A 68 7.92 -7.08 2.92
N GLN A 69 8.71 -6.18 2.33
CA GLN A 69 9.98 -5.74 2.95
C GLN A 69 9.73 -4.63 4.00
N SER A 70 8.57 -3.98 3.90
CA SER A 70 8.22 -2.87 4.79
C SER A 70 7.36 -3.33 5.99
N ASP A 71 7.35 -4.64 6.25
CA ASP A 71 6.54 -5.20 7.35
C ASP A 71 5.03 -4.96 7.15
N VAL A 72 4.64 -4.68 5.91
CA VAL A 72 3.24 -4.44 5.56
C VAL A 72 2.57 -5.73 5.06
N GLY A 73 1.49 -6.14 5.73
CA GLY A 73 0.80 -7.37 5.35
C GLY A 73 -0.69 -7.35 5.63
N SER A 74 -1.29 -8.54 5.75
CA SER A 74 -2.73 -8.68 5.98
C SER A 74 -3.20 -7.88 7.21
N GLY A 75 -3.99 -6.84 6.96
CA GLY A 75 -4.50 -5.99 8.04
C GLY A 75 -3.52 -4.89 8.45
N ALA A 76 -2.71 -4.42 7.50
CA ALA A 76 -1.76 -3.34 7.77
C ALA A 76 -2.42 -1.95 7.68
N LYS A 77 -2.39 -1.21 8.78
CA LYS A 77 -2.96 0.14 8.84
C LYS A 77 -1.99 1.18 8.27
N LEU A 78 -2.12 1.48 6.99
CA LEU A 78 -1.24 2.45 6.31
C LEU A 78 -1.78 3.87 6.38
N MET A 79 -0.89 4.86 6.29
CA MET A 79 -1.28 6.27 6.28
C MET A 79 -0.76 6.97 5.02
N LEU A 80 -1.68 7.53 4.23
CA LEU A 80 -1.30 8.20 2.98
C LEU A 80 -1.72 9.68 2.99
N MET A 81 -0.74 10.58 2.98
CA MET A 81 -1.02 12.01 2.90
C MET A 81 -1.34 12.42 1.46
N ALA A 82 -2.60 12.23 1.06
CA ALA A 82 -3.06 12.64 -0.26
C ALA A 82 -4.11 13.74 -0.15
N SER A 83 -3.72 14.97 -0.48
CA SER A 83 -4.62 16.14 -0.33
C SER A 83 -4.47 17.12 -1.49
N GLN A 84 -5.39 18.07 -1.58
CA GLN A 84 -5.34 19.12 -2.61
C GLN A 84 -4.76 20.43 -2.04
N GLY A 85 -4.61 20.49 -0.71
CA GLY A 85 -4.10 21.69 -0.05
C GLY A 85 -3.72 21.45 1.42
N MET A 1 -12.84 -31.50 8.46
CA MET A 1 -11.76 -32.43 8.86
C MET A 1 -10.57 -32.35 7.87
N GLY A 2 -9.63 -33.30 7.98
CA GLY A 2 -8.51 -33.37 7.04
C GLY A 2 -7.26 -32.65 7.51
N HIS A 3 -6.20 -33.40 7.81
CA HIS A 3 -4.92 -32.81 8.22
C HIS A 3 -4.23 -32.10 7.04
N HIS A 4 -3.94 -30.82 7.22
CA HIS A 4 -3.28 -30.02 6.19
C HIS A 4 -1.79 -29.75 6.54
N HIS A 5 -1.08 -29.06 5.65
CA HIS A 5 0.35 -28.77 5.86
C HIS A 5 0.66 -27.27 5.65
N HIS A 6 1.45 -26.70 6.55
CA HIS A 6 1.74 -25.27 6.55
C HIS A 6 2.79 -24.89 5.49
N HIS A 7 2.56 -23.79 4.79
CA HIS A 7 3.48 -23.28 3.76
C HIS A 7 3.19 -21.80 3.45
N HIS A 8 4.20 -21.09 2.94
CA HIS A 8 3.98 -19.70 2.51
C HIS A 8 2.97 -19.63 1.37
N SER A 9 2.06 -18.65 1.45
CA SER A 9 0.97 -18.51 0.46
C SER A 9 1.10 -17.20 -0.32
N HIS A 10 1.61 -17.28 -1.55
CA HIS A 10 1.80 -16.08 -2.38
C HIS A 10 0.47 -15.55 -2.93
N SER A 11 -0.11 -14.58 -2.22
CA SER A 11 -1.39 -13.96 -2.64
C SER A 11 -1.37 -12.44 -2.42
N THR A 12 -2.50 -11.79 -2.70
CA THR A 12 -2.63 -10.33 -2.53
C THR A 12 -3.05 -9.95 -1.11
N ILE A 13 -2.29 -9.06 -0.48
CA ILE A 13 -2.54 -8.63 0.89
C ILE A 13 -3.48 -7.41 0.96
N LYS A 14 -4.46 -7.46 1.87
CA LYS A 14 -5.38 -6.33 2.06
C LYS A 14 -4.83 -5.33 3.09
N LEU A 15 -4.56 -4.12 2.63
CA LEU A 15 -4.04 -3.04 3.49
C LEU A 15 -5.11 -1.98 3.75
N THR A 16 -5.08 -1.38 4.93
CA THR A 16 -6.04 -0.32 5.28
C THR A 16 -5.33 1.02 5.52
N VAL A 17 -5.42 1.93 4.55
CA VAL A 17 -4.70 3.20 4.61
C VAL A 17 -5.63 4.37 5.00
N LYS A 18 -5.13 5.23 5.90
CA LYS A 18 -5.87 6.44 6.29
C LYS A 18 -5.52 7.62 5.37
N PHE A 19 -6.50 8.09 4.61
CA PHE A 19 -6.32 9.25 3.73
C PHE A 19 -6.41 10.55 4.54
N GLY A 20 -6.01 11.66 3.94
CA GLY A 20 -6.13 12.97 4.61
C GLY A 20 -7.48 13.20 5.29
N GLY A 21 -8.54 12.64 4.71
CA GLY A 21 -9.87 12.75 5.32
C GLY A 21 -10.57 11.40 5.49
N LYS A 22 -10.51 10.55 4.47
CA LYS A 22 -11.22 9.26 4.46
C LYS A 22 -10.30 8.08 4.84
N SER A 23 -10.87 6.87 4.85
CA SER A 23 -10.08 5.63 5.10
C SER A 23 -10.31 4.62 3.98
N ILE A 24 -9.25 4.30 3.23
CA ILE A 24 -9.36 3.46 2.03
C ILE A 24 -8.76 2.04 2.24
N PRO A 25 -9.59 0.99 2.14
CA PRO A 25 -9.13 -0.41 2.14
C PRO A 25 -8.67 -0.88 0.75
N LEU A 26 -7.38 -1.17 0.60
CA LEU A 26 -6.81 -1.61 -0.68
C LEU A 26 -6.30 -3.06 -0.61
N SER A 27 -6.01 -3.65 -1.77
CA SER A 27 -5.47 -5.02 -1.85
C SER A 27 -4.40 -5.13 -2.95
N VAL A 28 -3.15 -5.30 -2.53
CA VAL A 28 -2.01 -5.36 -3.48
C VAL A 28 -1.12 -6.58 -3.21
N SER A 29 -0.12 -6.79 -4.07
CA SER A 29 0.82 -7.90 -3.89
C SER A 29 2.14 -7.41 -3.26
N PRO A 30 2.69 -8.15 -2.28
CA PRO A 30 3.91 -7.74 -1.55
C PRO A 30 5.15 -7.62 -2.43
N ASP A 31 5.06 -8.13 -3.67
CA ASP A 31 6.17 -8.08 -4.63
C ASP A 31 6.31 -6.70 -5.30
N CYS A 32 5.30 -5.84 -5.13
CA CYS A 32 5.33 -4.50 -5.74
C CYS A 32 6.04 -3.48 -4.85
N THR A 33 6.77 -2.54 -5.45
CA THR A 33 7.41 -1.45 -4.72
C THR A 33 6.39 -0.36 -4.37
N VAL A 34 6.56 0.30 -3.24
CA VAL A 34 5.64 1.38 -2.83
C VAL A 34 5.62 2.52 -3.87
N LYS A 35 6.73 2.70 -4.58
CA LYS A 35 6.82 3.67 -5.67
C LYS A 35 5.90 3.25 -6.84
N ASP A 36 5.98 1.98 -7.22
CA ASP A 36 5.10 1.42 -8.25
C ASP A 36 3.62 1.56 -7.86
N LEU A 37 3.33 1.32 -6.58
CA LEU A 37 1.96 1.49 -6.06
C LEU A 37 1.46 2.92 -6.22
N LYS A 38 2.24 3.91 -5.79
CA LYS A 38 1.85 5.31 -5.91
C LYS A 38 1.47 5.66 -7.36
N SER A 39 2.12 5.02 -8.32
CA SER A 39 1.80 5.21 -9.73
C SER A 39 0.51 4.46 -10.14
N GLN A 40 0.34 3.25 -9.60
CA GLN A 40 -0.89 2.46 -9.87
C GLN A 40 -2.12 3.13 -9.23
N LEU A 41 -1.90 3.87 -8.14
CA LEU A 41 -2.97 4.61 -7.47
C LEU A 41 -3.41 5.85 -8.27
N GLN A 42 -2.54 6.38 -9.13
CA GLN A 42 -2.84 7.59 -9.92
C GLN A 42 -4.20 7.52 -10.66
N PRO A 43 -4.47 6.45 -11.44
CA PRO A 43 -5.77 6.30 -12.15
C PRO A 43 -6.95 6.01 -11.20
N ILE A 44 -6.66 5.80 -9.91
CA ILE A 44 -7.71 5.50 -8.92
C ILE A 44 -7.97 6.69 -7.97
N THR A 45 -6.95 7.05 -7.19
CA THR A 45 -7.04 8.16 -6.22
C THR A 45 -6.99 9.53 -6.90
N ASN A 46 -6.41 9.57 -8.11
CA ASN A 46 -6.33 10.81 -8.92
C ASN A 46 -5.33 11.82 -8.32
N VAL A 47 -4.30 11.33 -7.62
CA VAL A 47 -3.30 12.21 -7.00
C VAL A 47 -1.87 11.81 -7.42
N LEU A 48 -0.98 12.81 -7.50
CA LEU A 48 0.40 12.59 -7.97
C LEU A 48 1.24 11.76 -6.99
N PRO A 49 2.15 10.90 -7.52
CA PRO A 49 3.01 10.02 -6.69
C PRO A 49 4.02 10.80 -5.83
N ARG A 50 4.23 12.07 -6.17
CA ARG A 50 5.09 12.96 -5.38
C ARG A 50 4.48 13.25 -4.00
N GLY A 51 3.20 13.65 -4.02
CA GLY A 51 2.51 14.01 -2.78
C GLY A 51 2.08 12.81 -1.94
N GLN A 52 1.82 11.69 -2.60
CA GLN A 52 1.39 10.47 -1.89
C GLN A 52 2.45 9.97 -0.91
N LYS A 53 2.37 10.42 0.35
CA LYS A 53 3.28 9.98 1.40
C LYS A 53 2.71 8.76 2.16
N LEU A 54 3.16 7.57 1.80
CA LEU A 54 2.77 6.34 2.48
C LEU A 54 3.51 6.21 3.83
N ILE A 55 2.78 6.37 4.93
CA ILE A 55 3.38 6.38 6.26
C ILE A 55 2.92 5.20 7.13
N PHE A 56 3.87 4.36 7.54
CA PHE A 56 3.60 3.21 8.41
C PHE A 56 4.40 3.31 9.72
N LYS A 57 3.70 3.27 10.86
CA LYS A 57 4.35 3.36 12.19
C LYS A 57 5.11 4.68 12.39
N GLY A 58 4.82 5.67 11.55
CA GLY A 58 5.49 6.97 11.65
C GLY A 58 6.62 7.15 10.64
N LYS A 59 6.94 6.09 9.90
CA LYS A 59 7.97 6.15 8.85
C LYS A 59 7.35 6.11 7.45
N VAL A 60 7.80 7.01 6.58
CA VAL A 60 7.40 6.96 5.17
C VAL A 60 8.10 5.79 4.46
N LEU A 61 7.32 4.94 3.80
CA LEU A 61 7.88 3.76 3.12
C LEU A 61 8.91 4.17 2.05
N VAL A 62 10.03 3.45 2.02
CA VAL A 62 11.11 3.76 1.08
C VAL A 62 10.80 3.21 -0.32
N GLU A 63 10.95 4.06 -1.34
CA GLU A 63 10.60 3.71 -2.72
C GLU A 63 11.43 2.53 -3.25
N THR A 64 12.64 2.37 -2.72
CA THR A 64 13.53 1.26 -3.11
C THR A 64 13.18 -0.06 -2.38
N SER A 65 12.10 -0.05 -1.60
CA SER A 65 11.68 -1.26 -0.87
C SER A 65 10.21 -1.61 -1.13
N THR A 66 9.94 -2.90 -1.31
CA THR A 66 8.57 -3.39 -1.51
C THR A 66 7.83 -3.55 -0.17
N LEU A 67 6.57 -3.98 -0.22
CA LEU A 67 5.81 -4.26 1.00
C LEU A 67 6.47 -5.40 1.79
N LYS A 68 6.84 -6.47 1.07
CA LYS A 68 7.53 -7.61 1.69
C LYS A 68 8.86 -7.18 2.31
N GLN A 69 9.63 -6.37 1.59
CA GLN A 69 10.92 -5.86 2.10
C GLN A 69 10.73 -4.96 3.33
N SER A 70 9.55 -4.35 3.46
CA SER A 70 9.22 -3.51 4.62
C SER A 70 8.49 -4.32 5.71
N ASP A 71 8.34 -5.62 5.49
CA ASP A 71 7.65 -6.51 6.43
C ASP A 71 6.16 -6.15 6.60
N VAL A 72 5.60 -5.47 5.61
CA VAL A 72 4.17 -5.13 5.60
C VAL A 72 3.35 -6.31 5.05
N GLY A 73 2.32 -6.73 5.79
CA GLY A 73 1.52 -7.88 5.39
C GLY A 73 0.01 -7.62 5.46
N SER A 74 -0.77 -8.68 5.21
CA SER A 74 -2.25 -8.59 5.23
C SER A 74 -2.77 -8.18 6.62
N GLY A 75 -3.45 -7.04 6.68
CA GLY A 75 -3.97 -6.53 7.94
C GLY A 75 -3.21 -5.31 8.44
N ALA A 76 -2.23 -4.84 7.67
CA ALA A 76 -1.46 -3.64 8.04
C ALA A 76 -2.26 -2.36 7.79
N LYS A 77 -2.07 -1.37 8.68
CA LYS A 77 -2.79 -0.10 8.59
C LYS A 77 -1.85 1.08 8.34
N LEU A 78 -1.97 1.69 7.17
CA LEU A 78 -1.05 2.75 6.73
C LEU A 78 -1.67 4.15 6.88
N MET A 79 -0.89 5.17 6.54
CA MET A 79 -1.37 6.56 6.46
C MET A 79 -0.97 7.17 5.10
N LEU A 80 -1.77 8.08 4.58
CA LEU A 80 -1.48 8.73 3.31
C LEU A 80 -1.68 10.25 3.39
N MET A 81 -0.57 10.99 3.51
CA MET A 81 -0.62 12.44 3.56
C MET A 81 -0.88 13.03 2.16
N ALA A 82 -2.14 13.30 1.86
CA ALA A 82 -2.52 13.87 0.56
C ALA A 82 -3.76 14.77 0.67
N SER A 83 -4.11 15.43 -0.44
CA SER A 83 -5.27 16.32 -0.48
C SER A 83 -6.36 15.77 -1.41
N GLN A 84 -7.58 16.30 -1.26
CA GLN A 84 -8.74 15.87 -2.09
C GLN A 84 -9.16 14.42 -1.79
N GLY A 85 -8.70 13.88 -0.67
CA GLY A 85 -9.08 12.53 -0.26
C GLY A 85 -9.14 12.36 1.25
N MET A 1 -11.17 -30.83 5.74
CA MET A 1 -10.35 -30.66 4.50
C MET A 1 -9.85 -29.21 4.35
N GLY A 2 -8.65 -29.05 3.80
CA GLY A 2 -8.06 -27.73 3.62
C GLY A 2 -6.53 -27.78 3.52
N HIS A 3 -5.88 -26.63 3.73
CA HIS A 3 -4.42 -26.57 3.71
C HIS A 3 -3.90 -25.70 4.87
N HIS A 4 -3.27 -26.33 5.85
CA HIS A 4 -2.78 -25.62 7.03
C HIS A 4 -1.59 -24.72 6.71
N HIS A 5 -0.76 -25.15 5.77
CA HIS A 5 0.42 -24.39 5.34
C HIS A 5 0.06 -23.36 4.26
N HIS A 6 0.96 -22.41 4.02
CA HIS A 6 0.70 -21.30 3.08
C HIS A 6 1.21 -21.58 1.67
N HIS A 7 0.42 -21.13 0.68
CA HIS A 7 0.79 -21.21 -0.74
C HIS A 7 2.14 -20.50 -1.00
N HIS A 8 3.19 -21.27 -1.29
CA HIS A 8 4.54 -20.72 -1.41
C HIS A 8 4.66 -19.65 -2.50
N SER A 9 3.94 -19.84 -3.61
CA SER A 9 3.86 -18.82 -4.67
C SER A 9 3.18 -17.56 -4.10
N HIS A 10 3.75 -16.39 -4.36
CA HIS A 10 3.32 -15.14 -3.70
C HIS A 10 1.80 -14.88 -3.80
N SER A 11 1.21 -14.40 -2.71
CA SER A 11 -0.22 -14.09 -2.64
C SER A 11 -0.48 -12.58 -2.54
N THR A 12 -1.72 -12.22 -2.23
CA THR A 12 -2.09 -10.82 -2.00
C THR A 12 -2.33 -10.54 -0.52
N ILE A 13 -2.33 -9.27 -0.14
CA ILE A 13 -2.48 -8.87 1.27
C ILE A 13 -3.43 -7.66 1.44
N LYS A 14 -4.10 -7.60 2.59
CA LYS A 14 -5.07 -6.54 2.89
C LYS A 14 -4.37 -5.26 3.38
N LEU A 15 -4.44 -4.19 2.59
CA LEU A 15 -3.87 -2.90 2.95
C LEU A 15 -4.96 -1.83 3.17
N THR A 16 -4.92 -1.16 4.32
CA THR A 16 -5.80 -0.01 4.58
C THR A 16 -5.06 1.30 4.26
N VAL A 17 -5.19 1.78 3.03
CA VAL A 17 -4.50 2.99 2.58
C VAL A 17 -5.31 4.25 2.91
N LYS A 18 -4.88 4.99 3.92
CA LYS A 18 -5.64 6.18 4.38
C LYS A 18 -5.19 7.46 3.67
N PHE A 19 -6.00 7.94 2.73
CA PHE A 19 -5.76 9.24 2.08
C PHE A 19 -6.20 10.39 2.99
N GLY A 20 -5.33 10.77 3.93
CA GLY A 20 -5.64 11.85 4.86
C GLY A 20 -7.02 11.74 5.50
N GLY A 21 -7.38 10.54 5.96
CA GLY A 21 -8.72 10.32 6.53
C GLY A 21 -9.56 9.36 5.69
N LYS A 22 -9.38 9.40 4.38
CA LYS A 22 -10.10 8.50 3.47
C LYS A 22 -9.51 7.08 3.51
N SER A 23 -10.14 6.19 4.27
CA SER A 23 -9.68 4.81 4.41
C SER A 23 -9.99 3.98 3.15
N ILE A 24 -8.98 3.74 2.33
CA ILE A 24 -9.12 2.94 1.11
C ILE A 24 -8.66 1.48 1.33
N PRO A 25 -9.62 0.54 1.44
CA PRO A 25 -9.31 -0.90 1.62
C PRO A 25 -8.94 -1.60 0.30
N LEU A 26 -7.68 -1.99 0.15
CA LEU A 26 -7.19 -2.65 -1.06
C LEU A 26 -6.59 -4.04 -0.76
N SER A 27 -6.25 -4.77 -1.81
CA SER A 27 -5.57 -6.08 -1.68
C SER A 27 -4.54 -6.28 -2.79
N VAL A 28 -3.28 -5.98 -2.49
CA VAL A 28 -2.21 -6.02 -3.51
C VAL A 28 -1.14 -7.07 -3.17
N SER A 29 -0.15 -7.23 -4.06
CA SER A 29 0.95 -8.17 -3.84
C SER A 29 2.09 -7.53 -3.05
N PRO A 30 2.59 -8.20 -1.99
CA PRO A 30 3.69 -7.66 -1.15
C PRO A 30 5.01 -7.50 -1.93
N ASP A 31 5.14 -8.26 -3.03
CA ASP A 31 6.31 -8.18 -3.90
C ASP A 31 6.44 -6.81 -4.58
N CYS A 32 5.32 -6.10 -4.70
CA CYS A 32 5.28 -4.79 -5.35
C CYS A 32 5.91 -3.69 -4.48
N THR A 33 6.30 -2.58 -5.09
CA THR A 33 6.91 -1.47 -4.37
C THR A 33 5.86 -0.45 -3.90
N VAL A 34 6.20 0.33 -2.89
CA VAL A 34 5.31 1.40 -2.41
C VAL A 34 5.08 2.45 -3.51
N LYS A 35 6.04 2.56 -4.44
CA LYS A 35 5.88 3.42 -5.62
C LYS A 35 4.85 2.84 -6.59
N ASP A 36 4.89 1.53 -6.79
CA ASP A 36 3.92 0.83 -7.63
C ASP A 36 2.50 1.12 -7.14
N LEU A 37 2.33 1.11 -5.81
CA LEU A 37 1.06 1.51 -5.18
C LEU A 37 0.69 2.96 -5.50
N LYS A 38 1.58 3.90 -5.16
CA LYS A 38 1.32 5.33 -5.42
C LYS A 38 1.06 5.60 -6.91
N SER A 39 1.58 4.73 -7.78
CA SER A 39 1.32 4.81 -9.22
C SER A 39 -0.08 4.30 -9.57
N GLN A 40 -0.48 3.18 -8.97
CA GLN A 40 -1.83 2.61 -9.18
C GLN A 40 -2.92 3.50 -8.57
N LEU A 41 -2.61 4.14 -7.45
CA LEU A 41 -3.56 5.02 -6.76
C LEU A 41 -3.86 6.31 -7.55
N GLN A 42 -2.99 6.66 -8.51
CA GLN A 42 -3.16 7.90 -9.29
C GLN A 42 -4.50 7.94 -10.06
N PRO A 43 -4.86 6.91 -10.86
CA PRO A 43 -6.17 6.85 -11.54
C PRO A 43 -7.33 6.62 -10.55
N ILE A 44 -7.01 6.02 -9.40
CA ILE A 44 -8.03 5.65 -8.40
C ILE A 44 -8.49 6.86 -7.56
N THR A 45 -7.58 7.80 -7.30
CA THR A 45 -7.90 8.93 -6.41
C THR A 45 -7.54 10.30 -7.04
N ASN A 46 -6.83 10.28 -8.17
CA ASN A 46 -6.33 11.51 -8.81
C ASN A 46 -5.36 12.28 -7.88
N VAL A 47 -4.09 11.88 -7.92
CA VAL A 47 -3.08 12.46 -7.02
C VAL A 47 -1.65 12.12 -7.50
N LEU A 48 -0.71 13.03 -7.27
CA LEU A 48 0.67 12.88 -7.73
C LEU A 48 1.52 12.01 -6.78
N PRO A 49 2.51 11.28 -7.33
CA PRO A 49 3.45 10.48 -6.51
C PRO A 49 4.25 11.36 -5.53
N ARG A 50 4.44 12.64 -5.89
CA ARG A 50 5.00 13.64 -4.97
C ARG A 50 4.07 13.86 -3.78
N GLY A 51 2.80 14.09 -4.09
CA GLY A 51 1.80 14.36 -3.06
C GLY A 51 1.63 13.19 -2.09
N GLN A 52 1.58 11.98 -2.64
CA GLN A 52 1.38 10.77 -1.83
C GLN A 52 2.62 10.41 -0.99
N LYS A 53 2.47 10.47 0.33
CA LYS A 53 3.54 10.05 1.26
C LYS A 53 3.06 8.92 2.18
N LEU A 54 3.50 7.69 1.90
CA LEU A 54 3.15 6.52 2.71
C LEU A 54 3.93 6.48 4.03
N ILE A 55 3.21 6.64 5.15
CA ILE A 55 3.83 6.64 6.48
C ILE A 55 3.31 5.47 7.35
N PHE A 56 4.16 4.48 7.57
CA PHE A 56 3.81 3.27 8.33
C PHE A 56 4.52 3.24 9.69
N LYS A 57 3.75 3.07 10.77
CA LYS A 57 4.29 3.07 12.14
C LYS A 57 5.07 4.37 12.45
N GLY A 58 4.71 5.45 11.78
CA GLY A 58 5.36 6.74 12.00
C GLY A 58 6.61 6.95 11.15
N LYS A 59 6.89 6.02 10.23
CA LYS A 59 8.06 6.12 9.35
C LYS A 59 7.65 6.22 7.88
N VAL A 60 8.33 7.09 7.12
CA VAL A 60 8.06 7.25 5.69
C VAL A 60 8.77 6.16 4.87
N LEU A 61 8.04 5.54 3.94
CA LEU A 61 8.60 4.45 3.12
C LEU A 61 9.19 4.99 1.80
N VAL A 62 10.44 4.64 1.52
CA VAL A 62 11.10 5.04 0.28
C VAL A 62 10.51 4.29 -0.92
N GLU A 63 10.38 4.97 -2.06
CA GLU A 63 9.76 4.38 -3.26
C GLU A 63 10.41 3.07 -3.71
N THR A 64 11.69 2.88 -3.38
CA THR A 64 12.43 1.67 -3.75
C THR A 64 12.08 0.47 -2.85
N SER A 65 11.30 0.71 -1.80
CA SER A 65 10.94 -0.34 -0.83
C SER A 65 9.67 -1.09 -1.24
N THR A 66 9.66 -2.40 -1.05
CA THR A 66 8.47 -3.23 -1.30
C THR A 66 7.68 -3.45 -0.01
N LEU A 67 6.40 -3.81 -0.15
CA LEU A 67 5.55 -4.07 1.02
C LEU A 67 6.10 -5.26 1.82
N LYS A 68 6.66 -6.23 1.11
CA LYS A 68 7.26 -7.42 1.74
C LYS A 68 8.51 -7.06 2.56
N GLN A 69 9.23 -6.02 2.12
CA GLN A 69 10.41 -5.54 2.84
C GLN A 69 10.04 -4.67 4.05
N SER A 70 8.93 -3.93 3.94
CA SER A 70 8.52 -2.98 4.99
C SER A 70 7.55 -3.60 6.02
N ASP A 71 7.56 -4.93 6.15
CA ASP A 71 6.73 -5.63 7.14
C ASP A 71 5.22 -5.45 6.91
N VAL A 72 4.85 -5.03 5.70
CA VAL A 72 3.44 -4.82 5.36
C VAL A 72 2.77 -6.16 4.98
N GLY A 73 1.67 -6.48 5.64
CA GLY A 73 0.98 -7.74 5.39
C GLY A 73 -0.54 -7.65 5.51
N SER A 74 -1.21 -8.80 5.55
CA SER A 74 -2.67 -8.84 5.66
C SER A 74 -3.17 -8.14 6.94
N GLY A 75 -3.72 -6.94 6.76
CA GLY A 75 -4.24 -6.17 7.89
C GLY A 75 -3.38 -4.95 8.23
N ALA A 76 -2.39 -4.66 7.39
CA ALA A 76 -1.52 -3.51 7.59
C ALA A 76 -2.20 -2.19 7.18
N LYS A 77 -2.01 -1.15 7.98
CA LYS A 77 -2.66 0.14 7.73
C LYS A 77 -1.63 1.25 7.45
N LEU A 78 -1.76 1.90 6.30
CA LEU A 78 -0.79 2.90 5.84
C LEU A 78 -1.38 4.32 5.89
N MET A 79 -0.82 5.17 6.73
CA MET A 79 -1.22 6.59 6.75
C MET A 79 -0.63 7.32 5.53
N LEU A 80 -1.46 7.53 4.51
CA LEU A 80 -1.01 8.17 3.28
C LEU A 80 -1.27 9.68 3.28
N MET A 81 -0.22 10.45 3.53
CA MET A 81 -0.31 11.91 3.46
C MET A 81 -0.27 12.37 2.01
N ALA A 82 -1.44 12.45 1.38
CA ALA A 82 -1.55 12.87 -0.02
C ALA A 82 -1.89 14.36 -0.16
N SER A 83 -0.86 15.19 -0.35
CA SER A 83 -1.03 16.64 -0.51
C SER A 83 -0.62 17.11 -1.91
N GLN A 84 -1.55 17.70 -2.65
CA GLN A 84 -1.29 18.15 -4.02
C GLN A 84 -0.55 19.50 -4.08
N GLY A 85 -1.27 20.58 -3.78
CA GLY A 85 -0.70 21.92 -3.89
C GLY A 85 0.39 22.22 -2.86
N MET A 1 11.30 -33.62 0.24
CA MET A 1 10.04 -34.41 0.11
C MET A 1 8.99 -33.65 -0.70
N GLY A 2 8.16 -34.38 -1.44
CA GLY A 2 7.20 -33.76 -2.35
C GLY A 2 5.81 -33.52 -1.75
N HIS A 3 5.42 -34.34 -0.76
CA HIS A 3 4.04 -34.30 -0.22
C HIS A 3 3.87 -33.17 0.81
N HIS A 4 4.35 -31.98 0.49
CA HIS A 4 4.16 -30.79 1.34
C HIS A 4 3.73 -29.57 0.51
N HIS A 5 3.03 -28.64 1.16
CA HIS A 5 2.53 -27.41 0.52
C HIS A 5 1.68 -27.71 -0.74
N HIS A 6 0.41 -28.06 -0.54
CA HIS A 6 -0.53 -28.22 -1.65
C HIS A 6 -0.91 -26.85 -2.22
N HIS A 7 -0.89 -25.83 -1.36
CA HIS A 7 -1.22 -24.46 -1.73
C HIS A 7 0.00 -23.54 -1.53
N HIS A 8 0.78 -23.33 -2.59
CA HIS A 8 1.95 -22.45 -2.54
C HIS A 8 1.50 -20.98 -2.64
N SER A 9 1.88 -20.17 -1.64
CA SER A 9 1.39 -18.79 -1.53
C SER A 9 1.92 -17.88 -2.65
N HIS A 10 1.02 -17.06 -3.20
CA HIS A 10 1.37 -16.08 -4.23
C HIS A 10 0.27 -14.99 -4.29
N SER A 11 -0.50 -14.89 -3.19
CA SER A 11 -1.70 -14.04 -3.14
C SER A 11 -1.38 -12.60 -2.72
N THR A 12 -2.43 -11.80 -2.54
CA THR A 12 -2.29 -10.39 -2.14
C THR A 12 -2.37 -10.20 -0.62
N ILE A 13 -2.16 -8.96 -0.17
CA ILE A 13 -2.31 -8.60 1.24
C ILE A 13 -3.37 -7.51 1.42
N LYS A 14 -4.30 -7.72 2.35
CA LYS A 14 -5.38 -6.74 2.60
C LYS A 14 -4.87 -5.56 3.44
N LEU A 15 -4.61 -4.43 2.79
CA LEU A 15 -4.15 -3.22 3.48
C LEU A 15 -5.24 -2.14 3.54
N THR A 16 -4.97 -1.06 4.25
CA THR A 16 -5.88 0.09 4.29
C THR A 16 -5.09 1.41 4.28
N VAL A 17 -5.18 2.16 3.18
CA VAL A 17 -4.48 3.43 3.04
C VAL A 17 -5.43 4.62 3.28
N LYS A 18 -5.00 5.60 4.09
CA LYS A 18 -5.86 6.74 4.43
C LYS A 18 -5.62 7.95 3.50
N PHE A 19 -6.66 8.34 2.76
CA PHE A 19 -6.66 9.59 2.00
C PHE A 19 -7.36 10.70 2.81
N GLY A 20 -6.58 11.65 3.33
CA GLY A 20 -7.13 12.68 4.20
C GLY A 20 -7.78 12.09 5.46
N GLY A 21 -9.10 11.96 5.43
CA GLY A 21 -9.82 11.35 6.55
C GLY A 21 -10.48 10.02 6.18
N LYS A 22 -10.44 9.66 4.90
CA LYS A 22 -11.08 8.44 4.40
C LYS A 22 -10.14 7.24 4.41
N SER A 23 -10.59 6.13 4.99
CA SER A 23 -9.81 4.88 5.03
C SER A 23 -10.16 3.98 3.84
N ILE A 24 -9.17 3.76 2.97
CA ILE A 24 -9.38 2.97 1.74
C ILE A 24 -8.71 1.58 1.84
N PRO A 25 -9.50 0.51 2.11
CA PRO A 25 -8.99 -0.87 2.14
C PRO A 25 -8.69 -1.43 0.72
N LEU A 26 -7.43 -1.74 0.46
CA LEU A 26 -6.99 -2.26 -0.85
C LEU A 26 -6.15 -3.55 -0.70
N SER A 27 -6.47 -4.56 -1.51
CA SER A 27 -5.71 -5.82 -1.52
C SER A 27 -4.65 -5.82 -2.63
N VAL A 28 -3.45 -5.37 -2.30
CA VAL A 28 -2.37 -5.24 -3.29
C VAL A 28 -1.36 -6.39 -3.20
N SER A 29 -0.51 -6.50 -4.22
CA SER A 29 0.56 -7.52 -4.23
C SER A 29 1.68 -7.17 -3.24
N PRO A 30 2.06 -8.11 -2.35
CA PRO A 30 3.02 -7.84 -1.26
C PRO A 30 4.40 -7.39 -1.76
N ASP A 31 4.87 -7.96 -2.87
CA ASP A 31 6.20 -7.65 -3.41
C ASP A 31 6.13 -6.54 -4.48
N CYS A 32 5.17 -5.63 -4.33
CA CYS A 32 5.12 -4.40 -5.14
C CYS A 32 5.75 -3.23 -4.36
N THR A 33 6.66 -2.51 -4.99
CA THR A 33 7.35 -1.39 -4.31
C THR A 33 6.41 -0.21 -4.05
N VAL A 34 6.70 0.55 -3.00
CA VAL A 34 5.90 1.74 -2.67
C VAL A 34 6.03 2.82 -3.76
N LYS A 35 6.97 2.63 -4.68
CA LYS A 35 7.04 3.44 -5.90
C LYS A 35 5.96 3.00 -6.88
N ASP A 36 5.80 1.68 -7.03
CA ASP A 36 4.74 1.10 -7.86
C ASP A 36 3.35 1.54 -7.35
N LEU A 37 3.17 1.53 -6.03
CA LEU A 37 1.93 2.01 -5.41
C LEU A 37 1.59 3.44 -5.83
N LYS A 38 2.59 4.33 -5.75
CA LYS A 38 2.40 5.74 -6.16
C LYS A 38 1.97 5.85 -7.63
N SER A 39 2.23 4.81 -8.41
CA SER A 39 1.77 4.74 -9.80
C SER A 39 0.33 4.20 -9.87
N GLN A 40 0.04 3.16 -9.09
CA GLN A 40 -1.29 2.53 -9.08
C GLN A 40 -2.40 3.47 -8.58
N LEU A 41 -2.09 4.28 -7.57
CA LEU A 41 -3.10 5.20 -6.99
C LEU A 41 -3.50 6.33 -7.97
N GLN A 42 -2.61 6.66 -8.91
CA GLN A 42 -2.87 7.75 -9.86
C GLN A 42 -4.15 7.54 -10.71
N PRO A 43 -4.28 6.40 -11.44
CA PRO A 43 -5.49 6.11 -12.23
C PRO A 43 -6.71 5.72 -11.37
N ILE A 44 -6.60 5.89 -10.05
CA ILE A 44 -7.70 5.63 -9.13
C ILE A 44 -8.21 6.92 -8.48
N THR A 45 -7.35 7.54 -7.66
CA THR A 45 -7.73 8.75 -6.91
C THR A 45 -7.18 10.03 -7.55
N ASN A 46 -6.48 9.91 -8.67
CA ASN A 46 -5.93 11.06 -9.42
C ASN A 46 -4.83 11.80 -8.61
N VAL A 47 -4.17 11.09 -7.71
CA VAL A 47 -3.17 11.71 -6.83
C VAL A 47 -1.74 11.59 -7.41
N LEU A 48 -1.01 12.70 -7.43
CA LEU A 48 0.36 12.73 -7.98
C LEU A 48 1.39 12.30 -6.91
N PRO A 49 2.50 11.63 -7.34
CA PRO A 49 3.56 11.17 -6.42
C PRO A 49 4.05 12.26 -5.44
N ARG A 50 4.14 13.50 -5.90
CA ARG A 50 4.49 14.65 -5.02
C ARG A 50 3.59 14.70 -3.77
N GLY A 51 2.31 14.43 -3.95
CA GLY A 51 1.36 14.49 -2.84
C GLY A 51 1.23 13.16 -2.08
N GLN A 52 1.90 12.12 -2.58
CA GLN A 52 1.82 10.78 -1.98
C GLN A 52 2.97 10.53 -0.99
N LYS A 53 2.77 10.96 0.26
CA LYS A 53 3.72 10.69 1.34
C LYS A 53 3.35 9.39 2.08
N LEU A 54 3.90 8.26 1.61
CA LEU A 54 3.61 6.95 2.20
C LEU A 54 4.38 6.74 3.51
N ILE A 55 3.65 6.80 4.64
CA ILE A 55 4.24 6.63 5.96
C ILE A 55 3.61 5.44 6.70
N PHE A 56 4.45 4.62 7.34
CA PHE A 56 3.98 3.45 8.11
C PHE A 56 4.70 3.35 9.45
N LYS A 57 3.94 3.31 10.55
CA LYS A 57 4.49 3.20 11.91
C LYS A 57 5.46 4.36 12.24
N GLY A 58 5.33 5.48 11.51
CA GLY A 58 6.19 6.63 11.74
C GLY A 58 7.44 6.66 10.85
N LYS A 59 7.46 5.80 9.83
CA LYS A 59 8.59 5.74 8.89
C LYS A 59 8.12 5.97 7.44
N VAL A 60 8.81 6.86 6.72
CA VAL A 60 8.55 7.06 5.30
C VAL A 60 9.14 5.89 4.48
N LEU A 61 8.32 5.27 3.64
CA LEU A 61 8.74 4.08 2.90
C LEU A 61 9.65 4.42 1.70
N VAL A 62 10.82 3.77 1.67
CA VAL A 62 11.77 3.93 0.55
C VAL A 62 11.18 3.36 -0.75
N GLU A 63 11.28 4.12 -1.84
CA GLU A 63 10.66 3.73 -3.13
C GLU A 63 11.05 2.34 -3.60
N THR A 64 12.30 1.94 -3.35
CA THR A 64 12.82 0.65 -3.81
C THR A 64 12.47 -0.51 -2.86
N SER A 65 11.66 -0.23 -1.84
CA SER A 65 11.21 -1.27 -0.90
C SER A 65 9.75 -1.63 -1.13
N THR A 66 9.42 -2.92 -1.00
CA THR A 66 8.03 -3.39 -1.15
C THR A 66 7.33 -3.47 0.21
N LEU A 67 6.03 -3.73 0.19
CA LEU A 67 5.27 -3.91 1.44
C LEU A 67 5.84 -5.08 2.24
N LYS A 68 5.97 -6.24 1.59
CA LYS A 68 6.46 -7.45 2.24
C LYS A 68 7.93 -7.29 2.69
N GLN A 69 8.73 -6.55 1.92
CA GLN A 69 10.12 -6.27 2.31
C GLN A 69 10.18 -5.31 3.51
N SER A 70 9.13 -4.50 3.66
CA SER A 70 9.00 -3.60 4.82
C SER A 70 8.25 -4.28 5.98
N ASP A 71 8.10 -5.61 5.88
CA ASP A 71 7.46 -6.43 6.91
C ASP A 71 5.95 -6.14 7.04
N VAL A 72 5.38 -5.50 6.02
CA VAL A 72 3.95 -5.18 6.01
C VAL A 72 3.12 -6.37 5.52
N GLY A 73 2.35 -6.98 6.42
CA GLY A 73 1.51 -8.11 6.06
C GLY A 73 0.03 -7.74 5.94
N SER A 74 -0.82 -8.74 5.72
CA SER A 74 -2.27 -8.51 5.56
C SER A 74 -2.91 -8.09 6.88
N GLY A 75 -3.60 -6.95 6.86
CA GLY A 75 -4.22 -6.41 8.07
C GLY A 75 -3.55 -5.12 8.54
N ALA A 76 -2.45 -4.75 7.90
CA ALA A 76 -1.73 -3.51 8.22
C ALA A 76 -2.37 -2.31 7.51
N LYS A 77 -2.23 -1.12 8.09
CA LYS A 77 -2.88 0.08 7.56
C LYS A 77 -1.85 1.22 7.34
N LEU A 78 -1.82 1.75 6.12
CA LEU A 78 -0.80 2.72 5.71
C LEU A 78 -1.26 4.17 5.95
N MET A 79 -0.39 4.98 6.55
CA MET A 79 -0.69 6.38 6.82
C MET A 79 -0.21 7.28 5.67
N LEU A 80 -1.11 7.57 4.74
CA LEU A 80 -0.79 8.44 3.60
C LEU A 80 -1.15 9.90 3.87
N MET A 81 -0.15 10.78 3.83
CA MET A 81 -0.40 12.21 3.99
C MET A 81 -0.81 12.84 2.64
N ALA A 82 -2.06 12.61 2.25
CA ALA A 82 -2.61 13.15 1.00
C ALA A 82 -4.02 13.69 1.25
N SER A 83 -4.35 14.83 0.64
CA SER A 83 -5.65 15.48 0.85
C SER A 83 -6.72 14.95 -0.13
N GLN A 84 -6.53 15.23 -1.42
CA GLN A 84 -7.48 14.83 -2.46
C GLN A 84 -7.37 13.32 -2.76
N GLY A 85 -8.44 12.58 -2.47
CA GLY A 85 -8.45 11.14 -2.76
C GLY A 85 -9.88 10.56 -2.84
N MET A 1 -1.17 -32.72 -1.42
CA MET A 1 -0.64 -33.43 -2.61
C MET A 1 -0.97 -32.66 -3.89
N GLY A 2 -2.24 -32.69 -4.31
CA GLY A 2 -2.65 -32.04 -5.55
C GLY A 2 -3.43 -30.76 -5.35
N HIS A 3 -2.73 -29.64 -5.21
CA HIS A 3 -3.39 -28.34 -5.06
C HIS A 3 -3.99 -27.89 -6.42
N HIS A 4 -5.16 -28.45 -6.73
CA HIS A 4 -5.85 -28.20 -8.01
C HIS A 4 -6.03 -26.70 -8.32
N HIS A 5 -5.95 -26.35 -9.60
CA HIS A 5 -6.10 -24.95 -10.04
C HIS A 5 -6.62 -24.86 -11.49
N HIS A 6 -7.35 -23.79 -11.79
CA HIS A 6 -7.82 -23.51 -13.15
C HIS A 6 -6.93 -22.46 -13.83
N HIS A 7 -6.25 -21.66 -13.02
CA HIS A 7 -5.32 -20.63 -13.51
C HIS A 7 -4.45 -20.09 -12.37
N HIS A 8 -3.41 -19.33 -12.70
CA HIS A 8 -2.60 -18.67 -11.68
C HIS A 8 -3.29 -17.39 -11.18
N SER A 9 -3.34 -17.19 -9.88
CA SER A 9 -3.97 -16.00 -9.29
C SER A 9 -2.93 -15.04 -8.72
N HIS A 10 -3.39 -13.88 -8.22
CA HIS A 10 -2.50 -12.89 -7.62
C HIS A 10 -2.46 -13.04 -6.09
N SER A 11 -1.26 -13.24 -5.54
CA SER A 11 -1.07 -13.26 -4.09
C SER A 11 -1.18 -11.82 -3.54
N THR A 12 -2.31 -11.51 -2.92
CA THR A 12 -2.58 -10.15 -2.44
C THR A 12 -2.72 -10.07 -0.92
N ILE A 13 -2.21 -8.98 -0.35
CA ILE A 13 -2.36 -8.69 1.07
C ILE A 13 -3.41 -7.58 1.29
N LYS A 14 -4.41 -7.87 2.12
CA LYS A 14 -5.47 -6.90 2.41
C LYS A 14 -4.97 -5.75 3.31
N LEU A 15 -4.63 -4.63 2.69
CA LEU A 15 -4.13 -3.45 3.40
C LEU A 15 -5.22 -2.38 3.58
N THR A 16 -4.99 -1.45 4.50
CA THR A 16 -5.91 -0.33 4.71
C THR A 16 -5.16 1.01 4.62
N VAL A 17 -5.20 1.64 3.46
CA VAL A 17 -4.50 2.92 3.24
C VAL A 17 -5.45 4.10 3.47
N LYS A 18 -5.05 5.02 4.35
CA LYS A 18 -5.89 6.16 4.70
C LYS A 18 -5.49 7.45 3.97
N PHE A 19 -6.37 7.94 3.09
CA PHE A 19 -6.22 9.28 2.50
C PHE A 19 -6.69 10.34 3.51
N GLY A 20 -5.79 10.73 4.41
CA GLY A 20 -6.17 11.63 5.49
C GLY A 20 -7.19 11.00 6.44
N GLY A 21 -8.46 11.34 6.25
CA GLY A 21 -9.53 10.73 7.05
C GLY A 21 -10.19 9.53 6.37
N LYS A 22 -10.02 9.43 5.05
CA LYS A 22 -10.62 8.35 4.26
C LYS A 22 -9.83 7.03 4.37
N SER A 23 -10.34 6.10 5.17
CA SER A 23 -9.72 4.78 5.32
C SER A 23 -10.11 3.84 4.16
N ILE A 24 -9.22 3.69 3.19
CA ILE A 24 -9.50 2.89 1.98
C ILE A 24 -8.91 1.47 2.08
N PRO A 25 -9.77 0.43 2.12
CA PRO A 25 -9.32 -0.98 2.12
C PRO A 25 -8.91 -1.46 0.71
N LEU A 26 -7.61 -1.70 0.51
CA LEU A 26 -7.08 -2.14 -0.79
C LEU A 26 -6.13 -3.34 -0.64
N SER A 27 -6.32 -4.37 -1.48
CA SER A 27 -5.47 -5.56 -1.46
C SER A 27 -4.50 -5.59 -2.65
N VAL A 28 -3.22 -5.36 -2.38
CA VAL A 28 -2.19 -5.35 -3.42
C VAL A 28 -1.19 -6.50 -3.23
N SER A 29 -0.30 -6.70 -4.21
CA SER A 29 0.71 -7.77 -4.11
C SER A 29 1.89 -7.34 -3.21
N PRO A 30 2.26 -8.17 -2.22
CA PRO A 30 3.34 -7.85 -1.26
C PRO A 30 4.71 -7.68 -1.91
N ASP A 31 4.87 -8.18 -3.15
CA ASP A 31 6.15 -8.07 -3.87
C ASP A 31 6.24 -6.78 -4.70
N CYS A 32 5.18 -5.97 -4.69
CA CYS A 32 5.19 -4.66 -5.35
C CYS A 32 5.81 -3.60 -4.44
N THR A 33 6.51 -2.64 -5.05
CA THR A 33 7.19 -1.58 -4.29
C THR A 33 6.23 -0.45 -3.90
N VAL A 34 6.55 0.27 -2.82
CA VAL A 34 5.79 1.45 -2.42
C VAL A 34 5.91 2.56 -3.47
N LYS A 35 6.85 2.39 -4.39
CA LYS A 35 6.97 3.25 -5.56
C LYS A 35 5.82 2.98 -6.53
N ASP A 36 5.70 1.72 -6.93
CA ASP A 36 4.64 1.26 -7.84
C ASP A 36 3.24 1.56 -7.27
N LEU A 37 3.10 1.46 -5.95
CA LEU A 37 1.83 1.80 -5.27
C LEU A 37 1.33 3.19 -5.67
N LYS A 38 2.22 4.18 -5.69
CA LYS A 38 1.84 5.55 -6.04
C LYS A 38 1.41 5.63 -7.52
N SER A 39 1.99 4.77 -8.34
CA SER A 39 1.60 4.66 -9.76
C SER A 39 0.23 3.99 -9.91
N GLN A 40 -0.09 3.07 -9.01
CA GLN A 40 -1.39 2.39 -9.01
C GLN A 40 -2.50 3.29 -8.46
N LEU A 41 -2.21 4.01 -7.37
CA LEU A 41 -3.19 4.91 -6.74
C LEU A 41 -3.47 6.16 -7.60
N GLN A 42 -2.49 6.55 -8.44
CA GLN A 42 -2.61 7.78 -9.24
C GLN A 42 -3.89 7.79 -10.12
N PRO A 43 -4.13 6.76 -10.96
CA PRO A 43 -5.35 6.71 -11.80
C PRO A 43 -6.64 6.51 -10.99
N ILE A 44 -6.53 5.93 -9.81
CA ILE A 44 -7.70 5.63 -8.97
C ILE A 44 -8.25 6.88 -8.26
N THR A 45 -7.37 7.58 -7.52
CA THR A 45 -7.78 8.76 -6.75
C THR A 45 -7.44 10.08 -7.49
N ASN A 46 -6.63 9.97 -8.55
CA ASN A 46 -6.14 11.13 -9.29
C ASN A 46 -5.23 12.00 -8.42
N VAL A 47 -4.11 11.41 -8.00
CA VAL A 47 -3.12 12.10 -7.17
C VAL A 47 -1.70 11.69 -7.58
N LEU A 48 -0.84 12.67 -7.82
CA LEU A 48 0.52 12.41 -8.31
C LEU A 48 1.47 11.94 -7.19
N PRO A 49 2.41 11.02 -7.50
CA PRO A 49 3.36 10.46 -6.52
C PRO A 49 4.14 11.53 -5.75
N ARG A 50 4.36 12.68 -6.37
CA ARG A 50 5.05 13.80 -5.71
C ARG A 50 4.33 14.25 -4.43
N GLY A 51 3.00 14.13 -4.41
CA GLY A 51 2.22 14.50 -3.23
C GLY A 51 1.80 13.32 -2.38
N GLN A 52 2.11 12.10 -2.83
CA GLN A 52 1.73 10.88 -2.10
C GLN A 52 2.79 10.48 -1.06
N LYS A 53 2.64 11.02 0.15
CA LYS A 53 3.54 10.68 1.26
C LYS A 53 3.10 9.40 1.99
N LEU A 54 3.69 8.27 1.63
CA LEU A 54 3.41 6.99 2.29
C LEU A 54 4.16 6.88 3.63
N ILE A 55 3.40 6.88 4.73
CA ILE A 55 3.99 6.78 6.08
C ILE A 55 3.42 5.57 6.84
N PHE A 56 4.31 4.72 7.34
CA PHE A 56 3.91 3.51 8.08
C PHE A 56 4.46 3.53 9.51
N LYS A 57 3.55 3.63 10.49
CA LYS A 57 3.92 3.62 11.92
C LYS A 57 4.84 4.80 12.30
N GLY A 58 4.98 5.78 11.41
CA GLY A 58 5.86 6.93 11.67
C GLY A 58 7.06 7.02 10.72
N LYS A 59 7.37 5.92 10.03
CA LYS A 59 8.48 5.90 9.08
C LYS A 59 8.01 6.05 7.63
N VAL A 60 8.64 6.95 6.88
CA VAL A 60 8.33 7.13 5.46
C VAL A 60 9.00 6.02 4.63
N LEU A 61 8.24 5.42 3.71
CA LEU A 61 8.71 4.26 2.95
C LEU A 61 9.57 4.66 1.74
N VAL A 62 10.76 4.06 1.65
CA VAL A 62 11.66 4.25 0.49
C VAL A 62 11.10 3.55 -0.76
N GLU A 63 11.16 4.22 -1.92
CA GLU A 63 10.55 3.71 -3.16
C GLU A 63 10.99 2.29 -3.50
N THR A 64 12.26 1.99 -3.24
CA THR A 64 12.86 0.69 -3.60
C THR A 64 12.34 -0.47 -2.72
N SER A 65 11.66 -0.14 -1.62
CA SER A 65 11.15 -1.17 -0.70
C SER A 65 9.73 -1.63 -1.07
N THR A 66 9.47 -2.92 -0.90
CA THR A 66 8.13 -3.48 -1.13
C THR A 66 7.35 -3.54 0.19
N LEU A 67 6.05 -3.84 0.11
CA LEU A 67 5.21 -3.97 1.31
C LEU A 67 5.77 -5.06 2.24
N LYS A 68 5.97 -6.24 1.69
CA LYS A 68 6.49 -7.39 2.47
C LYS A 68 7.87 -7.09 3.06
N GLN A 69 8.71 -6.36 2.32
CA GLN A 69 10.04 -5.99 2.81
C GLN A 69 9.96 -4.99 3.97
N SER A 70 9.01 -4.05 3.89
CA SER A 70 8.86 -3.01 4.93
C SER A 70 7.89 -3.46 6.04
N ASP A 71 7.67 -4.77 6.15
CA ASP A 71 6.86 -5.36 7.23
C ASP A 71 5.35 -5.03 7.11
N VAL A 72 4.95 -4.50 5.96
CA VAL A 72 3.55 -4.21 5.69
C VAL A 72 2.85 -5.46 5.10
N GLY A 73 2.18 -6.23 5.94
CA GLY A 73 1.54 -7.46 5.50
C GLY A 73 0.01 -7.43 5.62
N SER A 74 -0.61 -8.60 5.43
CA SER A 74 -2.08 -8.72 5.49
C SER A 74 -2.63 -8.15 6.81
N GLY A 75 -3.41 -7.07 6.71
CA GLY A 75 -4.00 -6.44 7.90
C GLY A 75 -3.36 -5.12 8.29
N ALA A 76 -2.20 -4.81 7.71
CA ALA A 76 -1.47 -3.57 8.03
C ALA A 76 -2.19 -2.32 7.52
N LYS A 77 -2.14 -1.24 8.30
CA LYS A 77 -2.77 0.03 7.94
C LYS A 77 -1.71 1.10 7.58
N LEU A 78 -1.85 1.68 6.39
CA LEU A 78 -0.91 2.68 5.88
C LEU A 78 -1.47 4.11 5.98
N MET A 79 -0.65 5.05 6.44
CA MET A 79 -1.04 6.45 6.52
C MET A 79 -0.52 7.24 5.30
N LEU A 80 -1.42 7.58 4.37
CA LEU A 80 -1.03 8.33 3.18
C LEU A 80 -1.36 9.82 3.32
N MET A 81 -0.35 10.63 3.61
CA MET A 81 -0.54 12.07 3.77
C MET A 81 -0.65 12.77 2.40
N ALA A 82 -1.84 12.67 1.80
CA ALA A 82 -2.12 13.32 0.52
C ALA A 82 -3.49 14.02 0.55
N SER A 83 -3.67 15.05 -0.28
CA SER A 83 -4.94 15.79 -0.32
C SER A 83 -5.13 16.50 -1.67
N GLN A 84 -6.33 17.01 -1.90
CA GLN A 84 -6.65 17.74 -3.12
C GLN A 84 -6.01 19.14 -3.11
N GLY A 85 -6.14 19.83 -1.99
CA GLY A 85 -5.60 21.18 -1.86
C GLY A 85 -6.62 22.19 -1.34
N MET A 1 -10.04 -18.90 6.96
CA MET A 1 -9.79 -19.25 8.39
C MET A 1 -8.51 -20.09 8.54
N GLY A 2 -7.65 -19.69 9.46
CA GLY A 2 -6.41 -20.42 9.75
C GLY A 2 -5.95 -20.22 11.18
N HIS A 3 -5.20 -21.18 11.73
CA HIS A 3 -4.79 -21.13 13.15
C HIS A 3 -3.58 -20.17 13.37
N HIS A 4 -3.70 -18.93 12.90
CA HIS A 4 -2.78 -17.83 13.24
C HIS A 4 -1.37 -17.96 12.64
N HIS A 5 -0.87 -19.19 12.47
CA HIS A 5 0.54 -19.42 12.10
C HIS A 5 0.91 -18.74 10.75
N HIS A 6 1.92 -17.87 10.81
CA HIS A 6 2.44 -17.21 9.62
C HIS A 6 3.12 -18.21 8.67
N HIS A 7 2.84 -18.13 7.37
CA HIS A 7 3.50 -18.98 6.38
C HIS A 7 3.94 -18.16 5.15
N HIS A 8 4.96 -18.65 4.44
CA HIS A 8 5.42 -18.01 3.21
C HIS A 8 4.37 -18.13 2.09
N SER A 9 4.22 -17.07 1.29
CA SER A 9 3.26 -17.08 0.17
C SER A 9 3.46 -15.89 -0.78
N HIS A 10 2.81 -15.96 -1.93
CA HIS A 10 2.81 -14.86 -2.90
C HIS A 10 1.41 -14.22 -3.01
N SER A 11 0.51 -14.63 -2.11
CA SER A 11 -0.89 -14.17 -2.13
C SER A 11 -1.00 -12.63 -2.05
N THR A 12 -2.12 -12.10 -2.54
CA THR A 12 -2.38 -10.66 -2.50
C THR A 12 -3.05 -10.27 -1.17
N ILE A 13 -2.44 -9.30 -0.49
CA ILE A 13 -2.90 -8.87 0.84
C ILE A 13 -3.67 -7.54 0.77
N LYS A 14 -4.63 -7.36 1.69
CA LYS A 14 -5.42 -6.12 1.74
C LYS A 14 -4.79 -5.08 2.68
N LEU A 15 -4.25 -4.02 2.10
CA LEU A 15 -3.68 -2.90 2.87
C LEU A 15 -4.74 -1.83 3.14
N THR A 16 -4.71 -1.23 4.33
CA THR A 16 -5.62 -0.13 4.67
C THR A 16 -4.86 1.20 4.74
N VAL A 17 -4.79 1.92 3.63
CA VAL A 17 -4.08 3.21 3.60
C VAL A 17 -5.02 4.36 3.97
N LYS A 18 -4.46 5.36 4.64
CA LYS A 18 -5.27 6.40 5.28
C LYS A 18 -5.08 7.79 4.63
N PHE A 19 -6.11 8.27 3.96
CA PHE A 19 -6.20 9.68 3.56
C PHE A 19 -6.72 10.52 4.74
N GLY A 20 -6.59 11.83 4.65
CA GLY A 20 -7.12 12.71 5.70
C GLY A 20 -8.60 12.49 5.98
N GLY A 21 -8.90 11.51 6.82
CA GLY A 21 -10.29 11.20 7.17
C GLY A 21 -10.92 10.11 6.30
N LYS A 22 -10.12 9.48 5.44
CA LYS A 22 -10.63 8.44 4.52
C LYS A 22 -9.78 7.17 4.59
N SER A 23 -10.43 6.01 4.59
CA SER A 23 -9.73 4.71 4.59
C SER A 23 -9.85 4.02 3.21
N ILE A 24 -8.71 3.64 2.64
CA ILE A 24 -8.68 3.00 1.32
C ILE A 24 -8.11 1.56 1.41
N PRO A 25 -8.96 0.53 1.24
CA PRO A 25 -8.51 -0.88 1.27
C PRO A 25 -8.12 -1.43 -0.12
N LEU A 26 -6.83 -1.76 -0.29
CA LEU A 26 -6.31 -2.27 -1.57
C LEU A 26 -5.66 -3.65 -1.43
N SER A 27 -6.14 -4.62 -2.20
CA SER A 27 -5.55 -5.97 -2.22
C SER A 27 -4.47 -6.08 -3.31
N VAL A 28 -3.20 -5.99 -2.90
CA VAL A 28 -2.08 -6.03 -3.85
C VAL A 28 -1.03 -7.08 -3.44
N SER A 29 -0.06 -7.30 -4.31
CA SER A 29 1.03 -8.26 -4.04
C SER A 29 2.16 -7.60 -3.23
N PRO A 30 2.57 -8.22 -2.10
CA PRO A 30 3.62 -7.67 -1.21
C PRO A 30 5.00 -7.53 -1.91
N ASP A 31 5.18 -8.25 -3.00
CA ASP A 31 6.42 -8.21 -3.78
C ASP A 31 6.60 -6.86 -4.52
N CYS A 32 5.49 -6.14 -4.70
CA CYS A 32 5.51 -4.84 -5.40
C CYS A 32 6.12 -3.73 -4.52
N THR A 33 6.61 -2.67 -5.14
CA THR A 33 7.21 -1.54 -4.41
C THR A 33 6.17 -0.46 -4.08
N VAL A 34 6.44 0.31 -3.03
CA VAL A 34 5.54 1.40 -2.61
C VAL A 34 5.46 2.50 -3.68
N LYS A 35 6.46 2.54 -4.58
CA LYS A 35 6.45 3.47 -5.70
C LYS A 35 5.53 2.96 -6.83
N ASP A 36 5.55 1.65 -7.06
CA ASP A 36 4.60 1.02 -8.00
C ASP A 36 3.17 1.31 -7.55
N LEU A 37 2.92 1.21 -6.25
CA LEU A 37 1.63 1.58 -5.66
C LEU A 37 1.19 2.99 -6.06
N LYS A 38 2.14 3.91 -6.11
CA LYS A 38 1.85 5.29 -6.53
C LYS A 38 1.26 5.33 -7.94
N SER A 39 1.82 4.52 -8.83
CA SER A 39 1.35 4.44 -10.23
C SER A 39 -0.06 3.82 -10.31
N GLN A 40 -0.42 3.05 -9.30
CA GLN A 40 -1.75 2.41 -9.23
C GLN A 40 -2.75 3.29 -8.47
N LEU A 41 -2.26 4.03 -7.48
CA LEU A 41 -3.11 4.94 -6.68
C LEU A 41 -3.58 6.16 -7.50
N GLN A 42 -2.69 6.74 -8.29
CA GLN A 42 -3.01 7.99 -9.03
C GLN A 42 -4.32 7.90 -9.83
N PRO A 43 -4.50 6.87 -10.71
CA PRO A 43 -5.73 6.75 -11.53
C PRO A 43 -6.99 6.41 -10.69
N ILE A 44 -6.79 6.04 -9.42
CA ILE A 44 -7.90 5.63 -8.55
C ILE A 44 -8.28 6.74 -7.54
N THR A 45 -7.31 7.11 -6.70
CA THR A 45 -7.55 8.12 -5.65
C THR A 45 -7.20 9.54 -6.12
N ASN A 46 -6.84 9.68 -7.40
CA ASN A 46 -6.59 11.00 -8.00
C ASN A 46 -5.41 11.74 -7.34
N VAL A 47 -4.50 10.99 -6.74
CA VAL A 47 -3.34 11.57 -6.03
C VAL A 47 -2.06 11.53 -6.88
N LEU A 48 -1.23 12.56 -6.78
CA LEU A 48 0.00 12.66 -7.56
C LEU A 48 1.16 11.85 -6.91
N PRO A 49 1.93 11.09 -7.71
CA PRO A 49 3.05 10.26 -7.20
C PRO A 49 4.08 11.06 -6.39
N ARG A 50 4.40 12.27 -6.85
CA ARG A 50 5.35 13.14 -6.15
C ARG A 50 4.80 13.58 -4.77
N GLY A 51 3.49 13.82 -4.71
CA GLY A 51 2.85 14.21 -3.45
C GLY A 51 2.50 13.03 -2.56
N GLN A 52 2.53 11.82 -3.13
CA GLN A 52 2.22 10.60 -2.39
C GLN A 52 3.30 10.25 -1.37
N LYS A 53 3.02 10.53 -0.10
CA LYS A 53 3.89 10.15 1.01
C LYS A 53 3.30 8.95 1.79
N LEU A 54 3.74 7.75 1.44
CA LEU A 54 3.30 6.53 2.14
C LEU A 54 4.06 6.36 3.47
N ILE A 55 3.32 6.32 4.58
CA ILE A 55 3.92 6.33 5.92
C ILE A 55 3.40 5.16 6.79
N PHE A 56 4.31 4.29 7.22
CA PHE A 56 3.95 3.12 8.04
C PHE A 56 4.43 3.30 9.50
N LYS A 57 3.48 3.24 10.44
CA LYS A 57 3.78 3.40 11.88
C LYS A 57 4.35 4.80 12.19
N GLY A 58 4.12 5.76 11.29
CA GLY A 58 4.69 7.09 11.43
C GLY A 58 6.04 7.24 10.73
N LYS A 59 6.50 6.16 10.10
CA LYS A 59 7.79 6.14 9.39
C LYS A 59 7.57 5.99 7.87
N VAL A 60 8.06 6.95 7.09
CA VAL A 60 7.88 6.94 5.63
C VAL A 60 8.60 5.76 4.96
N LEU A 61 7.92 5.08 4.03
CA LEU A 61 8.54 3.98 3.29
C LEU A 61 9.40 4.50 2.13
N VAL A 62 10.51 3.81 1.86
CA VAL A 62 11.38 4.17 0.74
C VAL A 62 10.78 3.69 -0.59
N GLU A 63 10.66 4.59 -1.57
CA GLU A 63 10.03 4.27 -2.86
C GLU A 63 10.69 3.07 -3.57
N THR A 64 11.96 2.83 -3.28
CA THR A 64 12.70 1.70 -3.87
C THR A 64 12.56 0.42 -3.02
N SER A 65 11.64 0.44 -2.06
CA SER A 65 11.40 -0.72 -1.17
C SER A 65 10.02 -1.32 -1.40
N THR A 66 9.85 -2.60 -1.03
CA THR A 66 8.57 -3.30 -1.21
C THR A 66 7.73 -3.30 0.07
N LEU A 67 6.50 -3.79 -0.02
CA LEU A 67 5.64 -3.94 1.16
C LEU A 67 6.16 -5.08 2.05
N LYS A 68 6.60 -6.17 1.41
CA LYS A 68 7.14 -7.33 2.14
C LYS A 68 8.42 -6.97 2.91
N GLN A 69 9.26 -6.13 2.32
CA GLN A 69 10.46 -5.62 2.99
C GLN A 69 10.11 -4.72 4.18
N SER A 70 8.92 -4.12 4.12
CA SER A 70 8.47 -3.18 5.15
C SER A 70 7.54 -3.87 6.18
N ASP A 71 7.46 -5.20 6.10
CA ASP A 71 6.63 -6.01 7.03
C ASP A 71 5.12 -5.70 6.90
N VAL A 72 4.74 -5.04 5.82
CA VAL A 72 3.33 -4.72 5.59
C VAL A 72 2.54 -5.96 5.15
N GLY A 73 1.69 -6.46 6.05
CA GLY A 73 0.91 -7.67 5.78
C GLY A 73 -0.59 -7.41 5.62
N SER A 74 -1.39 -8.48 5.67
CA SER A 74 -2.85 -8.37 5.52
C SER A 74 -3.47 -7.62 6.70
N GLY A 75 -4.14 -6.50 6.41
CA GLY A 75 -4.76 -5.69 7.45
C GLY A 75 -3.83 -4.61 8.00
N ALA A 76 -2.67 -4.45 7.37
CA ALA A 76 -1.71 -3.41 7.79
C ALA A 76 -2.19 -2.01 7.39
N LYS A 77 -2.20 -1.10 8.36
CA LYS A 77 -2.68 0.27 8.13
C LYS A 77 -1.53 1.22 7.76
N LEU A 78 -1.69 1.92 6.64
CA LEU A 78 -0.72 2.91 6.15
C LEU A 78 -1.29 4.32 6.19
N MET A 79 -0.42 5.33 6.19
CA MET A 79 -0.83 6.73 6.15
C MET A 79 -0.34 7.40 4.85
N LEU A 80 -1.26 7.95 4.06
CA LEU A 80 -0.88 8.67 2.85
C LEU A 80 -0.99 10.19 3.07
N MET A 81 0.16 10.82 3.33
CA MET A 81 0.20 12.27 3.59
C MET A 81 0.06 13.07 2.29
N ALA A 82 -1.17 13.18 1.81
CA ALA A 82 -1.47 13.93 0.59
C ALA A 82 -2.86 14.55 0.65
N SER A 83 -2.97 15.83 0.32
CA SER A 83 -4.25 16.56 0.40
C SER A 83 -5.17 16.28 -0.79
N GLN A 84 -5.07 15.07 -1.35
CA GLN A 84 -5.87 14.69 -2.52
C GLN A 84 -7.09 13.84 -2.12
N GLY A 85 -7.69 13.17 -3.11
CA GLY A 85 -8.89 12.37 -2.86
C GLY A 85 -10.16 13.02 -3.42
N MET A 1 -7.47 -17.72 -13.24
CA MET A 1 -8.90 -17.99 -13.52
C MET A 1 -9.78 -16.88 -12.92
N GLY A 2 -11.06 -16.82 -13.32
CA GLY A 2 -11.97 -15.85 -12.73
C GLY A 2 -12.92 -15.20 -13.74
N HIS A 3 -13.22 -13.93 -13.52
CA HIS A 3 -14.13 -13.17 -14.38
C HIS A 3 -13.33 -12.32 -15.39
N HIS A 4 -14.00 -11.47 -16.19
CA HIS A 4 -13.25 -10.55 -17.07
C HIS A 4 -12.29 -9.69 -16.23
N HIS A 5 -11.15 -9.33 -16.81
CA HIS A 5 -10.01 -8.80 -16.04
C HIS A 5 -9.44 -9.93 -15.15
N HIS A 6 -9.42 -11.13 -15.71
CA HIS A 6 -8.94 -12.34 -15.01
C HIS A 6 -7.54 -12.14 -14.40
N HIS A 7 -7.24 -12.93 -13.37
CA HIS A 7 -5.95 -12.84 -12.67
C HIS A 7 -5.53 -14.21 -12.11
N HIS A 8 -4.23 -14.36 -11.84
CA HIS A 8 -3.70 -15.59 -11.23
C HIS A 8 -3.65 -15.45 -9.71
N SER A 9 -4.05 -16.50 -8.99
CA SER A 9 -4.05 -16.49 -7.52
C SER A 9 -2.63 -16.36 -6.96
N HIS A 10 -2.23 -15.13 -6.67
CA HIS A 10 -0.95 -14.83 -6.01
C HIS A 10 -1.21 -14.16 -4.65
N SER A 11 -0.25 -14.28 -3.74
CA SER A 11 -0.37 -13.66 -2.41
C SER A 11 -0.69 -12.15 -2.50
N THR A 12 -1.95 -11.79 -2.28
CA THR A 12 -2.39 -10.40 -2.27
C THR A 12 -2.93 -9.99 -0.89
N ILE A 13 -2.22 -9.08 -0.25
CA ILE A 13 -2.54 -8.66 1.12
C ILE A 13 -3.66 -7.61 1.15
N LYS A 14 -4.46 -7.63 2.22
CA LYS A 14 -5.56 -6.69 2.40
C LYS A 14 -5.18 -5.55 3.36
N LEU A 15 -4.95 -4.36 2.82
CA LEU A 15 -4.49 -3.22 3.61
C LEU A 15 -5.63 -2.21 3.86
N THR A 16 -5.39 -1.27 4.78
CA THR A 16 -6.29 -0.13 4.98
C THR A 16 -5.50 1.17 4.96
N VAL A 17 -5.52 1.87 3.83
CA VAL A 17 -4.78 3.12 3.68
C VAL A 17 -5.61 4.33 4.16
N LYS A 18 -5.23 4.87 5.31
CA LYS A 18 -5.88 6.07 5.85
C LYS A 18 -5.50 7.31 5.02
N PHE A 19 -6.26 7.52 3.95
CA PHE A 19 -6.02 8.62 3.01
C PHE A 19 -6.58 9.94 3.56
N GLY A 20 -5.73 10.70 4.26
CA GLY A 20 -6.18 11.95 4.89
C GLY A 20 -7.36 11.74 5.84
N GLY A 21 -7.45 10.55 6.44
CA GLY A 21 -8.58 10.20 7.30
C GLY A 21 -9.52 9.18 6.65
N LYS A 22 -9.56 9.18 5.33
CA LYS A 22 -10.41 8.24 4.57
C LYS A 22 -9.86 6.82 4.66
N SER A 23 -10.57 5.93 5.35
CA SER A 23 -10.16 4.53 5.47
C SER A 23 -10.37 3.78 4.14
N ILE A 24 -9.32 3.70 3.31
CA ILE A 24 -9.41 3.05 2.00
C ILE A 24 -8.89 1.60 2.04
N PRO A 25 -9.79 0.60 1.97
CA PRO A 25 -9.41 -0.82 1.93
C PRO A 25 -8.87 -1.23 0.54
N LEU A 26 -7.67 -1.82 0.51
CA LEU A 26 -7.02 -2.20 -0.76
C LEU A 26 -6.49 -3.64 -0.70
N SER A 27 -6.28 -4.25 -1.87
CA SER A 27 -5.71 -5.61 -1.96
C SER A 27 -4.63 -5.67 -3.04
N VAL A 28 -3.36 -5.67 -2.62
CA VAL A 28 -2.21 -5.72 -3.55
C VAL A 28 -1.20 -6.79 -3.13
N SER A 29 -0.25 -7.11 -4.01
CA SER A 29 0.78 -8.12 -3.71
C SER A 29 2.03 -7.49 -3.07
N PRO A 30 2.54 -8.07 -1.97
CA PRO A 30 3.70 -7.51 -1.22
C PRO A 30 4.98 -7.42 -2.08
N ASP A 31 5.00 -8.11 -3.21
CA ASP A 31 6.15 -8.09 -4.12
C ASP A 31 6.26 -6.76 -4.89
N CYS A 32 5.27 -5.88 -4.72
CA CYS A 32 5.27 -4.57 -5.39
C CYS A 32 6.01 -3.52 -4.56
N THR A 33 6.67 -2.58 -5.25
CA THR A 33 7.35 -1.47 -4.58
C THR A 33 6.34 -0.38 -4.16
N VAL A 34 6.64 0.35 -3.09
CA VAL A 34 5.77 1.43 -2.64
C VAL A 34 5.67 2.54 -3.70
N LYS A 35 6.68 2.63 -4.57
CA LYS A 35 6.62 3.50 -5.74
C LYS A 35 5.57 2.99 -6.73
N ASP A 36 5.46 1.66 -6.85
CA ASP A 36 4.44 1.06 -7.70
C ASP A 36 3.04 1.29 -7.12
N LEU A 37 2.96 1.40 -5.79
CA LEU A 37 1.72 1.82 -5.13
C LEU A 37 1.32 3.23 -5.59
N LYS A 38 2.30 4.12 -5.76
CA LYS A 38 2.06 5.44 -6.38
C LYS A 38 1.48 5.25 -7.79
N SER A 39 2.02 4.27 -8.52
CA SER A 39 1.59 3.96 -9.89
C SER A 39 0.21 3.30 -9.93
N GLN A 40 -0.17 2.64 -8.83
CA GLN A 40 -1.50 1.99 -8.73
C GLN A 40 -2.56 2.96 -8.16
N LEU A 41 -2.16 3.82 -7.22
CA LEU A 41 -3.07 4.77 -6.59
C LEU A 41 -3.29 6.03 -7.44
N GLN A 42 -2.33 6.38 -8.29
CA GLN A 42 -2.44 7.57 -9.14
C GLN A 42 -3.70 7.54 -10.06
N PRO A 43 -3.97 6.42 -10.77
CA PRO A 43 -5.20 6.31 -11.60
C PRO A 43 -6.48 6.23 -10.76
N ILE A 44 -6.33 6.04 -9.45
CA ILE A 44 -7.47 5.97 -8.53
C ILE A 44 -7.78 7.34 -7.90
N THR A 45 -6.73 8.03 -7.45
CA THR A 45 -6.88 9.30 -6.73
C THR A 45 -6.57 10.52 -7.60
N ASN A 46 -5.90 10.29 -8.73
CA ASN A 46 -5.52 11.36 -9.68
C ASN A 46 -4.53 12.37 -9.07
N VAL A 47 -3.83 11.97 -8.00
CA VAL A 47 -2.79 12.82 -7.39
C VAL A 47 -1.38 12.36 -7.81
N LEU A 48 -0.44 13.30 -7.86
CA LEU A 48 0.93 13.03 -8.32
C LEU A 48 1.70 12.14 -7.32
N PRO A 49 2.63 11.28 -7.82
CA PRO A 49 3.48 10.43 -6.96
C PRO A 49 4.23 11.23 -5.88
N ARG A 50 4.45 12.51 -6.16
CA ARG A 50 5.09 13.43 -5.19
C ARG A 50 4.19 13.65 -3.96
N GLY A 51 2.90 13.87 -4.19
CA GLY A 51 1.95 14.03 -3.10
C GLY A 51 1.62 12.71 -2.42
N GLN A 52 1.71 11.61 -3.18
CA GLN A 52 1.47 10.27 -2.64
C GLN A 52 2.56 9.84 -1.65
N LYS A 53 2.44 10.32 -0.41
CA LYS A 53 3.38 9.98 0.66
C LYS A 53 2.86 8.83 1.54
N LEU A 54 3.41 7.63 1.32
CA LEU A 54 3.03 6.44 2.09
C LEU A 54 3.79 6.38 3.41
N ILE A 55 3.06 6.39 4.52
CA ILE A 55 3.67 6.38 5.87
C ILE A 55 3.07 5.27 6.75
N PHE A 56 3.94 4.49 7.39
CA PHE A 56 3.52 3.38 8.26
C PHE A 56 4.28 3.42 9.60
N LYS A 57 3.54 3.34 10.72
CA LYS A 57 4.14 3.41 12.06
C LYS A 57 4.88 4.74 12.30
N GLY A 58 4.58 5.76 11.50
CA GLY A 58 5.29 7.03 11.59
C GLY A 58 6.57 7.05 10.77
N LYS A 59 6.76 6.04 9.95
CA LYS A 59 7.92 5.94 9.06
C LYS A 59 7.50 6.09 7.59
N VAL A 60 8.05 7.07 6.90
CA VAL A 60 7.83 7.22 5.46
C VAL A 60 8.58 6.11 4.69
N LEU A 61 7.85 5.39 3.83
CA LEU A 61 8.43 4.25 3.10
C LEU A 61 9.30 4.71 1.91
N VAL A 62 10.48 4.11 1.78
CA VAL A 62 11.40 4.42 0.68
C VAL A 62 10.85 3.92 -0.66
N GLU A 63 10.81 4.81 -1.65
CA GLU A 63 10.21 4.51 -2.96
C GLU A 63 10.75 3.22 -3.60
N THR A 64 12.02 2.91 -3.38
CA THR A 64 12.65 1.71 -3.97
C THR A 64 12.31 0.42 -3.19
N SER A 65 11.75 0.57 -2.00
CA SER A 65 11.41 -0.58 -1.14
C SER A 65 10.03 -1.17 -1.49
N THR A 66 9.85 -2.46 -1.20
CA THR A 66 8.57 -3.15 -1.43
C THR A 66 7.79 -3.32 -0.13
N LEU A 67 6.53 -3.72 -0.23
CA LEU A 67 5.72 -4.02 0.97
C LEU A 67 6.34 -5.19 1.75
N LYS A 68 6.84 -6.18 1.01
CA LYS A 68 7.54 -7.34 1.60
C LYS A 68 8.79 -6.87 2.39
N GLN A 69 9.54 -5.92 1.82
CA GLN A 69 10.70 -5.34 2.49
C GLN A 69 10.28 -4.52 3.72
N SER A 70 9.12 -3.87 3.62
CA SER A 70 8.59 -3.03 4.70
C SER A 70 7.85 -3.87 5.76
N ASP A 71 7.68 -5.16 5.48
CA ASP A 71 6.96 -6.08 6.37
C ASP A 71 5.47 -5.74 6.47
N VAL A 72 4.93 -5.11 5.43
CA VAL A 72 3.50 -4.77 5.39
C VAL A 72 2.68 -5.96 4.86
N GLY A 73 1.71 -6.40 5.64
CA GLY A 73 0.86 -7.53 5.24
C GLY A 73 -0.62 -7.28 5.54
N SER A 74 -1.45 -8.31 5.31
CA SER A 74 -2.89 -8.21 5.58
C SER A 74 -3.15 -7.81 7.04
N GLY A 75 -3.88 -6.70 7.21
CA GLY A 75 -4.17 -6.18 8.55
C GLY A 75 -3.36 -4.93 8.88
N ALA A 76 -2.32 -4.65 8.09
CA ALA A 76 -1.51 -3.45 8.28
C ALA A 76 -2.22 -2.21 7.72
N LYS A 77 -2.65 -1.32 8.61
CA LYS A 77 -3.37 -0.10 8.21
C LYS A 77 -2.38 1.06 7.98
N LEU A 78 -2.21 1.44 6.71
CA LEU A 78 -1.24 2.47 6.33
C LEU A 78 -1.85 3.89 6.44
N MET A 79 -1.04 4.90 6.16
CA MET A 79 -1.52 6.29 6.10
C MET A 79 -0.95 7.02 4.88
N LEU A 80 -1.81 7.61 4.08
CA LEU A 80 -1.38 8.36 2.88
C LEU A 80 -1.49 9.87 3.11
N MET A 81 -0.34 10.53 3.26
CA MET A 81 -0.31 11.97 3.52
C MET A 81 -0.26 12.78 2.20
N ALA A 82 -1.42 13.26 1.77
CA ALA A 82 -1.52 14.07 0.54
C ALA A 82 -2.57 15.18 0.68
N SER A 83 -2.79 15.94 -0.40
CA SER A 83 -3.73 17.06 -0.39
C SER A 83 -5.14 16.64 -0.85
N GLN A 84 -5.41 15.33 -0.85
CA GLN A 84 -6.71 14.79 -1.25
C GLN A 84 -7.29 13.84 -0.20
N GLY A 85 -8.58 13.54 -0.30
CA GLY A 85 -9.24 12.64 0.65
C GLY A 85 -10.60 12.13 0.16
#